data_7WCG
#
_entry.id   7WCG
#
_entity_poly.entity_id   1
_entity_poly.type   'polypeptide(L)'
_entity_poly.pdbx_seq_one_letter_code
;MEEKVGNLKPNMESVNVTVRVLEASEARQIQTKNGVRTISEAIVGDETGRVKLTLWGKHAGSIKEGQVVKIENAWTTAFK
GQVQLNAGSKTKIAEASEDGFPESSQIPENTPTAENLYFQSGSHHHHHH
;
_entity_poly.pdbx_strand_id   A
#
# COMPACT_ATOMS: atom_id res chain seq x y z
N MET A 1 1.82 -4.64 12.39
CA MET A 1 0.52 -4.98 13.02
C MET A 1 -0.23 -3.69 13.34
N GLU A 2 -1.26 -3.39 12.52
CA GLU A 2 -2.06 -2.19 12.70
C GLU A 2 -1.15 -0.95 12.74
N GLU A 3 -0.52 -0.68 11.59
CA GLU A 3 0.40 0.46 11.46
C GLU A 3 -0.13 1.42 10.40
N LYS A 4 0.10 2.72 10.62
CA LYS A 4 -0.35 3.74 9.67
C LYS A 4 0.44 3.64 8.39
N VAL A 5 -0.25 3.74 7.24
CA VAL A 5 0.39 3.63 5.94
C VAL A 5 1.19 4.90 5.60
N GLY A 6 0.59 6.07 5.85
CA GLY A 6 1.26 7.34 5.56
C GLY A 6 2.52 7.50 6.39
N ASN A 7 2.44 7.07 7.65
CA ASN A 7 3.59 7.18 8.58
C ASN A 7 4.21 5.81 8.87
N LEU A 8 3.93 4.81 8.02
CA LEU A 8 4.47 3.46 8.21
C LEU A 8 5.97 3.49 8.50
N LYS A 9 6.51 2.35 8.90
CA LYS A 9 7.94 2.24 9.21
C LYS A 9 8.67 1.42 8.12
N PRO A 10 9.58 1.98 7.35
CA PRO A 10 10.33 1.23 6.29
C PRO A 10 11.11 0.06 6.88
N ASN A 11 11.45 -0.91 6.02
CA ASN A 11 12.21 -2.09 6.44
C ASN A 11 11.43 -2.88 7.51
N MET A 12 10.11 -2.94 7.33
CA MET A 12 9.24 -3.67 8.25
C MET A 12 8.90 -5.03 7.64
N GLU A 13 9.16 -6.09 8.41
CA GLU A 13 8.91 -7.46 7.93
C GLU A 13 7.41 -7.73 7.72
N SER A 14 6.57 -7.09 8.53
CA SER A 14 5.11 -7.29 8.42
C SER A 14 4.35 -6.00 8.64
N VAL A 15 3.49 -5.66 7.67
CA VAL A 15 2.66 -4.46 7.76
C VAL A 15 1.24 -4.78 7.28
N ASN A 16 0.24 -4.47 8.11
CA ASN A 16 -1.16 -4.72 7.75
C ASN A 16 -1.89 -3.40 7.57
N VAL A 17 -2.25 -3.09 6.32
CA VAL A 17 -2.97 -1.86 6.02
C VAL A 17 -3.90 -2.01 4.82
N THR A 18 -4.91 -1.13 4.76
CA THR A 18 -5.86 -1.12 3.65
C THR A 18 -5.83 0.28 3.02
N VAL A 19 -5.54 0.35 1.71
CA VAL A 19 -5.47 1.65 1.03
C VAL A 19 -6.15 1.64 -0.32
N ARG A 20 -6.46 2.85 -0.78
CA ARG A 20 -7.10 3.05 -2.08
C ARG A 20 -6.05 3.50 -3.09
N VAL A 21 -6.12 2.92 -4.30
CA VAL A 21 -5.17 3.28 -5.35
C VAL A 21 -5.62 4.58 -6.01
N LEU A 22 -4.75 5.59 -5.92
CA LEU A 22 -5.04 6.90 -6.50
C LEU A 22 -4.15 7.16 -7.71
N GLU A 23 -2.88 6.73 -7.62
CA GLU A 23 -1.93 6.91 -8.71
C GLU A 23 -1.16 5.62 -8.95
N ALA A 24 -1.06 5.23 -10.22
CA ALA A 24 -0.36 4.00 -10.59
C ALA A 24 0.25 4.12 -11.98
N SER A 25 1.33 3.38 -12.20
CA SER A 25 2.04 3.39 -13.49
C SER A 25 2.14 1.98 -14.05
N GLU A 26 2.41 1.88 -15.35
CA GLU A 26 2.55 0.57 -15.99
C GLU A 26 3.83 -0.10 -15.51
N ALA A 27 3.73 -1.39 -15.20
CA ALA A 27 4.86 -2.15 -14.72
C ALA A 27 5.94 -2.26 -15.80
N ARG A 28 7.19 -2.14 -15.37
CA ARG A 28 8.33 -2.22 -16.27
C ARG A 28 9.33 -3.24 -15.76
N GLN A 29 9.97 -3.94 -16.68
CA GLN A 29 10.95 -4.97 -16.33
C GLN A 29 12.30 -4.33 -15.97
N ILE A 30 12.96 -4.84 -14.92
CA ILE A 30 14.25 -4.30 -14.50
C ILE A 30 15.30 -5.42 -14.52
N GLN A 31 16.32 -5.23 -15.35
CA GLN A 31 17.40 -6.21 -15.49
C GLN A 31 18.34 -6.17 -14.29
N THR A 32 18.62 -7.36 -13.74
CA THR A 32 19.50 -7.49 -12.59
C THR A 32 20.36 -8.74 -12.74
N LYS A 33 21.46 -8.80 -11.99
CA LYS A 33 22.37 -9.95 -12.05
C LYS A 33 21.63 -11.24 -11.69
N ASN A 34 20.73 -11.14 -10.71
CA ASN A 34 19.94 -12.30 -10.27
C ASN A 34 18.78 -12.61 -11.23
N GLY A 35 18.50 -11.70 -12.17
CA GLY A 35 17.41 -11.89 -13.13
C GLY A 35 16.65 -10.59 -13.37
N VAL A 36 15.49 -10.70 -14.05
CA VAL A 36 14.67 -9.52 -14.35
C VAL A 36 13.31 -9.64 -13.65
N ARG A 37 12.77 -8.48 -13.24
CA ARG A 37 11.48 -8.45 -12.57
C ARG A 37 10.62 -7.31 -13.08
N THR A 38 9.32 -7.56 -13.18
CA THR A 38 8.38 -6.54 -13.63
C THR A 38 7.85 -5.78 -12.42
N ILE A 39 8.29 -4.54 -12.28
CA ILE A 39 7.87 -3.71 -11.13
C ILE A 39 7.11 -2.47 -11.60
N SER A 40 6.12 -2.07 -10.81
CA SER A 40 5.29 -0.91 -11.11
C SER A 40 5.36 0.11 -9.97
N GLU A 41 5.33 1.38 -10.36
CA GLU A 41 5.38 2.48 -9.41
C GLU A 41 3.99 3.07 -9.21
N ALA A 42 3.55 3.11 -7.95
CA ALA A 42 2.23 3.65 -7.63
C ALA A 42 2.22 4.25 -6.22
N ILE A 43 1.32 5.19 -5.98
CA ILE A 43 1.20 5.83 -4.67
C ILE A 43 -0.22 5.61 -4.17
N VAL A 44 -0.33 5.06 -2.96
CA VAL A 44 -1.65 4.75 -2.39
C VAL A 44 -1.75 5.23 -0.93
N GLY A 45 -2.98 5.41 -0.44
CA GLY A 45 -3.19 5.85 0.95
C GLY A 45 -4.66 5.78 1.35
N ASP A 46 -4.92 5.79 2.67
CA ASP A 46 -6.28 5.75 3.21
C ASP A 46 -6.28 5.76 4.73
N GLU A 47 -5.38 4.97 5.33
CA GLU A 47 -5.30 4.87 6.79
C GLU A 47 -5.01 6.24 7.41
N THR A 48 -4.06 6.97 6.83
CA THR A 48 -3.72 8.30 7.33
C THR A 48 -3.28 9.24 6.20
N GLY A 49 -2.63 8.67 5.17
CA GLY A 49 -2.16 9.46 4.04
C GLY A 49 -1.59 8.56 2.95
N ARG A 50 -0.93 9.18 1.97
CA ARG A 50 -0.35 8.43 0.86
C ARG A 50 1.16 8.20 1.04
N VAL A 51 1.62 7.07 0.52
CA VAL A 51 3.03 6.69 0.59
C VAL A 51 3.41 5.93 -0.68
N LYS A 52 4.70 5.88 -1.01
CA LYS A 52 5.15 5.18 -2.21
C LYS A 52 4.89 3.68 -2.05
N LEU A 53 4.38 3.08 -3.12
CA LEU A 53 4.05 1.65 -3.12
C LEU A 53 4.43 1.01 -4.45
N THR A 54 5.44 0.13 -4.42
CA THR A 54 5.89 -0.56 -5.62
C THR A 54 5.61 -2.05 -5.49
N LEU A 55 4.97 -2.62 -6.52
CA LEU A 55 4.64 -4.05 -6.50
C LEU A 55 5.56 -4.82 -7.46
N TRP A 56 5.87 -6.06 -7.10
CA TRP A 56 6.77 -6.89 -7.90
C TRP A 56 6.04 -8.05 -8.59
N GLY A 57 6.38 -8.27 -9.86
CA GLY A 57 5.81 -9.37 -10.64
C GLY A 57 4.41 -9.05 -11.18
N LYS A 58 3.62 -10.12 -11.39
CA LYS A 58 2.25 -9.97 -11.90
C LYS A 58 1.46 -9.00 -11.02
N HIS A 59 1.82 -8.94 -9.74
CA HIS A 59 1.18 -8.03 -8.80
C HIS A 59 1.45 -6.58 -9.25
N ALA A 60 2.67 -6.36 -9.75
CA ALA A 60 3.09 -5.06 -10.25
C ALA A 60 2.20 -4.61 -11.40
N GLY A 61 1.88 -5.55 -12.29
CA GLY A 61 1.05 -5.26 -13.46
C GLY A 61 -0.46 -5.41 -13.19
N SER A 62 -0.82 -5.82 -11.97
CA SER A 62 -2.24 -6.04 -11.62
C SER A 62 -2.85 -4.85 -10.87
N ILE A 63 -2.16 -3.70 -10.84
CA ILE A 63 -2.68 -2.53 -10.13
C ILE A 63 -3.43 -1.62 -11.09
N LYS A 64 -4.33 -0.81 -10.55
CA LYS A 64 -5.12 0.10 -11.37
C LYS A 64 -5.59 1.29 -10.54
N GLU A 65 -5.51 2.48 -11.12
CA GLU A 65 -5.94 3.70 -10.44
C GLU A 65 -7.45 3.67 -10.20
N GLY A 66 -7.85 4.08 -9.00
CA GLY A 66 -9.26 4.09 -8.61
C GLY A 66 -9.69 2.75 -7.98
N GLN A 67 -8.82 1.73 -8.07
CA GLN A 67 -9.11 0.41 -7.52
C GLN A 67 -8.62 0.33 -6.07
N VAL A 68 -9.52 -0.01 -5.15
CA VAL A 68 -9.16 -0.14 -3.74
C VAL A 68 -8.44 -1.47 -3.53
N VAL A 69 -7.23 -1.40 -2.96
CA VAL A 69 -6.43 -2.62 -2.72
C VAL A 69 -6.04 -2.75 -1.24
N LYS A 70 -6.15 -3.98 -0.73
CA LYS A 70 -5.80 -4.27 0.66
C LYS A 70 -4.59 -5.21 0.70
N ILE A 71 -3.61 -4.86 1.53
CA ILE A 71 -2.39 -5.67 1.65
C ILE A 71 -2.16 -6.12 3.10
N GLU A 72 -1.62 -7.32 3.25
CA GLU A 72 -1.33 -7.89 4.56
C GLU A 72 0.09 -8.43 4.61
N ASN A 73 0.74 -8.30 5.77
CA ASN A 73 2.12 -8.78 5.93
C ASN A 73 3.02 -8.17 4.84
N ALA A 74 2.77 -6.90 4.53
CA ALA A 74 3.54 -6.20 3.51
C ALA A 74 4.94 -5.86 4.01
N TRP A 75 5.92 -5.99 3.11
CA TRP A 75 7.31 -5.69 3.43
C TRP A 75 7.66 -4.34 2.78
N THR A 76 8.18 -3.41 3.59
CA THR A 76 8.52 -2.07 3.07
C THR A 76 10.03 -1.81 3.15
N THR A 77 10.49 -0.90 2.30
CA THR A 77 11.90 -0.51 2.25
C THR A 77 12.01 1.01 2.10
N ALA A 78 13.19 1.55 2.40
CA ALA A 78 13.41 3.00 2.30
C ALA A 78 14.74 3.30 1.60
N PHE A 79 14.67 4.04 0.49
CA PHE A 79 15.87 4.41 -0.26
C PHE A 79 15.86 5.91 -0.57
N LYS A 80 17.03 6.52 -0.52
CA LYS A 80 17.19 7.96 -0.80
C LYS A 80 16.35 8.80 0.18
N GLY A 81 16.16 8.29 1.40
CA GLY A 81 15.40 9.00 2.41
C GLY A 81 13.91 9.07 2.05
N GLN A 82 13.43 8.07 1.29
CA GLN A 82 12.03 8.01 0.88
C GLN A 82 11.36 6.76 1.41
N VAL A 83 10.06 6.86 1.69
CA VAL A 83 9.29 5.73 2.22
C VAL A 83 8.51 5.02 1.10
N GLN A 84 8.73 3.71 0.98
CA GLN A 84 8.05 2.92 -0.06
C GLN A 84 7.68 1.52 0.45
N LEU A 85 6.77 0.87 -0.29
CA LEU A 85 6.31 -0.47 0.08
C LEU A 85 6.55 -1.48 -1.04
N ASN A 86 7.04 -2.66 -0.68
CA ASN A 86 7.32 -3.73 -1.65
C ASN A 86 6.41 -4.92 -1.39
N ALA A 87 5.93 -5.55 -2.47
CA ALA A 87 5.05 -6.70 -2.37
C ALA A 87 5.28 -7.67 -3.52
N GLY A 88 4.85 -8.91 -3.32
CA GLY A 88 5.02 -9.95 -4.33
C GLY A 88 4.10 -11.14 -4.06
N SER A 89 4.48 -12.30 -4.58
CA SER A 89 3.69 -13.53 -4.41
C SER A 89 3.54 -13.87 -2.93
N LYS A 90 4.63 -13.68 -2.17
CA LYS A 90 4.62 -13.98 -0.73
C LYS A 90 3.57 -13.14 0.00
N THR A 91 3.43 -11.87 -0.41
CA THR A 91 2.46 -10.97 0.21
C THR A 91 1.05 -11.29 -0.27
N LYS A 92 0.07 -11.04 0.58
CA LYS A 92 -1.34 -11.29 0.24
C LYS A 92 -2.02 -10.01 -0.19
N ILE A 93 -2.63 -10.03 -1.37
CA ILE A 93 -3.33 -8.87 -1.91
C ILE A 93 -4.77 -9.24 -2.23
N ALA A 94 -5.72 -8.44 -1.71
CA ALA A 94 -7.14 -8.67 -1.95
C ALA A 94 -7.90 -7.35 -1.98
N GLU A 95 -9.04 -7.34 -2.68
CA GLU A 95 -9.86 -6.14 -2.80
C GLU A 95 -10.77 -5.98 -1.59
N ALA A 96 -10.61 -4.88 -0.87
CA ALA A 96 -11.43 -4.60 0.31
C ALA A 96 -11.53 -3.10 0.55
N SER A 97 -12.64 -2.67 1.17
CA SER A 97 -12.85 -1.26 1.48
C SER A 97 -12.44 -0.95 2.91
N GLU A 98 -12.54 0.32 3.29
CA GLU A 98 -12.16 0.75 4.63
C GLU A 98 -12.84 -0.10 5.71
N ASP A 99 -12.03 -0.68 6.60
CA ASP A 99 -12.55 -1.51 7.67
C ASP A 99 -12.97 -0.65 8.87
N GLY A 100 -14.28 -0.59 9.11
CA GLY A 100 -14.85 0.18 10.22
C GLY A 100 -15.04 1.66 9.86
N PHE A 101 -14.23 2.16 8.91
CA PHE A 101 -14.34 3.54 8.45
C PHE A 101 -15.20 3.62 7.19
N PRO A 102 -15.82 4.75 6.87
CA PRO A 102 -16.68 4.86 5.65
C PRO A 102 -15.96 4.39 4.39
N GLU A 103 -14.92 5.13 3.99
CA GLU A 103 -14.12 4.80 2.80
C GLU A 103 -13.03 5.86 2.62
N SER A 104 -12.02 5.53 1.81
CA SER A 104 -10.90 6.42 1.56
C SER A 104 -11.36 7.82 1.18
N SER A 105 -12.49 7.92 0.47
CA SER A 105 -13.01 9.21 0.03
C SER A 105 -13.32 10.12 1.22
N GLN A 106 -13.81 9.53 2.31
CA GLN A 106 -14.13 10.31 3.51
C GLN A 106 -12.89 10.65 4.32
N ILE A 107 -11.81 9.87 4.14
CA ILE A 107 -10.56 10.10 4.86
C ILE A 107 -9.50 10.65 3.89
N PRO A 108 -9.10 11.93 3.98
CA PRO A 108 -8.08 12.51 3.05
C PRO A 108 -6.77 11.73 3.09
N GLU A 109 -6.31 11.31 1.90
CA GLU A 109 -5.06 10.55 1.79
C GLU A 109 -3.88 11.43 1.32
N ASN A 110 -4.18 12.64 0.86
CA ASN A 110 -3.16 13.55 0.34
C ASN A 110 -2.11 13.90 1.40
N THR A 111 -2.56 14.09 2.64
CA THR A 111 -1.64 14.41 3.72
C THR A 111 -1.95 13.54 4.96
N PRO A 112 -0.99 13.35 5.87
CA PRO A 112 -1.22 12.51 7.08
C PRO A 112 -2.43 13.02 7.88
N THR A 113 -3.27 12.07 8.30
CA THR A 113 -4.47 12.42 9.08
C THR A 113 -4.55 11.59 10.36
N ALA A 114 -5.33 12.09 11.32
CA ALA A 114 -5.51 11.41 12.60
C ALA A 114 -6.81 10.62 12.60
N GLU A 115 -6.77 9.42 13.21
CA GLU A 115 -7.95 8.57 13.27
C GLU A 115 -7.94 7.71 14.54
N ASN A 116 -9.13 7.30 14.97
CA ASN A 116 -9.27 6.48 16.17
C ASN A 116 -9.50 5.02 15.81
N LEU A 117 -8.54 4.15 16.19
CA LEU A 117 -8.62 2.72 15.91
C LEU A 117 -8.59 2.48 14.40
N TYR A 118 -7.73 1.54 13.99
CA TYR A 118 -7.59 1.21 12.56
C TYR A 118 -8.89 0.70 11.99
N PHE A 119 -9.58 -0.16 12.74
CA PHE A 119 -10.84 -0.72 12.29
C PHE A 119 -11.66 -1.27 13.46
N GLN A 120 -12.97 -1.36 13.25
CA GLN A 120 -13.89 -1.86 14.28
C GLN A 120 -13.66 -3.34 14.56
N SER A 121 -13.44 -4.11 13.50
CA SER A 121 -13.21 -5.56 13.64
C SER A 121 -12.46 -6.09 12.42
N GLY A 122 -11.62 -7.10 12.66
CA GLY A 122 -10.82 -7.71 11.59
C GLY A 122 -9.98 -8.86 12.13
N SER A 123 -9.18 -9.45 11.24
CA SER A 123 -8.31 -10.57 11.60
C SER A 123 -6.86 -10.27 11.23
N HIS A 124 -5.93 -10.82 12.02
CA HIS A 124 -4.50 -10.61 11.77
C HIS A 124 -4.18 -9.12 11.71
N MET A 1 -3.15 -5.64 15.99
CA MET A 1 -3.75 -4.34 15.62
C MET A 1 -3.15 -3.87 14.29
N GLU A 2 -3.97 -3.19 13.48
CA GLU A 2 -3.54 -2.70 12.18
C GLU A 2 -2.49 -1.59 12.35
N GLU A 3 -1.68 -1.40 11.30
CA GLU A 3 -0.63 -0.38 11.32
C GLU A 3 -1.00 0.76 10.38
N LYS A 4 -0.81 2.00 10.85
CA LYS A 4 -1.12 3.18 10.04
C LYS A 4 -0.13 3.28 8.89
N VAL A 5 -0.66 3.46 7.67
CA VAL A 5 0.18 3.56 6.49
C VAL A 5 0.91 4.91 6.44
N GLY A 6 0.22 5.97 6.85
CA GLY A 6 0.79 7.31 6.86
C GLY A 6 1.99 7.40 7.78
N ASN A 7 1.90 6.71 8.93
CA ASN A 7 2.97 6.72 9.92
C ASN A 7 3.69 5.36 10.00
N LEU A 8 3.52 4.51 8.97
CA LEU A 8 4.17 3.20 8.96
C LEU A 8 5.66 3.34 9.17
N LYS A 9 6.36 2.19 9.21
CA LYS A 9 7.81 2.17 9.38
C LYS A 9 8.45 1.38 8.22
N PRO A 10 9.40 1.96 7.46
CA PRO A 10 10.04 1.23 6.32
C PRO A 10 10.91 0.08 6.79
N ASN A 11 11.24 -0.83 5.87
CA ASN A 11 12.06 -2.01 6.19
C ASN A 11 11.37 -2.87 7.27
N MET A 12 10.04 -2.94 7.20
CA MET A 12 9.26 -3.74 8.13
C MET A 12 8.90 -5.07 7.49
N GLU A 13 9.10 -6.14 8.27
CA GLU A 13 8.81 -7.50 7.82
C GLU A 13 7.32 -7.68 7.54
N SER A 14 6.49 -7.09 8.40
CA SER A 14 5.03 -7.23 8.25
C SER A 14 4.30 -5.89 8.37
N VAL A 15 3.37 -5.67 7.45
CA VAL A 15 2.56 -4.45 7.44
C VAL A 15 1.11 -4.82 7.12
N ASN A 16 0.17 -4.35 7.95
CA ASN A 16 -1.25 -4.64 7.74
C ASN A 16 -2.07 -3.34 7.78
N VAL A 17 -2.59 -2.94 6.61
CA VAL A 17 -3.37 -1.71 6.52
C VAL A 17 -4.36 -1.75 5.35
N THR A 18 -5.45 -0.98 5.48
CA THR A 18 -6.46 -0.90 4.42
C THR A 18 -6.28 0.43 3.69
N VAL A 19 -6.02 0.37 2.38
CA VAL A 19 -5.79 1.59 1.58
C VAL A 19 -6.40 1.50 0.19
N ARG A 20 -6.41 2.64 -0.52
CA ARG A 20 -6.95 2.70 -1.87
C ARG A 20 -5.89 3.22 -2.84
N VAL A 21 -5.74 2.53 -3.98
CA VAL A 21 -4.75 2.92 -4.97
C VAL A 21 -5.27 4.11 -5.79
N LEU A 22 -4.80 5.30 -5.42
CA LEU A 22 -5.22 6.52 -6.11
C LEU A 22 -4.61 6.58 -7.51
N GLU A 23 -3.34 6.18 -7.63
CA GLU A 23 -2.65 6.21 -8.91
C GLU A 23 -1.81 4.95 -9.10
N ALA A 24 -1.79 4.44 -10.34
CA ALA A 24 -1.03 3.24 -10.65
C ALA A 24 -0.53 3.30 -12.10
N SER A 25 0.65 2.72 -12.32
CA SER A 25 1.26 2.69 -13.65
C SER A 25 1.46 1.25 -14.11
N GLU A 26 1.62 1.07 -15.42
CA GLU A 26 1.83 -0.26 -15.99
C GLU A 26 3.21 -0.78 -15.60
N ALA A 27 3.28 -2.07 -15.28
CA ALA A 27 4.54 -2.69 -14.87
C ALA A 27 5.54 -2.69 -16.03
N ARG A 28 6.79 -2.39 -15.70
CA ARG A 28 7.87 -2.36 -16.68
C ARG A 28 9.06 -3.16 -16.15
N GLN A 29 9.79 -3.82 -17.05
CA GLN A 29 10.95 -4.62 -16.65
C GLN A 29 12.17 -3.75 -16.42
N ILE A 30 12.89 -4.04 -15.34
CA ILE A 30 14.12 -3.30 -15.00
C ILE A 30 15.28 -4.27 -15.06
N GLN A 31 16.24 -3.98 -15.94
CA GLN A 31 17.41 -4.84 -16.10
C GLN A 31 18.47 -4.56 -15.05
N THR A 32 19.03 -5.64 -14.52
CA THR A 32 20.06 -5.58 -13.50
C THR A 32 21.09 -6.68 -13.73
N LYS A 33 22.24 -6.58 -13.05
CA LYS A 33 23.29 -7.58 -13.19
C LYS A 33 22.78 -8.96 -12.79
N ASN A 34 21.93 -9.00 -11.75
CA ASN A 34 21.38 -10.27 -11.26
C ASN A 34 20.21 -10.76 -12.13
N GLY A 35 19.73 -9.92 -13.07
CA GLY A 35 18.62 -10.30 -13.95
C GLY A 35 17.67 -9.14 -14.19
N VAL A 36 16.48 -9.45 -14.71
CA VAL A 36 15.46 -8.43 -14.99
C VAL A 36 14.23 -8.67 -14.12
N ARG A 37 13.53 -7.60 -13.75
CA ARG A 37 12.34 -7.73 -12.90
C ARG A 37 11.21 -6.83 -13.38
N THR A 38 10.01 -7.40 -13.49
CA THR A 38 8.84 -6.64 -13.90
C THR A 38 8.25 -5.96 -12.67
N ILE A 39 8.42 -4.65 -12.59
CA ILE A 39 7.91 -3.89 -11.45
C ILE A 39 7.02 -2.74 -11.90
N SER A 40 6.02 -2.41 -11.06
CA SER A 40 5.08 -1.34 -11.36
C SER A 40 5.11 -0.28 -10.27
N GLU A 41 4.95 0.98 -10.69
CA GLU A 41 4.97 2.11 -9.77
C GLU A 41 3.54 2.62 -9.53
N ALA A 42 3.15 2.68 -8.25
CA ALA A 42 1.82 3.15 -7.89
C ALA A 42 1.84 3.79 -6.51
N ILE A 43 0.86 4.64 -6.23
CA ILE A 43 0.75 5.31 -4.93
C ILE A 43 -0.58 4.93 -4.30
N VAL A 44 -0.51 4.47 -3.04
CA VAL A 44 -1.69 4.04 -2.32
C VAL A 44 -1.76 4.66 -0.91
N GLY A 45 -2.98 4.97 -0.47
CA GLY A 45 -3.19 5.55 0.86
C GLY A 45 -4.69 5.67 1.17
N ASP A 46 -5.03 5.74 2.46
CA ASP A 46 -6.43 5.87 2.90
C ASP A 46 -6.53 5.78 4.43
N GLU A 47 -5.74 4.87 5.02
CA GLU A 47 -5.77 4.67 6.47
C GLU A 47 -5.40 5.95 7.21
N THR A 48 -4.30 6.60 6.79
CA THR A 48 -3.89 7.85 7.44
C THR A 48 -3.16 8.79 6.48
N GLY A 49 -2.21 8.26 5.70
CA GLY A 49 -1.45 9.09 4.76
C GLY A 49 -1.16 8.37 3.45
N ARG A 50 -0.59 9.10 2.50
CA ARG A 50 -0.26 8.56 1.19
C ARG A 50 1.23 8.20 1.13
N VAL A 51 1.53 7.00 0.57
CA VAL A 51 2.92 6.53 0.49
C VAL A 51 3.17 5.80 -0.83
N LYS A 52 4.46 5.72 -1.24
CA LYS A 52 4.83 5.06 -2.48
C LYS A 52 4.64 3.55 -2.35
N LEU A 53 4.17 2.92 -3.43
CA LEU A 53 3.94 1.48 -3.43
C LEU A 53 4.35 0.89 -4.77
N THR A 54 5.33 -0.03 -4.74
CA THR A 54 5.81 -0.67 -5.97
C THR A 54 5.68 -2.19 -5.84
N LEU A 55 5.05 -2.81 -6.84
CA LEU A 55 4.87 -4.25 -6.86
C LEU A 55 5.83 -4.88 -7.85
N TRP A 56 6.24 -6.13 -7.58
CA TRP A 56 7.16 -6.83 -8.47
C TRP A 56 6.59 -8.20 -8.84
N GLY A 57 6.91 -8.61 -10.06
CA GLY A 57 6.44 -9.90 -10.61
C GLY A 57 5.02 -9.77 -11.16
N LYS A 58 4.26 -10.87 -11.06
CA LYS A 58 2.89 -10.91 -11.57
C LYS A 58 2.03 -9.83 -10.89
N HIS A 59 2.29 -9.61 -9.61
CA HIS A 59 1.56 -8.61 -8.83
C HIS A 59 1.80 -7.22 -9.44
N ALA A 60 3.04 -6.97 -9.90
CA ALA A 60 3.39 -5.68 -10.52
C ALA A 60 2.51 -5.44 -11.76
N GLY A 61 2.32 -6.49 -12.53
CA GLY A 61 1.52 -6.43 -13.76
C GLY A 61 0.02 -6.66 -13.50
N SER A 62 -0.36 -6.91 -12.23
CA SER A 62 -1.76 -7.15 -11.89
C SER A 62 -2.40 -5.97 -11.15
N ILE A 63 -1.62 -4.91 -10.93
CA ILE A 63 -2.12 -3.74 -10.22
C ILE A 63 -2.90 -2.82 -11.16
N LYS A 64 -3.74 -1.97 -10.58
CA LYS A 64 -4.56 -1.04 -11.34
C LYS A 64 -4.94 0.16 -10.49
N GLU A 65 -5.03 1.32 -11.14
CA GLU A 65 -5.41 2.56 -10.45
C GLU A 65 -6.90 2.62 -10.20
N GLY A 66 -7.27 3.18 -9.05
CA GLY A 66 -8.69 3.33 -8.68
C GLY A 66 -9.22 2.12 -7.91
N GLN A 67 -8.46 1.03 -7.89
CA GLN A 67 -8.89 -0.19 -7.19
C GLN A 67 -8.44 -0.16 -5.73
N VAL A 68 -9.39 -0.37 -4.82
CA VAL A 68 -9.09 -0.39 -3.39
C VAL A 68 -8.39 -1.70 -3.04
N VAL A 69 -7.25 -1.61 -2.36
CA VAL A 69 -6.48 -2.81 -2.00
C VAL A 69 -6.18 -2.87 -0.50
N LYS A 70 -6.10 -4.10 0.00
CA LYS A 70 -5.80 -4.34 1.40
C LYS A 70 -4.56 -5.22 1.48
N ILE A 71 -3.59 -4.82 2.30
CA ILE A 71 -2.34 -5.58 2.42
C ILE A 71 -2.17 -6.19 3.80
N GLU A 72 -1.63 -7.40 3.82
CA GLU A 72 -1.37 -8.13 5.06
C GLU A 72 0.05 -8.70 5.02
N ASN A 73 0.79 -8.54 6.12
CA ASN A 73 2.17 -9.02 6.19
C ASN A 73 2.99 -8.43 5.03
N ALA A 74 2.69 -7.16 4.69
CA ALA A 74 3.40 -6.47 3.62
C ALA A 74 4.81 -6.08 4.06
N TRP A 75 5.74 -6.13 3.11
CA TRP A 75 7.13 -5.78 3.37
C TRP A 75 7.46 -4.48 2.63
N THR A 76 7.98 -3.50 3.38
CA THR A 76 8.31 -2.19 2.79
C THR A 76 9.81 -1.90 2.94
N THR A 77 10.31 -1.01 2.08
CA THR A 77 11.73 -0.65 2.10
C THR A 77 11.91 0.86 1.88
N ALA A 78 12.90 1.44 2.58
CA ALA A 78 13.18 2.88 2.44
C ALA A 78 14.51 3.07 1.70
N PHE A 79 14.50 3.95 0.69
CA PHE A 79 15.71 4.21 -0.09
C PHE A 79 15.76 5.70 -0.48
N LYS A 80 16.95 6.29 -0.34
CA LYS A 80 17.15 7.71 -0.70
C LYS A 80 16.18 8.62 0.07
N GLY A 81 15.85 8.22 1.30
CA GLY A 81 14.93 9.01 2.13
C GLY A 81 13.50 8.96 1.62
N GLN A 82 13.17 7.89 0.87
CA GLN A 82 11.82 7.73 0.33
C GLN A 82 11.17 6.46 0.89
N VAL A 83 9.88 6.55 1.18
CA VAL A 83 9.14 5.42 1.74
C VAL A 83 8.36 4.72 0.63
N GLN A 84 8.66 3.42 0.42
CA GLN A 84 7.97 2.64 -0.59
C GLN A 84 7.58 1.26 -0.07
N LEU A 85 6.57 0.66 -0.73
CA LEU A 85 6.07 -0.65 -0.33
C LEU A 85 6.36 -1.70 -1.40
N ASN A 86 6.77 -2.90 -0.97
CA ASN A 86 7.10 -3.98 -1.89
C ASN A 86 6.15 -5.17 -1.71
N ALA A 87 5.71 -5.71 -2.84
CA ALA A 87 4.80 -6.86 -2.85
C ALA A 87 5.04 -7.68 -4.12
N GLY A 88 4.77 -8.98 -4.03
CA GLY A 88 4.97 -9.89 -5.16
C GLY A 88 4.91 -11.34 -4.67
N SER A 89 5.39 -11.56 -3.45
CA SER A 89 5.38 -12.88 -2.83
C SER A 89 5.21 -12.74 -1.33
N LYS A 90 4.67 -13.78 -0.70
CA LYS A 90 4.44 -13.78 0.75
C LYS A 90 3.59 -12.58 1.21
N THR A 91 2.93 -11.89 0.26
CA THR A 91 2.08 -10.75 0.58
C THR A 91 0.66 -11.02 0.09
N LYS A 92 -0.32 -10.85 0.98
CA LYS A 92 -1.72 -11.07 0.63
C LYS A 92 -2.39 -9.76 0.23
N ILE A 93 -3.14 -9.80 -0.88
CA ILE A 93 -3.84 -8.63 -1.39
C ILE A 93 -5.32 -8.95 -1.60
N ALA A 94 -6.20 -8.09 -1.05
CA ALA A 94 -7.64 -8.27 -1.19
C ALA A 94 -8.34 -6.91 -1.28
N GLU A 95 -9.39 -6.83 -2.10
CA GLU A 95 -10.13 -5.58 -2.28
C GLU A 95 -11.25 -5.43 -1.26
N ALA A 96 -11.09 -4.46 -0.35
CA ALA A 96 -12.10 -4.21 0.68
C ALA A 96 -12.04 -2.76 1.17
N SER A 97 -13.22 -2.14 1.31
CA SER A 97 -13.31 -0.76 1.80
C SER A 97 -13.79 -0.76 3.25
N GLU A 98 -13.59 0.36 3.96
CA GLU A 98 -14.01 0.45 5.35
C GLU A 98 -15.54 0.50 5.44
N ASP A 99 -16.13 -0.55 6.03
CA ASP A 99 -17.58 -0.63 6.16
C ASP A 99 -18.09 0.15 7.37
N GLY A 100 -18.79 1.25 7.10
CA GLY A 100 -19.37 2.10 8.14
C GLY A 100 -18.38 3.13 8.67
N PHE A 101 -17.08 2.84 8.56
CA PHE A 101 -16.06 3.77 9.02
C PHE A 101 -15.58 4.64 7.83
N PRO A 102 -15.80 5.96 7.82
CA PRO A 102 -15.34 6.82 6.68
C PRO A 102 -13.84 6.68 6.45
N GLU A 103 -13.45 6.56 5.18
CA GLU A 103 -12.04 6.42 4.82
C GLU A 103 -11.79 6.89 3.40
N SER A 104 -12.64 6.42 2.47
CA SER A 104 -12.50 6.79 1.06
C SER A 104 -12.61 8.30 0.88
N SER A 105 -13.62 8.89 1.51
CA SER A 105 -13.84 10.35 1.44
C SER A 105 -12.70 11.12 2.12
N GLN A 106 -12.22 10.56 3.22
CA GLN A 106 -11.14 11.18 4.00
C GLN A 106 -9.75 10.72 3.51
N ILE A 107 -9.69 10.18 2.29
CA ILE A 107 -8.42 9.70 1.73
C ILE A 107 -7.36 10.84 1.74
N PRO A 108 -6.14 10.60 2.27
CA PRO A 108 -5.07 11.65 2.33
C PRO A 108 -4.39 11.86 0.97
N GLU A 109 -3.81 13.05 0.79
CA GLU A 109 -3.12 13.36 -0.46
C GLU A 109 -1.60 13.22 -0.34
N ASN A 110 -1.06 13.51 0.85
CA ASN A 110 0.40 13.41 1.04
C ASN A 110 0.82 13.59 2.51
N THR A 111 -0.14 13.48 3.43
CA THR A 111 0.17 13.64 4.85
C THR A 111 -0.71 12.74 5.73
N PRO A 112 -0.27 12.38 6.93
CA PRO A 112 -1.07 11.50 7.84
C PRO A 112 -2.28 12.23 8.41
N THR A 113 -3.37 11.50 8.60
CA THR A 113 -4.60 12.07 9.15
C THR A 113 -4.93 11.41 10.49
N ALA A 114 -5.17 12.24 11.51
CA ALA A 114 -5.49 11.73 12.85
C ALA A 114 -6.99 11.81 13.10
N GLU A 115 -7.58 10.68 13.46
CA GLU A 115 -9.01 10.60 13.73
C GLU A 115 -9.34 9.37 14.58
N ASN A 116 -10.51 9.37 15.20
CA ASN A 116 -10.95 8.26 16.04
C ASN A 116 -11.20 7.03 15.16
N LEU A 117 -10.87 5.85 15.68
CA LEU A 117 -11.05 4.60 14.94
C LEU A 117 -12.22 3.80 15.50
N TYR A 118 -13.12 3.39 14.61
CA TYR A 118 -14.29 2.60 14.99
C TYR A 118 -14.67 1.67 13.85
N PHE A 119 -14.79 0.37 14.15
CA PHE A 119 -15.15 -0.62 13.13
C PHE A 119 -15.45 -1.97 13.79
N GLN A 120 -14.42 -2.59 14.37
CA GLN A 120 -14.56 -3.89 15.01
C GLN A 120 -13.58 -4.02 16.18
N SER A 121 -14.06 -4.61 17.28
CA SER A 121 -13.22 -4.80 18.46
C SER A 121 -12.05 -5.73 18.15
N GLY A 122 -10.92 -5.49 18.79
CA GLY A 122 -9.72 -6.31 18.59
C GLY A 122 -9.28 -6.25 17.13
N SER A 123 -9.04 -7.43 16.54
CA SER A 123 -8.60 -7.52 15.15
C SER A 123 -9.02 -8.86 14.54
N HIS A 124 -9.02 -8.92 13.21
CA HIS A 124 -9.39 -10.14 12.50
C HIS A 124 -8.27 -10.56 11.55
N MET A 1 -1.85 -5.01 16.40
CA MET A 1 -2.08 -3.54 16.26
C MET A 1 -1.71 -3.11 14.85
N GLU A 2 -2.64 -2.42 14.18
CA GLU A 2 -2.42 -1.94 12.82
C GLU A 2 -1.43 -0.79 12.82
N GLU A 3 -0.61 -0.71 11.78
CA GLU A 3 0.39 0.36 11.66
C GLU A 3 -0.07 1.38 10.62
N LYS A 4 0.04 2.67 10.98
CA LYS A 4 -0.37 3.75 10.08
C LYS A 4 0.60 3.84 8.91
N VAL A 5 0.05 4.04 7.71
CA VAL A 5 0.88 4.12 6.50
C VAL A 5 1.62 5.45 6.43
N GLY A 6 0.94 6.52 6.86
CA GLY A 6 1.53 7.85 6.86
C GLY A 6 2.78 7.91 7.73
N ASN A 7 2.72 7.23 8.87
CA ASN A 7 3.84 7.19 9.82
C ASN A 7 4.45 5.80 9.93
N LEU A 8 4.18 4.92 8.94
CA LEU A 8 4.72 3.55 8.98
C LEU A 8 6.23 3.58 9.15
N LYS A 9 6.80 2.40 9.40
CA LYS A 9 8.24 2.27 9.57
C LYS A 9 8.84 1.49 8.39
N PRO A 10 9.77 2.06 7.61
CA PRO A 10 10.36 1.34 6.44
C PRO A 10 11.24 0.17 6.89
N ASN A 11 11.55 -0.73 5.95
CA ASN A 11 12.36 -1.91 6.26
C ASN A 11 11.63 -2.78 7.30
N MET A 12 10.32 -2.91 7.13
CA MET A 12 9.49 -3.70 8.02
C MET A 12 9.17 -5.04 7.37
N GLU A 13 9.41 -6.13 8.10
CA GLU A 13 9.18 -7.47 7.59
C GLU A 13 7.71 -7.70 7.26
N SER A 14 6.82 -7.16 8.10
CA SER A 14 5.37 -7.33 7.89
C SER A 14 4.61 -6.04 8.17
N VAL A 15 3.71 -5.69 7.26
CA VAL A 15 2.87 -4.50 7.41
C VAL A 15 1.43 -4.82 7.00
N ASN A 16 0.47 -4.55 7.89
CA ASN A 16 -0.94 -4.79 7.58
C ASN A 16 -1.71 -3.48 7.58
N VAL A 17 -2.16 -3.06 6.39
CA VAL A 17 -2.91 -1.80 6.26
C VAL A 17 -3.94 -1.86 5.13
N THR A 18 -4.92 -0.96 5.21
CA THR A 18 -5.95 -0.85 4.19
C THR A 18 -5.83 0.51 3.52
N VAL A 19 -5.60 0.51 2.21
CA VAL A 19 -5.41 1.77 1.46
C VAL A 19 -6.08 1.73 0.10
N ARG A 20 -6.27 2.93 -0.49
CA ARG A 20 -6.90 3.03 -1.80
C ARG A 20 -5.89 3.55 -2.83
N VAL A 21 -5.83 2.88 -3.99
CA VAL A 21 -4.89 3.26 -5.05
C VAL A 21 -5.45 4.45 -5.84
N LEU A 22 -4.68 5.53 -5.83
CA LEU A 22 -5.06 6.76 -6.53
C LEU A 22 -4.24 6.93 -7.81
N GLU A 23 -2.96 6.52 -7.77
CA GLU A 23 -2.09 6.64 -8.93
C GLU A 23 -1.32 5.33 -9.16
N ALA A 24 -1.24 4.91 -10.42
CA ALA A 24 -0.55 3.68 -10.77
C ALA A 24 0.08 3.78 -12.16
N SER A 25 1.20 3.09 -12.33
CA SER A 25 1.91 3.07 -13.61
C SER A 25 2.10 1.64 -14.11
N GLU A 26 2.32 1.50 -15.41
CA GLU A 26 2.51 0.17 -16.00
C GLU A 26 3.85 -0.40 -15.57
N ALA A 27 3.85 -1.70 -15.25
CA ALA A 27 5.07 -2.38 -14.83
C ALA A 27 6.06 -2.49 -15.97
N ARG A 28 7.36 -2.39 -15.63
CA ARG A 28 8.42 -2.48 -16.63
C ARG A 28 9.43 -3.54 -16.20
N GLN A 29 9.92 -4.30 -17.18
CA GLN A 29 10.90 -5.36 -16.95
C GLN A 29 12.30 -4.77 -16.80
N ILE A 30 13.11 -5.34 -15.87
CA ILE A 30 14.46 -4.85 -15.65
C ILE A 30 15.42 -6.02 -15.61
N GLN A 31 16.37 -6.08 -16.56
CA GLN A 31 17.34 -7.17 -16.59
C GLN A 31 18.41 -6.96 -15.54
N THR A 32 18.93 -8.08 -15.05
CA THR A 32 19.96 -8.08 -14.03
C THR A 32 20.79 -9.35 -14.17
N LYS A 33 21.93 -9.41 -13.49
CA LYS A 33 22.78 -10.60 -13.55
C LYS A 33 21.97 -11.83 -13.11
N ASN A 34 21.12 -11.63 -12.09
CA ASN A 34 20.30 -12.72 -11.56
C ASN A 34 19.05 -12.97 -12.42
N GLY A 35 18.72 -12.05 -13.35
CA GLY A 35 17.54 -12.23 -14.19
C GLY A 35 16.79 -10.91 -14.39
N VAL A 36 15.58 -11.00 -14.96
CA VAL A 36 14.77 -9.81 -15.21
C VAL A 36 13.61 -9.70 -14.20
N ARG A 37 13.20 -8.47 -13.87
CA ARG A 37 12.11 -8.28 -12.91
C ARG A 37 11.13 -7.24 -13.41
N THR A 38 9.84 -7.58 -13.35
CA THR A 38 8.80 -6.65 -13.78
C THR A 38 8.30 -5.89 -12.55
N ILE A 39 8.65 -4.61 -12.48
CA ILE A 39 8.23 -3.77 -11.34
C ILE A 39 7.37 -2.61 -11.81
N SER A 40 6.44 -2.19 -10.94
CA SER A 40 5.54 -1.09 -11.26
C SER A 40 5.54 -0.05 -10.15
N GLU A 41 5.45 1.21 -10.56
CA GLU A 41 5.43 2.32 -9.62
C GLU A 41 4.01 2.85 -9.46
N ALA A 42 3.54 2.89 -8.21
CA ALA A 42 2.19 3.37 -7.91
C ALA A 42 2.16 3.98 -6.52
N ILE A 43 1.21 4.88 -6.30
CA ILE A 43 1.05 5.55 -5.01
C ILE A 43 -0.30 5.19 -4.41
N VAL A 44 -0.27 4.72 -3.16
CA VAL A 44 -1.49 4.30 -2.46
C VAL A 44 -1.49 4.81 -1.01
N GLY A 45 -2.68 5.02 -0.45
CA GLY A 45 -2.80 5.48 0.93
C GLY A 45 -4.27 5.70 1.32
N ASP A 46 -4.53 5.69 2.64
CA ASP A 46 -5.88 5.91 3.18
C ASP A 46 -5.89 5.79 4.71
N GLU A 47 -5.02 4.93 5.25
CA GLU A 47 -4.97 4.73 6.70
C GLU A 47 -4.66 6.05 7.40
N THR A 48 -3.69 6.80 6.87
CA THR A 48 -3.32 8.09 7.46
C THR A 48 -2.94 9.09 6.37
N GLY A 49 -2.10 8.66 5.42
CA GLY A 49 -1.66 9.55 4.35
C GLY A 49 -1.27 8.79 3.09
N ARG A 50 -0.66 9.52 2.16
CA ARG A 50 -0.26 8.96 0.86
C ARG A 50 1.25 8.63 0.85
N VAL A 51 1.60 7.42 0.37
CA VAL A 51 3.00 6.98 0.29
C VAL A 51 3.27 6.24 -1.02
N LYS A 52 4.56 6.09 -1.35
CA LYS A 52 4.96 5.38 -2.57
C LYS A 52 4.84 3.87 -2.36
N LEU A 53 4.41 3.18 -3.42
CA LEU A 53 4.25 1.72 -3.36
C LEU A 53 4.69 1.10 -4.69
N THR A 54 5.70 0.22 -4.64
CA THR A 54 6.18 -0.46 -5.86
C THR A 54 6.01 -1.96 -5.71
N LEU A 55 5.31 -2.59 -6.66
CA LEU A 55 5.07 -4.04 -6.61
C LEU A 55 6.04 -4.78 -7.52
N TRP A 56 6.36 -6.01 -7.15
CA TRP A 56 7.30 -6.83 -7.92
C TRP A 56 6.64 -8.07 -8.49
N GLY A 57 6.99 -8.39 -9.74
CA GLY A 57 6.46 -9.57 -10.43
C GLY A 57 5.07 -9.33 -11.01
N LYS A 58 4.27 -10.40 -11.02
CA LYS A 58 2.91 -10.36 -11.56
C LYS A 58 2.11 -9.27 -10.83
N HIS A 59 2.35 -9.14 -9.52
CA HIS A 59 1.67 -8.13 -8.72
C HIS A 59 1.98 -6.74 -9.27
N ALA A 60 3.23 -6.54 -9.72
CA ALA A 60 3.64 -5.27 -10.30
C ALA A 60 2.78 -4.95 -11.53
N GLY A 61 2.55 -5.97 -12.34
CA GLY A 61 1.74 -5.83 -13.56
C GLY A 61 0.24 -6.08 -13.29
N SER A 62 -0.11 -6.39 -12.03
CA SER A 62 -1.50 -6.66 -11.66
C SER A 62 -2.10 -5.52 -10.83
N ILE A 63 -1.41 -4.38 -10.79
CA ILE A 63 -1.88 -3.23 -10.03
C ILE A 63 -2.69 -2.31 -10.94
N LYS A 64 -3.52 -1.47 -10.33
CA LYS A 64 -4.36 -0.57 -11.11
C LYS A 64 -4.73 0.67 -10.28
N GLU A 65 -4.70 1.83 -10.95
CA GLU A 65 -5.04 3.09 -10.30
C GLU A 65 -6.55 3.21 -10.10
N GLY A 66 -6.95 3.72 -8.93
CA GLY A 66 -8.36 3.90 -8.61
C GLY A 66 -8.95 2.67 -7.91
N GLN A 67 -8.22 1.55 -7.93
CA GLN A 67 -8.68 0.32 -7.28
C GLN A 67 -8.22 0.27 -5.83
N VAL A 68 -9.16 0.10 -4.91
CA VAL A 68 -8.82 0.03 -3.49
C VAL A 68 -8.22 -1.34 -3.17
N VAL A 69 -7.03 -1.35 -2.55
CA VAL A 69 -6.37 -2.62 -2.22
C VAL A 69 -5.95 -2.68 -0.74
N LYS A 70 -5.95 -3.89 -0.21
CA LYS A 70 -5.55 -4.13 1.17
C LYS A 70 -4.37 -5.10 1.16
N ILE A 71 -3.32 -4.76 1.90
CA ILE A 71 -2.11 -5.59 1.92
C ILE A 71 -1.84 -6.20 3.29
N GLU A 72 -1.32 -7.43 3.28
CA GLU A 72 -0.99 -8.15 4.50
C GLU A 72 0.44 -8.67 4.42
N ASN A 73 1.16 -8.63 5.54
CA ASN A 73 2.55 -9.09 5.59
C ASN A 73 3.38 -8.38 4.51
N ALA A 74 3.09 -7.09 4.30
CA ALA A 74 3.79 -6.29 3.31
C ALA A 74 5.21 -5.94 3.78
N TRP A 75 6.14 -5.91 2.83
CA TRP A 75 7.53 -5.58 3.14
C TRP A 75 7.82 -4.19 2.57
N THR A 76 8.32 -3.28 3.43
CA THR A 76 8.60 -1.90 3.01
C THR A 76 10.08 -1.58 3.11
N THR A 77 10.47 -0.49 2.44
CA THR A 77 11.85 -0.03 2.44
C THR A 77 11.90 1.49 2.20
N ALA A 78 12.98 2.13 2.65
CA ALA A 78 13.12 3.57 2.48
C ALA A 78 14.48 3.93 1.88
N PHE A 79 14.45 4.71 0.79
CA PHE A 79 15.68 5.15 0.13
C PHE A 79 15.66 6.65 -0.11
N LYS A 80 16.82 7.28 0.05
CA LYS A 80 16.95 8.72 -0.15
C LYS A 80 15.92 9.50 0.68
N GLY A 81 15.64 8.99 1.89
CA GLY A 81 14.70 9.63 2.80
C GLY A 81 13.25 9.56 2.27
N GLN A 82 12.95 8.51 1.50
CA GLN A 82 11.61 8.36 0.93
C GLN A 82 10.94 7.10 1.47
N VAL A 83 9.61 7.14 1.60
CA VAL A 83 8.85 6.01 2.11
C VAL A 83 8.22 5.22 0.95
N GLN A 84 8.58 3.92 0.86
CA GLN A 84 8.06 3.07 -0.21
C GLN A 84 7.50 1.76 0.34
N LEU A 85 6.57 1.16 -0.41
CA LEU A 85 5.94 -0.11 -0.01
C LEU A 85 6.15 -1.16 -1.08
N ASN A 86 6.68 -2.33 -0.67
CA ASN A 86 6.93 -3.42 -1.62
C ASN A 86 6.10 -4.66 -1.28
N ALA A 87 5.70 -5.37 -2.34
CA ALA A 87 4.90 -6.59 -2.18
C ALA A 87 5.21 -7.57 -3.31
N GLY A 88 5.08 -8.86 -3.02
CA GLY A 88 5.35 -9.91 -4.00
C GLY A 88 4.32 -11.02 -3.86
N SER A 89 4.69 -12.23 -4.29
CA SER A 89 3.80 -13.39 -4.21
C SER A 89 3.45 -13.70 -2.75
N LYS A 90 4.42 -13.49 -1.85
CA LYS A 90 4.21 -13.75 -0.42
C LYS A 90 3.12 -12.85 0.13
N THR A 91 3.11 -11.59 -0.32
CA THR A 91 2.13 -10.61 0.15
C THR A 91 0.77 -10.85 -0.51
N LYS A 92 -0.28 -10.90 0.32
CA LYS A 92 -1.63 -11.11 -0.17
C LYS A 92 -2.35 -9.78 -0.35
N ILE A 93 -3.03 -9.63 -1.49
CA ILE A 93 -3.75 -8.40 -1.80
C ILE A 93 -5.23 -8.70 -2.09
N ALA A 94 -6.12 -7.95 -1.43
CA ALA A 94 -7.56 -8.13 -1.61
C ALA A 94 -8.28 -6.78 -1.54
N GLU A 95 -9.42 -6.69 -2.23
CA GLU A 95 -10.21 -5.45 -2.26
C GLU A 95 -11.18 -5.41 -1.09
N ALA A 96 -10.96 -4.45 -0.17
CA ALA A 96 -11.83 -4.29 0.99
C ALA A 96 -11.81 -2.85 1.53
N SER A 97 -12.99 -2.24 1.59
CA SER A 97 -13.12 -0.88 2.11
C SER A 97 -13.70 -0.93 3.52
N GLU A 98 -13.74 0.21 4.21
CA GLU A 98 -14.29 0.25 5.57
C GLU A 98 -15.77 -0.14 5.54
N ASP A 99 -16.08 -1.30 6.16
CA ASP A 99 -17.46 -1.79 6.19
C ASP A 99 -18.25 -1.13 7.32
N GLY A 100 -19.20 -0.29 6.94
CA GLY A 100 -20.06 0.42 7.89
C GLY A 100 -19.39 1.67 8.46
N PHE A 101 -18.05 1.68 8.48
CA PHE A 101 -17.30 2.84 8.97
C PHE A 101 -16.91 3.74 7.81
N PRO A 102 -16.60 5.02 8.05
CA PRO A 102 -16.20 5.95 6.93
C PRO A 102 -15.14 5.30 6.06
N GLU A 103 -15.29 5.46 4.74
CA GLU A 103 -14.36 4.88 3.79
C GLU A 103 -13.33 5.91 3.36
N SER A 104 -12.54 5.54 2.38
CA SER A 104 -11.45 6.39 1.89
C SER A 104 -11.95 7.72 1.29
N SER A 105 -13.23 7.78 0.92
CA SER A 105 -13.79 8.99 0.31
C SER A 105 -13.68 10.22 1.21
N GLN A 106 -13.89 10.03 2.53
CA GLN A 106 -13.82 11.15 3.48
C GLN A 106 -12.54 11.14 4.33
N ILE A 107 -11.56 10.33 3.94
CA ILE A 107 -10.29 10.24 4.67
C ILE A 107 -9.17 10.93 3.85
N PRO A 108 -8.66 12.11 4.26
CA PRO A 108 -7.57 12.81 3.50
C PRO A 108 -6.33 11.94 3.32
N GLU A 109 -5.90 11.80 2.07
CA GLU A 109 -4.74 11.00 1.73
C GLU A 109 -3.50 11.86 1.45
N ASN A 110 -3.72 13.08 0.97
CA ASN A 110 -2.64 13.99 0.61
C ASN A 110 -1.71 14.26 1.79
N THR A 111 -2.29 14.46 2.98
CA THR A 111 -1.48 14.74 4.17
C THR A 111 -1.86 13.77 5.31
N PRO A 112 -0.93 13.33 6.15
CA PRO A 112 -1.26 12.40 7.27
C PRO A 112 -2.37 12.92 8.17
N THR A 113 -3.37 12.07 8.41
CA THR A 113 -4.50 12.43 9.24
C THR A 113 -4.75 11.31 10.26
N ALA A 114 -4.89 11.68 11.54
CA ALA A 114 -5.13 10.70 12.59
C ALA A 114 -6.44 9.97 12.34
N GLU A 115 -6.38 8.63 12.34
CA GLU A 115 -7.56 7.82 12.11
C GLU A 115 -7.32 6.38 12.58
N ASN A 116 -8.34 5.78 13.19
CA ASN A 116 -8.25 4.41 13.68
C ASN A 116 -8.99 3.46 12.74
N LEU A 117 -8.41 2.29 12.48
CA LEU A 117 -9.02 1.31 11.59
C LEU A 117 -10.17 0.60 12.32
N TYR A 118 -11.38 1.15 12.15
CA TYR A 118 -12.57 0.61 12.78
C TYR A 118 -12.93 -0.77 12.22
N PHE A 119 -12.77 -0.93 10.91
CA PHE A 119 -13.09 -2.18 10.24
C PHE A 119 -12.31 -3.34 10.88
N GLN A 120 -13.00 -4.45 11.12
CA GLN A 120 -12.36 -5.62 11.73
C GLN A 120 -11.17 -6.10 10.90
N SER A 121 -10.11 -6.50 11.59
CA SER A 121 -8.89 -6.98 10.93
C SER A 121 -9.13 -8.34 10.28
N GLY A 122 -8.25 -8.70 9.35
CA GLY A 122 -8.36 -9.98 8.65
C GLY A 122 -6.98 -10.49 8.23
N SER A 123 -6.90 -11.80 7.96
CA SER A 123 -5.65 -12.42 7.56
C SER A 123 -5.90 -13.60 6.63
N HIS A 124 -4.99 -13.80 5.67
CA HIS A 124 -5.12 -14.90 4.71
C HIS A 124 -6.47 -14.84 3.99
N MET A 1 -5.76 -3.95 15.89
CA MET A 1 -4.40 -3.34 15.99
C MET A 1 -3.76 -3.31 14.61
N GLU A 2 -3.40 -2.10 14.17
CA GLU A 2 -2.78 -1.92 12.85
C GLU A 2 -1.85 -0.70 12.86
N GLU A 3 -1.01 -0.62 11.83
CA GLU A 3 -0.05 0.49 11.70
C GLU A 3 -0.55 1.50 10.67
N LYS A 4 -0.38 2.78 10.97
CA LYS A 4 -0.81 3.84 10.06
C LYS A 4 0.06 3.84 8.82
N VAL A 5 -0.57 3.91 7.65
CA VAL A 5 0.15 3.92 6.38
C VAL A 5 1.02 5.19 6.28
N GLY A 6 0.42 6.32 6.65
CA GLY A 6 1.11 7.61 6.59
C GLY A 6 2.32 7.65 7.52
N ASN A 7 2.19 7.06 8.70
CA ASN A 7 3.28 7.05 9.69
C ASN A 7 3.93 5.67 9.85
N LEU A 8 3.72 4.78 8.86
CA LEU A 8 4.31 3.44 8.93
C LEU A 8 5.81 3.52 9.13
N LYS A 9 6.46 2.35 9.25
CA LYS A 9 7.91 2.30 9.45
C LYS A 9 8.58 1.54 8.28
N PRO A 10 9.67 2.06 7.69
CA PRO A 10 10.37 1.37 6.56
C PRO A 10 11.15 0.16 7.04
N ASN A 11 11.51 -0.72 6.10
CA ASN A 11 12.27 -1.93 6.42
C ASN A 11 11.51 -2.76 7.47
N MET A 12 10.18 -2.83 7.32
CA MET A 12 9.35 -3.60 8.23
C MET A 12 9.09 -4.97 7.64
N GLU A 13 9.34 -6.00 8.45
CA GLU A 13 9.16 -7.37 8.01
C GLU A 13 7.71 -7.64 7.64
N SER A 14 6.79 -7.11 8.43
CA SER A 14 5.36 -7.31 8.18
C SER A 14 4.55 -6.07 8.53
N VAL A 15 3.52 -5.79 7.72
CA VAL A 15 2.65 -4.64 7.94
C VAL A 15 1.25 -4.94 7.40
N ASN A 16 0.23 -4.69 8.23
CA ASN A 16 -1.15 -4.91 7.82
C ASN A 16 -1.90 -3.58 7.75
N VAL A 17 -2.25 -3.17 6.54
CA VAL A 17 -2.96 -1.89 6.34
C VAL A 17 -3.91 -1.95 5.15
N THR A 18 -4.81 -0.96 5.12
CA THR A 18 -5.78 -0.83 4.02
C THR A 18 -5.45 0.45 3.27
N VAL A 19 -5.24 0.33 1.95
CA VAL A 19 -4.90 1.50 1.13
C VAL A 19 -5.71 1.54 -0.16
N ARG A 20 -5.78 2.73 -0.75
CA ARG A 20 -6.50 2.94 -2.00
C ARG A 20 -5.53 3.26 -3.13
N VAL A 21 -5.67 2.56 -4.25
CA VAL A 21 -4.79 2.78 -5.40
C VAL A 21 -5.27 4.01 -6.15
N LEU A 22 -4.62 5.14 -5.86
CA LEU A 22 -4.96 6.41 -6.48
C LEU A 22 -4.06 6.74 -7.67
N GLU A 23 -2.81 6.26 -7.63
CA GLU A 23 -1.86 6.52 -8.70
C GLU A 23 -1.15 5.23 -9.10
N ALA A 24 -1.01 5.02 -10.41
CA ALA A 24 -0.36 3.83 -10.94
C ALA A 24 0.41 4.16 -12.22
N SER A 25 1.49 3.42 -12.45
CA SER A 25 2.32 3.61 -13.63
C SER A 25 2.57 2.28 -14.32
N GLU A 26 2.68 2.31 -15.65
CA GLU A 26 2.90 1.10 -16.42
C GLU A 26 4.13 0.34 -15.90
N ALA A 27 3.97 -0.97 -15.75
CA ALA A 27 5.04 -1.81 -15.24
C ALA A 27 6.25 -1.79 -16.17
N ARG A 28 7.42 -1.94 -15.57
CA ARG A 28 8.69 -1.96 -16.30
C ARG A 28 9.54 -3.12 -15.82
N GLN A 29 10.65 -3.36 -16.50
CA GLN A 29 11.55 -4.46 -16.15
C GLN A 29 12.94 -3.93 -15.77
N ILE A 30 13.60 -4.61 -14.82
CA ILE A 30 14.93 -4.19 -14.38
C ILE A 30 15.91 -5.35 -14.57
N GLN A 31 16.92 -5.12 -15.41
CA GLN A 31 17.93 -6.14 -15.69
C GLN A 31 18.94 -6.23 -14.55
N THR A 32 19.19 -7.48 -14.13
CA THR A 32 20.14 -7.75 -13.06
C THR A 32 20.95 -9.00 -13.39
N LYS A 33 22.12 -9.14 -12.77
CA LYS A 33 22.98 -10.29 -13.01
C LYS A 33 22.22 -11.59 -12.73
N ASN A 34 21.42 -11.59 -11.67
CA ASN A 34 20.64 -12.76 -11.28
C ASN A 34 19.36 -12.93 -12.11
N GLY A 35 19.12 -11.98 -13.04
CA GLY A 35 17.92 -12.05 -13.89
C GLY A 35 17.22 -10.69 -13.98
N VAL A 36 15.99 -10.69 -14.48
CA VAL A 36 15.21 -9.46 -14.60
C VAL A 36 13.94 -9.54 -13.74
N ARG A 37 13.50 -8.38 -13.26
CA ARG A 37 12.31 -8.30 -12.41
C ARG A 37 11.36 -7.25 -12.94
N THR A 38 10.09 -7.63 -13.08
CA THR A 38 9.09 -6.69 -13.56
C THR A 38 8.51 -5.95 -12.37
N ILE A 39 8.85 -4.67 -12.25
CA ILE A 39 8.39 -3.84 -11.14
C ILE A 39 7.57 -2.66 -11.67
N SER A 40 6.73 -2.10 -10.80
CA SER A 40 5.87 -0.98 -11.19
C SER A 40 5.86 0.09 -10.11
N GLU A 41 5.57 1.32 -10.54
CA GLU A 41 5.51 2.46 -9.64
C GLU A 41 4.06 2.83 -9.36
N ALA A 42 3.70 2.87 -8.08
CA ALA A 42 2.34 3.22 -7.68
C ALA A 42 2.34 3.87 -6.31
N ILE A 43 1.34 4.71 -6.05
CA ILE A 43 1.22 5.39 -4.77
C ILE A 43 -0.15 5.09 -4.21
N VAL A 44 -0.17 4.59 -2.97
CA VAL A 44 -1.44 4.21 -2.33
C VAL A 44 -1.56 4.85 -0.95
N GLY A 45 -2.80 4.96 -0.47
CA GLY A 45 -3.07 5.54 0.84
C GLY A 45 -4.54 5.43 1.20
N ASP A 46 -4.86 5.51 2.50
CA ASP A 46 -6.25 5.42 2.98
C ASP A 46 -6.31 5.52 4.51
N GLU A 47 -5.43 4.75 5.18
CA GLU A 47 -5.39 4.71 6.64
C GLU A 47 -5.09 6.09 7.23
N THR A 48 -4.10 6.79 6.66
CA THR A 48 -3.72 8.12 7.16
C THR A 48 -3.43 9.07 6.00
N GLY A 49 -2.65 8.61 5.03
CA GLY A 49 -2.29 9.42 3.88
C GLY A 49 -1.66 8.55 2.78
N ARG A 50 -0.91 9.19 1.89
CA ARG A 50 -0.28 8.47 0.76
C ARG A 50 1.18 8.12 1.05
N VAL A 51 1.63 7.03 0.42
CA VAL A 51 3.00 6.54 0.56
C VAL A 51 3.43 5.82 -0.73
N LYS A 52 4.74 5.73 -0.97
CA LYS A 52 5.24 5.07 -2.17
C LYS A 52 5.04 3.56 -2.09
N LEU A 53 4.61 2.96 -3.20
CA LEU A 53 4.37 1.52 -3.23
C LEU A 53 4.82 0.93 -4.57
N THR A 54 5.75 -0.02 -4.52
CA THR A 54 6.24 -0.67 -5.73
C THR A 54 5.80 -2.13 -5.73
N LEU A 55 5.19 -2.59 -6.83
CA LEU A 55 4.72 -3.98 -6.90
C LEU A 55 5.68 -4.83 -7.72
N TRP A 56 5.84 -6.08 -7.29
CA TRP A 56 6.75 -7.02 -7.96
C TRP A 56 5.99 -8.09 -8.74
N GLY A 57 6.41 -8.27 -9.99
CA GLY A 57 5.83 -9.28 -10.88
C GLY A 57 4.47 -8.90 -11.46
N LYS A 58 3.56 -9.87 -11.46
CA LYS A 58 2.22 -9.68 -12.02
C LYS A 58 1.54 -8.48 -11.37
N HIS A 59 1.79 -8.30 -10.07
CA HIS A 59 1.23 -7.18 -9.34
C HIS A 59 1.69 -5.87 -9.97
N ALA A 60 2.94 -5.85 -10.45
CA ALA A 60 3.50 -4.67 -11.08
C ALA A 60 2.66 -4.26 -12.29
N GLY A 61 2.32 -5.25 -13.09
CA GLY A 61 1.50 -5.04 -14.30
C GLY A 61 -0.01 -5.14 -14.00
N SER A 62 -0.38 -5.46 -12.75
CA SER A 62 -1.79 -5.63 -12.38
C SER A 62 -2.36 -4.46 -11.55
N ILE A 63 -1.64 -3.33 -11.50
CA ILE A 63 -2.11 -2.19 -10.72
C ILE A 63 -3.11 -1.37 -11.53
N LYS A 64 -4.01 -0.68 -10.81
CA LYS A 64 -5.02 0.13 -11.47
C LYS A 64 -5.54 1.21 -10.53
N GLU A 65 -5.71 2.42 -11.04
CA GLU A 65 -6.20 3.54 -10.25
C GLU A 65 -7.71 3.41 -10.00
N GLY A 66 -8.14 3.91 -8.84
CA GLY A 66 -9.57 3.86 -8.46
C GLY A 66 -9.90 2.58 -7.70
N GLN A 67 -9.00 1.59 -7.73
CA GLN A 67 -9.20 0.33 -7.03
C GLN A 67 -8.65 0.41 -5.61
N VAL A 68 -9.44 -0.05 -4.63
CA VAL A 68 -9.01 -0.03 -3.23
C VAL A 68 -8.62 -1.45 -2.80
N VAL A 69 -7.39 -1.60 -2.31
CA VAL A 69 -6.91 -2.93 -1.88
C VAL A 69 -6.25 -2.87 -0.50
N LYS A 70 -6.26 -4.02 0.18
CA LYS A 70 -5.68 -4.16 1.50
C LYS A 70 -4.56 -5.18 1.43
N ILE A 71 -3.41 -4.86 2.01
CA ILE A 71 -2.24 -5.75 1.98
C ILE A 71 -1.89 -6.26 3.38
N GLU A 72 -1.44 -7.52 3.44
CA GLU A 72 -1.05 -8.14 4.71
C GLU A 72 0.36 -8.71 4.62
N ASN A 73 1.11 -8.63 5.73
CA ASN A 73 2.48 -9.13 5.77
C ASN A 73 3.32 -8.51 4.64
N ALA A 74 3.09 -7.23 4.38
CA ALA A 74 3.82 -6.52 3.33
C ALA A 74 5.26 -6.21 3.77
N TRP A 75 6.17 -6.32 2.81
CA TRP A 75 7.59 -6.04 3.05
C TRP A 75 7.90 -4.64 2.52
N THR A 76 8.46 -3.78 3.38
CA THR A 76 8.76 -2.40 2.99
C THR A 76 10.25 -2.10 3.09
N THR A 77 10.65 -0.99 2.46
CA THR A 77 12.04 -0.55 2.46
C THR A 77 12.09 0.97 2.29
N ALA A 78 13.27 1.56 2.51
CA ALA A 78 13.42 3.02 2.38
C ALA A 78 14.72 3.38 1.66
N PHE A 79 14.58 4.15 0.58
CA PHE A 79 15.74 4.59 -0.20
C PHE A 79 15.63 6.08 -0.53
N LYS A 80 16.78 6.75 -0.52
CA LYS A 80 16.84 8.20 -0.83
C LYS A 80 16.06 9.03 0.19
N GLY A 81 15.90 8.51 1.40
CA GLY A 81 15.18 9.22 2.45
C GLY A 81 13.66 9.21 2.24
N GLN A 82 13.18 8.28 1.39
CA GLN A 82 11.75 8.18 1.10
C GLN A 82 11.23 6.81 1.54
N VAL A 83 9.95 6.76 1.91
CA VAL A 83 9.33 5.51 2.37
C VAL A 83 8.54 4.85 1.24
N GLN A 84 8.78 3.53 1.07
CA GLN A 84 8.11 2.76 0.05
C GLN A 84 7.67 1.40 0.57
N LEU A 85 6.75 0.75 -0.16
CA LEU A 85 6.23 -0.55 0.23
C LEU A 85 6.31 -1.52 -0.94
N ASN A 86 6.75 -2.74 -0.66
CA ASN A 86 6.90 -3.77 -1.70
C ASN A 86 5.93 -4.92 -1.43
N ALA A 87 5.34 -5.43 -2.52
CA ALA A 87 4.39 -6.54 -2.42
C ALA A 87 4.48 -7.44 -3.65
N GLY A 88 4.21 -8.72 -3.45
CA GLY A 88 4.25 -9.71 -4.54
C GLY A 88 3.14 -10.74 -4.36
N SER A 89 3.37 -11.94 -4.90
CA SER A 89 2.41 -13.04 -4.83
C SER A 89 2.20 -13.52 -3.39
N LYS A 90 3.28 -13.50 -2.59
CA LYS A 90 3.23 -13.98 -1.21
C LYS A 90 2.23 -13.23 -0.34
N THR A 91 2.15 -11.91 -0.51
CA THR A 91 1.22 -11.10 0.32
C THR A 91 -0.23 -11.25 -0.16
N LYS A 92 -1.15 -11.22 0.81
CA LYS A 92 -2.58 -11.33 0.51
C LYS A 92 -3.15 -9.96 0.18
N ILE A 93 -3.89 -9.90 -0.92
CA ILE A 93 -4.50 -8.65 -1.38
C ILE A 93 -6.02 -8.83 -1.57
N ALA A 94 -6.80 -7.94 -0.96
CA ALA A 94 -8.27 -8.00 -1.08
C ALA A 94 -8.88 -6.60 -0.99
N GLU A 95 -10.02 -6.41 -1.65
CA GLU A 95 -10.72 -5.12 -1.65
C GLU A 95 -11.40 -4.89 -0.30
N ALA A 96 -11.05 -3.77 0.36
CA ALA A 96 -11.64 -3.43 1.65
C ALA A 96 -11.60 -1.93 1.92
N SER A 97 -12.57 -1.46 2.73
CA SER A 97 -12.66 -0.06 3.12
C SER A 97 -12.15 0.11 4.55
N GLU A 98 -12.22 1.33 5.10
CA GLU A 98 -11.77 1.58 6.47
C GLU A 98 -12.41 0.56 7.41
N ASP A 99 -11.80 0.36 8.59
CA ASP A 99 -12.30 -0.64 9.53
C ASP A 99 -13.77 -0.38 9.87
N GLY A 100 -14.62 -1.29 9.38
CA GLY A 100 -16.07 -1.24 9.61
C GLY A 100 -16.77 -0.05 8.94
N PHE A 101 -16.09 1.10 8.79
CA PHE A 101 -16.69 2.27 8.16
C PHE A 101 -16.29 2.39 6.67
N PRO A 102 -17.15 2.93 5.81
CA PRO A 102 -16.84 3.12 4.37
C PRO A 102 -16.24 4.51 4.13
N GLU A 103 -15.23 4.85 4.94
CA GLU A 103 -14.57 6.15 4.88
C GLU A 103 -13.33 6.15 3.99
N SER A 104 -13.02 5.01 3.37
CA SER A 104 -11.83 4.91 2.52
C SER A 104 -11.88 5.94 1.39
N SER A 105 -13.08 6.26 0.93
CA SER A 105 -13.25 7.24 -0.15
C SER A 105 -13.46 8.66 0.38
N GLN A 106 -13.70 8.81 1.70
CA GLN A 106 -13.92 10.14 2.29
C GLN A 106 -12.67 10.69 2.97
N ILE A 107 -11.75 9.82 3.39
CA ILE A 107 -10.52 10.28 4.04
C ILE A 107 -9.48 10.74 2.97
N PRO A 108 -8.89 11.94 3.08
CA PRO A 108 -7.89 12.41 2.07
C PRO A 108 -6.57 11.64 2.16
N GLU A 109 -6.07 11.22 1.00
CA GLU A 109 -4.83 10.45 0.92
C GLU A 109 -3.63 11.31 0.48
N ASN A 110 -3.90 12.51 -0.04
CA ASN A 110 -2.86 13.40 -0.55
C ASN A 110 -1.84 13.79 0.52
N THR A 111 -2.33 14.11 1.72
CA THR A 111 -1.44 14.52 2.82
C THR A 111 -1.78 13.77 4.11
N PRO A 112 -0.84 13.67 5.06
CA PRO A 112 -1.09 12.97 6.36
C PRO A 112 -2.28 13.57 7.11
N THR A 113 -3.04 12.72 7.78
CA THR A 113 -4.21 13.17 8.54
C THR A 113 -4.13 12.71 9.99
N ALA A 114 -4.91 13.39 10.84
CA ALA A 114 -4.94 13.07 12.27
C ALA A 114 -5.42 11.63 12.47
N GLU A 115 -4.97 11.01 13.56
CA GLU A 115 -5.35 9.63 13.85
C GLU A 115 -6.87 9.52 13.96
N ASN A 116 -7.43 8.50 13.32
CA ASN A 116 -8.88 8.28 13.34
C ASN A 116 -9.28 7.48 14.57
N LEU A 117 -10.59 7.25 14.70
CA LEU A 117 -11.13 6.50 15.84
C LEU A 117 -12.59 6.10 15.62
N TYR A 118 -13.00 6.02 14.35
CA TYR A 118 -14.38 5.65 14.01
C TYR A 118 -14.69 4.24 14.48
N PHE A 119 -13.74 3.33 14.28
CA PHE A 119 -13.91 1.94 14.69
C PHE A 119 -14.12 1.88 16.21
N GLN A 120 -13.24 2.57 16.95
CA GLN A 120 -13.32 2.60 18.40
C GLN A 120 -12.87 3.97 18.94
N SER A 121 -13.65 4.52 19.86
CA SER A 121 -13.33 5.82 20.45
C SER A 121 -12.03 5.75 21.23
N GLY A 122 -11.22 6.81 21.12
CA GLY A 122 -9.93 6.88 21.81
C GLY A 122 -9.30 8.27 21.66
N SER A 123 -8.17 8.46 22.33
CA SER A 123 -7.46 9.73 22.29
C SER A 123 -5.98 9.54 22.59
N HIS A 124 -5.17 10.55 22.23
CA HIS A 124 -3.73 10.49 22.47
C HIS A 124 -3.24 11.78 23.10
N MET A 1 0.52 -4.29 15.34
CA MET A 1 -0.61 -4.61 14.43
C MET A 1 -1.25 -3.31 13.95
N GLU A 2 -1.63 -3.28 12.66
CA GLU A 2 -2.25 -2.09 12.08
C GLU A 2 -1.37 -0.85 12.30
N GLU A 3 -0.37 -0.71 11.44
CA GLU A 3 0.56 0.42 11.53
C GLU A 3 0.12 1.53 10.57
N LYS A 4 0.37 2.78 10.97
CA LYS A 4 -0.01 3.93 10.15
C LYS A 4 0.87 3.95 8.90
N VAL A 5 0.25 4.21 7.74
CA VAL A 5 0.98 4.24 6.48
C VAL A 5 1.89 5.47 6.41
N GLY A 6 1.36 6.59 6.90
CA GLY A 6 2.10 7.85 6.90
C GLY A 6 3.38 7.76 7.74
N ASN A 7 3.29 7.09 8.88
CA ASN A 7 4.43 6.94 9.79
C ASN A 7 4.90 5.49 9.92
N LEU A 8 4.51 4.64 8.96
CA LEU A 8 4.90 3.22 8.98
C LEU A 8 6.39 3.07 9.24
N LYS A 9 6.82 1.82 9.44
CA LYS A 9 8.23 1.51 9.68
C LYS A 9 8.83 0.82 8.45
N PRO A 10 9.77 1.44 7.71
CA PRO A 10 10.38 0.80 6.51
C PRO A 10 11.34 -0.32 6.90
N ASN A 11 11.74 -1.13 5.91
CA ASN A 11 12.64 -2.26 6.15
C ASN A 11 12.03 -3.23 7.17
N MET A 12 10.72 -3.49 7.01
CA MET A 12 10.01 -4.41 7.89
C MET A 12 9.60 -5.65 7.12
N GLU A 13 9.72 -6.81 7.77
CA GLU A 13 9.39 -8.09 7.17
C GLU A 13 7.91 -8.19 6.82
N SER A 14 7.05 -7.68 7.70
CA SER A 14 5.60 -7.75 7.47
C SER A 14 4.87 -6.48 7.90
N VAL A 15 3.95 -6.03 7.05
CA VAL A 15 3.13 -4.85 7.33
C VAL A 15 1.69 -5.13 6.90
N ASN A 16 0.74 -4.93 7.81
CA ASN A 16 -0.67 -5.16 7.50
C ASN A 16 -1.48 -3.87 7.61
N VAL A 17 -1.91 -3.34 6.47
CA VAL A 17 -2.68 -2.09 6.43
C VAL A 17 -3.60 -2.06 5.21
N THR A 18 -4.77 -1.44 5.37
CA THR A 18 -5.72 -1.31 4.25
C THR A 18 -5.52 0.05 3.60
N VAL A 19 -5.26 0.06 2.28
CA VAL A 19 -5.03 1.31 1.57
C VAL A 19 -5.81 1.39 0.26
N ARG A 20 -5.99 2.62 -0.24
CA ARG A 20 -6.68 2.84 -1.49
C ARG A 20 -5.67 3.23 -2.57
N VAL A 21 -5.78 2.58 -3.74
CA VAL A 21 -4.86 2.87 -4.83
C VAL A 21 -5.25 4.19 -5.49
N LEU A 22 -4.58 5.25 -5.04
CA LEU A 22 -4.82 6.59 -5.57
C LEU A 22 -4.33 6.69 -7.01
N GLU A 23 -3.16 6.12 -7.27
CA GLU A 23 -2.58 6.15 -8.61
C GLU A 23 -1.78 4.87 -8.87
N ALA A 24 -1.89 4.34 -10.09
CA ALA A 24 -1.18 3.14 -10.47
C ALA A 24 -0.60 3.27 -11.89
N SER A 25 0.57 2.67 -12.09
CA SER A 25 1.24 2.71 -13.39
C SER A 25 1.46 1.31 -13.93
N GLU A 26 1.47 1.18 -15.25
CA GLU A 26 1.67 -0.10 -15.91
C GLU A 26 3.02 -0.67 -15.53
N ALA A 27 3.07 -1.98 -15.32
CA ALA A 27 4.30 -2.67 -14.95
C ALA A 27 5.38 -2.47 -16.01
N ARG A 28 6.62 -2.44 -15.53
CA ARG A 28 7.78 -2.26 -16.40
C ARG A 28 8.87 -3.26 -16.00
N GLN A 29 9.92 -3.32 -16.79
CA GLN A 29 11.04 -4.24 -16.53
C GLN A 29 12.31 -3.49 -16.14
N ILE A 30 13.06 -4.03 -15.17
CA ILE A 30 14.29 -3.40 -14.72
C ILE A 30 15.42 -4.43 -14.67
N GLN A 31 16.48 -4.18 -15.43
CA GLN A 31 17.62 -5.10 -15.46
C GLN A 31 18.52 -4.90 -14.25
N THR A 32 19.12 -5.99 -13.82
CA THR A 32 20.02 -5.99 -12.68
C THR A 32 21.12 -7.01 -12.92
N LYS A 33 22.19 -6.92 -12.14
CA LYS A 33 23.31 -7.86 -12.29
C LYS A 33 22.83 -9.30 -12.10
N ASN A 34 21.72 -9.47 -11.37
CA ASN A 34 21.16 -10.80 -11.13
C ASN A 34 19.99 -11.13 -12.07
N GLY A 35 19.62 -10.20 -12.96
CA GLY A 35 18.51 -10.44 -13.90
C GLY A 35 17.56 -9.26 -13.96
N VAL A 36 16.46 -9.44 -14.69
CA VAL A 36 15.45 -8.38 -14.84
C VAL A 36 14.23 -8.65 -13.95
N ARG A 37 13.53 -7.58 -13.55
CA ARG A 37 12.35 -7.73 -12.69
C ARG A 37 11.18 -6.94 -13.24
N THR A 38 10.00 -7.54 -13.18
CA THR A 38 8.80 -6.88 -13.64
C THR A 38 8.20 -6.15 -12.44
N ILE A 39 8.30 -4.82 -12.44
CA ILE A 39 7.81 -4.04 -11.32
C ILE A 39 6.95 -2.87 -11.79
N SER A 40 5.94 -2.53 -10.97
CA SER A 40 5.03 -1.44 -11.27
C SER A 40 5.09 -0.37 -10.19
N GLU A 41 4.90 0.87 -10.62
CA GLU A 41 4.93 2.01 -9.70
C GLU A 41 3.52 2.47 -9.36
N ALA A 42 3.22 2.56 -8.07
CA ALA A 42 1.89 2.99 -7.61
C ALA A 42 2.00 3.70 -6.27
N ILE A 43 0.98 4.50 -5.96
CA ILE A 43 0.93 5.23 -4.70
C ILE A 43 -0.37 4.88 -3.99
N VAL A 44 -0.26 4.43 -2.75
CA VAL A 44 -1.42 4.03 -1.96
C VAL A 44 -1.44 4.72 -0.60
N GLY A 45 -2.63 4.82 -0.02
CA GLY A 45 -2.80 5.45 1.30
C GLY A 45 -4.26 5.39 1.74
N ASP A 46 -4.49 5.50 3.05
CA ASP A 46 -5.85 5.47 3.61
C ASP A 46 -5.81 5.61 5.13
N GLU A 47 -4.89 4.90 5.75
CA GLU A 47 -4.76 4.90 7.20
C GLU A 47 -4.46 6.30 7.72
N THR A 48 -3.55 7.01 7.03
CA THR A 48 -3.19 8.37 7.45
C THR A 48 -2.88 9.26 6.24
N GLY A 49 -2.07 8.74 5.31
CA GLY A 49 -1.70 9.49 4.10
C GLY A 49 -1.24 8.55 3.01
N ARG A 50 -0.60 9.12 1.98
CA ARG A 50 -0.11 8.32 0.85
C ARG A 50 1.39 8.04 0.96
N VAL A 51 1.81 6.91 0.38
CA VAL A 51 3.21 6.50 0.41
C VAL A 51 3.56 5.77 -0.90
N LYS A 52 4.86 5.72 -1.25
CA LYS A 52 5.30 5.06 -2.47
C LYS A 52 5.09 3.55 -2.31
N LEU A 53 4.55 2.93 -3.37
CA LEU A 53 4.29 1.50 -3.34
C LEU A 53 4.64 0.87 -4.69
N THR A 54 5.65 0.00 -4.70
CA THR A 54 6.07 -0.67 -5.94
C THR A 54 5.96 -2.17 -5.75
N LEU A 55 5.21 -2.82 -6.64
CA LEU A 55 5.01 -4.27 -6.57
C LEU A 55 5.76 -4.96 -7.69
N TRP A 56 6.10 -6.24 -7.48
CA TRP A 56 6.82 -7.01 -8.48
C TRP A 56 6.07 -8.27 -8.88
N GLY A 57 6.21 -8.63 -10.14
CA GLY A 57 5.57 -9.81 -10.72
C GLY A 57 4.12 -9.53 -11.12
N LYS A 58 3.29 -10.58 -11.07
CA LYS A 58 1.88 -10.48 -11.44
C LYS A 58 1.19 -9.44 -10.56
N HIS A 59 1.61 -9.38 -9.29
CA HIS A 59 1.05 -8.42 -8.35
C HIS A 59 1.33 -6.99 -8.84
N ALA A 60 2.50 -6.79 -9.45
CA ALA A 60 2.89 -5.49 -9.98
C ALA A 60 1.90 -5.03 -11.03
N GLY A 61 1.50 -5.95 -11.90
CA GLY A 61 0.54 -5.65 -12.97
C GLY A 61 -0.93 -5.77 -12.52
N SER A 62 -1.15 -6.18 -11.27
CA SER A 62 -2.52 -6.37 -10.75
C SER A 62 -3.07 -5.10 -10.07
N ILE A 63 -2.31 -3.99 -10.10
CA ILE A 63 -2.76 -2.75 -9.45
C ILE A 63 -3.68 -1.96 -10.38
N LYS A 64 -4.67 -1.28 -9.79
CA LYS A 64 -5.61 -0.47 -10.55
C LYS A 64 -5.88 0.83 -9.80
N GLU A 65 -5.94 1.93 -10.56
CA GLU A 65 -6.21 3.24 -9.95
C GLU A 65 -7.70 3.38 -9.63
N GLY A 66 -7.97 3.93 -8.44
CA GLY A 66 -9.35 4.13 -7.98
C GLY A 66 -9.87 2.91 -7.20
N GLN A 67 -9.14 1.78 -7.30
CA GLN A 67 -9.52 0.56 -6.60
C GLN A 67 -8.86 0.52 -5.23
N VAL A 68 -9.61 0.05 -4.22
CA VAL A 68 -9.07 -0.04 -2.86
C VAL A 68 -8.72 -1.49 -2.54
N VAL A 69 -7.47 -1.71 -2.10
CA VAL A 69 -7.01 -3.07 -1.77
C VAL A 69 -6.31 -3.06 -0.42
N LYS A 70 -6.29 -4.23 0.22
CA LYS A 70 -5.66 -4.39 1.52
C LYS A 70 -4.38 -5.22 1.38
N ILE A 71 -3.29 -4.69 1.91
CA ILE A 71 -1.99 -5.36 1.83
C ILE A 71 -1.65 -6.05 3.14
N GLU A 72 -1.21 -7.30 3.02
CA GLU A 72 -0.82 -8.10 4.18
C GLU A 72 0.55 -8.72 3.95
N ASN A 73 1.36 -8.82 5.02
CA ASN A 73 2.70 -9.38 4.91
C ASN A 73 3.50 -8.67 3.82
N ALA A 74 3.46 -7.34 3.86
CA ALA A 74 4.16 -6.52 2.88
C ALA A 74 5.53 -6.09 3.41
N TRP A 75 6.55 -6.30 2.59
CA TRP A 75 7.92 -5.92 2.95
C TRP A 75 8.20 -4.54 2.37
N THR A 76 8.65 -3.62 3.22
CA THR A 76 8.93 -2.24 2.77
C THR A 76 10.41 -1.90 2.92
N THR A 77 10.85 -0.86 2.19
CA THR A 77 12.24 -0.43 2.24
C THR A 77 12.34 1.10 2.21
N ALA A 78 13.32 1.65 2.92
CA ALA A 78 13.52 3.10 2.96
C ALA A 78 14.91 3.47 2.43
N PHE A 79 14.96 4.43 1.49
CA PHE A 79 16.22 4.86 0.91
C PHE A 79 16.16 6.35 0.55
N LYS A 80 17.28 7.04 0.73
CA LYS A 80 17.35 8.47 0.40
C LYS A 80 16.25 9.25 1.13
N GLY A 81 15.84 8.77 2.29
CA GLY A 81 14.79 9.41 3.07
C GLY A 81 13.42 9.26 2.41
N GLN A 82 13.26 8.19 1.61
CA GLN A 82 12.00 7.94 0.90
C GLN A 82 11.39 6.63 1.38
N VAL A 83 10.07 6.64 1.59
CA VAL A 83 9.36 5.45 2.06
C VAL A 83 8.64 4.75 0.89
N GLN A 84 8.98 3.46 0.69
CA GLN A 84 8.34 2.67 -0.38
C GLN A 84 7.84 1.33 0.15
N LEU A 85 6.92 0.71 -0.61
CA LEU A 85 6.34 -0.57 -0.22
C LEU A 85 6.56 -1.63 -1.31
N ASN A 86 7.08 -2.80 -0.92
CA ASN A 86 7.33 -3.89 -1.85
C ASN A 86 6.47 -5.10 -1.52
N ALA A 87 5.89 -5.70 -2.55
CA ALA A 87 5.03 -6.87 -2.39
C ALA A 87 5.08 -7.76 -3.62
N GLY A 88 4.72 -9.03 -3.44
CA GLY A 88 4.72 -10.01 -4.53
C GLY A 88 3.83 -11.20 -4.17
N SER A 89 4.28 -12.40 -4.58
CA SER A 89 3.52 -13.62 -4.29
C SER A 89 3.42 -13.84 -2.79
N LYS A 90 4.50 -13.51 -2.06
CA LYS A 90 4.54 -13.66 -0.60
C LYS A 90 3.54 -12.72 0.08
N THR A 91 3.12 -11.66 -0.63
CA THR A 91 2.18 -10.69 -0.06
C THR A 91 0.77 -10.95 -0.60
N LYS A 92 -0.18 -11.12 0.32
CA LYS A 92 -1.57 -11.37 -0.05
C LYS A 92 -2.32 -10.04 -0.19
N ILE A 93 -3.14 -9.94 -1.23
CA ILE A 93 -3.92 -8.72 -1.48
C ILE A 93 -5.41 -9.07 -1.60
N ALA A 94 -6.24 -8.37 -0.83
CA ALA A 94 -7.68 -8.61 -0.85
C ALA A 94 -8.46 -7.29 -0.89
N GLU A 95 -9.56 -7.28 -1.66
CA GLU A 95 -10.38 -6.09 -1.80
C GLU A 95 -11.47 -6.06 -0.73
N ALA A 96 -11.39 -5.07 0.17
CA ALA A 96 -12.38 -4.93 1.24
C ALA A 96 -12.49 -3.48 1.72
N SER A 97 -13.69 -2.91 1.62
CA SER A 97 -13.95 -1.54 2.08
C SER A 97 -14.74 -1.58 3.38
N GLU A 98 -14.70 -0.48 4.14
CA GLU A 98 -15.45 -0.41 5.40
C GLU A 98 -16.94 -0.49 5.10
N ASP A 99 -17.64 -1.40 5.79
CA ASP A 99 -19.08 -1.59 5.57
C ASP A 99 -19.92 -0.58 6.34
N GLY A 100 -20.57 0.31 5.60
CA GLY A 100 -21.47 1.32 6.18
C GLY A 100 -20.72 2.54 6.74
N PHE A 101 -19.44 2.37 7.09
CA PHE A 101 -18.65 3.46 7.63
C PHE A 101 -17.86 4.18 6.51
N PRO A 102 -18.09 5.47 6.25
CA PRO A 102 -17.32 6.19 5.17
C PRO A 102 -15.88 6.44 5.62
N GLU A 103 -14.93 6.05 4.77
CA GLU A 103 -13.50 6.22 5.08
C GLU A 103 -12.68 6.37 3.80
N SER A 104 -13.05 5.61 2.77
CA SER A 104 -12.33 5.63 1.50
C SER A 104 -12.35 7.02 0.88
N SER A 105 -13.52 7.65 0.89
CA SER A 105 -13.69 8.99 0.32
C SER A 105 -12.88 10.04 1.07
N GLN A 106 -12.79 9.89 2.39
CA GLN A 106 -12.07 10.85 3.23
C GLN A 106 -10.56 10.68 3.18
N ILE A 107 -10.07 9.69 2.43
CA ILE A 107 -8.61 9.46 2.34
C ILE A 107 -7.91 10.71 1.76
N PRO A 108 -6.88 11.26 2.43
CA PRO A 108 -6.14 12.44 1.89
C PRO A 108 -5.19 12.04 0.76
N GLU A 109 -5.13 12.87 -0.27
CA GLU A 109 -4.28 12.59 -1.44
C GLU A 109 -2.95 13.36 -1.42
N ASN A 110 -2.68 14.10 -0.34
CA ASN A 110 -1.46 14.91 -0.26
C ASN A 110 -0.42 14.31 0.69
N THR A 111 -0.67 14.41 2.00
CA THR A 111 0.27 13.89 3.00
C THR A 111 -0.48 13.37 4.24
N PRO A 112 0.16 12.54 5.07
CA PRO A 112 -0.50 11.99 6.31
C PRO A 112 -1.00 13.09 7.23
N THR A 113 -2.16 12.85 7.83
CA THR A 113 -2.76 13.82 8.74
C THR A 113 -3.47 13.10 9.89
N ALA A 114 -3.48 13.74 11.07
CA ALA A 114 -4.12 13.17 12.26
C ALA A 114 -5.64 13.14 12.10
N GLU A 115 -6.26 12.09 12.63
CA GLU A 115 -7.71 11.94 12.57
C GLU A 115 -8.21 11.08 13.73
N ASN A 116 -9.47 11.30 14.12
CA ASN A 116 -10.07 10.55 15.22
C ASN A 116 -11.36 9.84 14.79
N LEU A 117 -11.48 9.57 13.48
CA LEU A 117 -12.66 8.88 12.95
C LEU A 117 -12.28 7.52 12.39
N TYR A 118 -12.98 6.48 12.83
CA TYR A 118 -12.74 5.11 12.38
C TYR A 118 -14.02 4.36 12.14
N PHE A 119 -13.88 3.23 11.45
CA PHE A 119 -15.01 2.36 11.15
C PHE A 119 -15.77 1.97 12.42
N GLN A 120 -15.05 1.89 13.55
CA GLN A 120 -15.65 1.53 14.83
C GLN A 120 -16.47 0.24 14.71
N SER A 121 -17.11 -0.15 15.82
CA SER A 121 -17.93 -1.38 15.83
C SER A 121 -17.10 -2.58 15.36
N GLY A 122 -15.84 -2.63 15.79
CA GLY A 122 -14.94 -3.72 15.43
C GLY A 122 -13.59 -3.57 16.13
N SER A 123 -12.69 -4.53 15.88
CA SER A 123 -11.36 -4.51 16.47
C SER A 123 -11.47 -4.41 18.00
N HIS A 124 -10.31 -4.33 18.67
CA HIS A 124 -10.27 -4.23 20.12
C HIS A 124 -10.68 -2.81 20.57
N MET A 1 -3.93 -5.84 15.98
CA MET A 1 -3.70 -4.36 15.92
C MET A 1 -3.44 -3.93 14.48
N GLU A 2 -3.54 -2.63 14.23
CA GLU A 2 -3.32 -2.09 12.89
C GLU A 2 -2.33 -0.92 12.94
N GLU A 3 -1.53 -0.78 11.88
CA GLU A 3 -0.54 0.28 11.79
C GLU A 3 -0.99 1.35 10.81
N LYS A 4 -0.82 2.62 11.17
CA LYS A 4 -1.21 3.73 10.30
C LYS A 4 -0.31 3.77 9.08
N VAL A 5 -0.91 3.83 7.90
CA VAL A 5 -0.16 3.87 6.64
C VAL A 5 0.57 5.21 6.49
N GLY A 6 -0.14 6.30 6.81
CA GLY A 6 0.42 7.64 6.70
C GLY A 6 1.65 7.81 7.59
N ASN A 7 1.60 7.25 8.78
CA ASN A 7 2.70 7.34 9.75
C ASN A 7 3.37 5.98 9.98
N LEU A 8 3.19 5.05 9.05
CA LEU A 8 3.78 3.71 9.18
C LEU A 8 5.28 3.81 9.46
N LYS A 9 5.92 2.64 9.65
CA LYS A 9 7.35 2.58 9.93
C LYS A 9 8.06 1.88 8.74
N PRO A 10 8.99 2.53 8.04
CA PRO A 10 9.70 1.90 6.88
C PRO A 10 10.61 0.76 7.33
N ASN A 11 11.00 -0.11 6.38
CA ASN A 11 11.85 -1.26 6.69
C ASN A 11 11.16 -2.16 7.72
N MET A 12 9.85 -2.35 7.52
CA MET A 12 9.05 -3.20 8.40
C MET A 12 8.84 -4.55 7.75
N GLU A 13 9.13 -5.61 8.51
CA GLU A 13 8.99 -6.98 8.01
C GLU A 13 7.54 -7.29 7.65
N SER A 14 6.61 -6.81 8.48
CA SER A 14 5.19 -7.07 8.24
C SER A 14 4.31 -5.89 8.64
N VAL A 15 3.27 -5.65 7.85
CA VAL A 15 2.31 -4.57 8.11
C VAL A 15 0.93 -4.93 7.57
N ASN A 16 -0.10 -4.76 8.41
CA ASN A 16 -1.48 -5.07 8.00
C ASN A 16 -2.29 -3.79 7.90
N VAL A 17 -2.67 -3.42 6.67
CA VAL A 17 -3.44 -2.19 6.46
C VAL A 17 -4.41 -2.32 5.27
N THR A 18 -5.41 -1.44 5.25
CA THR A 18 -6.39 -1.40 4.17
C THR A 18 -6.39 -0.01 3.55
N VAL A 19 -6.08 0.06 2.26
CA VAL A 19 -5.98 1.35 1.57
C VAL A 19 -6.50 1.29 0.13
N ARG A 20 -6.53 2.45 -0.54
CA ARG A 20 -6.99 2.52 -1.93
C ARG A 20 -5.85 3.03 -2.82
N VAL A 21 -5.67 2.36 -3.97
CA VAL A 21 -4.62 2.74 -4.91
C VAL A 21 -4.99 4.06 -5.57
N LEU A 22 -4.34 5.14 -5.12
CA LEU A 22 -4.59 6.48 -5.65
C LEU A 22 -4.14 6.59 -7.10
N GLU A 23 -2.95 6.05 -7.40
CA GLU A 23 -2.40 6.10 -8.75
C GLU A 23 -1.38 4.98 -8.95
N ALA A 24 -1.34 4.42 -10.16
CA ALA A 24 -0.41 3.35 -10.49
C ALA A 24 -0.02 3.42 -11.97
N SER A 25 1.18 2.94 -12.29
CA SER A 25 1.66 2.96 -13.67
C SER A 25 1.91 1.53 -14.15
N GLU A 26 1.83 1.32 -15.46
CA GLU A 26 2.04 -0.01 -16.03
C GLU A 26 3.43 -0.50 -15.66
N ALA A 27 3.50 -1.75 -15.21
CA ALA A 27 4.77 -2.33 -14.79
C ALA A 27 5.74 -2.42 -15.97
N ARG A 28 7.02 -2.16 -15.69
CA ARG A 28 8.05 -2.20 -16.71
C ARG A 28 9.13 -3.18 -16.29
N GLN A 29 9.66 -3.93 -17.26
CA GLN A 29 10.69 -4.92 -17.00
C GLN A 29 12.06 -4.27 -16.85
N ILE A 30 12.81 -4.70 -15.84
CA ILE A 30 14.15 -4.17 -15.59
C ILE A 30 15.14 -5.32 -15.67
N GLN A 31 16.06 -5.22 -16.61
CA GLN A 31 17.05 -6.28 -16.82
C GLN A 31 18.20 -6.17 -15.82
N THR A 32 18.57 -7.33 -15.27
CA THR A 32 19.64 -7.41 -14.28
C THR A 32 20.45 -8.69 -14.51
N LYS A 33 21.63 -8.76 -13.91
CA LYS A 33 22.49 -9.93 -14.05
C LYS A 33 21.76 -11.19 -13.57
N ASN A 34 20.98 -11.04 -12.50
CA ASN A 34 20.23 -12.16 -11.93
C ASN A 34 18.96 -12.48 -12.73
N GLY A 35 18.58 -11.59 -13.67
CA GLY A 35 17.38 -11.80 -14.49
C GLY A 35 16.63 -10.49 -14.72
N VAL A 36 15.39 -10.62 -15.19
CA VAL A 36 14.55 -9.44 -15.47
C VAL A 36 13.33 -9.46 -14.55
N ARG A 37 12.82 -8.27 -14.17
CA ARG A 37 11.65 -8.18 -13.29
C ARG A 37 10.73 -7.06 -13.70
N THR A 38 9.43 -7.33 -13.71
CA THR A 38 8.44 -6.32 -14.06
C THR A 38 7.99 -5.60 -12.81
N ILE A 39 8.39 -4.33 -12.67
CA ILE A 39 8.03 -3.55 -11.49
C ILE A 39 7.10 -2.39 -11.86
N SER A 40 6.16 -2.07 -10.96
CA SER A 40 5.19 -1.00 -11.20
C SER A 40 5.24 0.03 -10.08
N GLU A 41 5.05 1.29 -10.47
CA GLU A 41 5.08 2.41 -9.52
C GLU A 41 3.67 2.89 -9.22
N ALA A 42 3.31 2.92 -7.94
CA ALA A 42 2.00 3.37 -7.52
C ALA A 42 2.03 3.97 -6.13
N ILE A 43 1.10 4.88 -5.87
CA ILE A 43 0.99 5.52 -4.55
C ILE A 43 -0.35 5.12 -3.95
N VAL A 44 -0.31 4.58 -2.74
CA VAL A 44 -1.52 4.10 -2.08
C VAL A 44 -1.66 4.68 -0.66
N GLY A 45 -2.91 4.95 -0.26
CA GLY A 45 -3.18 5.50 1.07
C GLY A 45 -4.68 5.54 1.34
N ASP A 46 -5.05 5.64 2.63
CA ASP A 46 -6.45 5.69 3.04
C ASP A 46 -6.57 5.68 4.58
N GLU A 47 -5.70 4.89 5.23
CA GLU A 47 -5.72 4.78 6.69
C GLU A 47 -5.49 6.14 7.34
N THR A 48 -4.45 6.84 6.90
CA THR A 48 -4.14 8.17 7.46
C THR A 48 -3.46 9.06 6.42
N GLY A 49 -2.44 8.52 5.74
CA GLY A 49 -1.69 9.27 4.73
C GLY A 49 -1.28 8.38 3.58
N ARG A 50 -0.70 8.97 2.54
CA ARG A 50 -0.26 8.20 1.37
C ARG A 50 1.24 7.90 1.46
N VAL A 51 1.66 6.83 0.77
CA VAL A 51 3.06 6.43 0.76
C VAL A 51 3.41 5.75 -0.57
N LYS A 52 4.69 5.78 -0.95
CA LYS A 52 5.12 5.16 -2.20
C LYS A 52 4.92 3.65 -2.11
N LEU A 53 4.44 3.05 -3.21
CA LEU A 53 4.19 1.62 -3.24
C LEU A 53 4.64 1.05 -4.60
N THR A 54 5.61 0.15 -4.56
CA THR A 54 6.10 -0.50 -5.77
C THR A 54 5.95 -2.00 -5.64
N LEU A 55 5.28 -2.62 -6.61
CA LEU A 55 5.07 -4.06 -6.60
C LEU A 55 5.90 -4.72 -7.70
N TRP A 56 6.32 -5.96 -7.45
CA TRP A 56 7.17 -6.68 -8.39
C TRP A 56 6.48 -7.93 -8.95
N GLY A 57 6.77 -8.20 -10.22
CA GLY A 57 6.21 -9.36 -10.92
C GLY A 57 4.72 -9.21 -11.23
N LYS A 58 3.98 -10.30 -11.02
CA LYS A 58 2.54 -10.30 -11.29
C LYS A 58 1.86 -9.25 -10.42
N HIS A 59 2.35 -9.10 -9.19
CA HIS A 59 1.80 -8.11 -8.26
C HIS A 59 1.98 -6.71 -8.85
N ALA A 60 3.10 -6.48 -9.53
CA ALA A 60 3.39 -5.19 -10.15
C ALA A 60 2.30 -4.84 -11.15
N GLY A 61 1.92 -5.83 -11.96
CA GLY A 61 0.88 -5.63 -12.98
C GLY A 61 -0.54 -5.87 -12.42
N SER A 62 -0.64 -6.27 -11.14
CA SER A 62 -1.93 -6.57 -10.52
C SER A 62 -2.55 -5.35 -9.83
N ILE A 63 -2.02 -4.15 -10.08
CA ILE A 63 -2.55 -2.92 -9.46
C ILE A 63 -3.15 -1.98 -10.50
N LYS A 64 -4.18 -1.23 -10.08
CA LYS A 64 -4.85 -0.28 -10.97
C LYS A 64 -5.19 0.99 -10.20
N GLU A 65 -5.18 2.12 -10.90
CA GLU A 65 -5.51 3.40 -10.28
C GLU A 65 -6.99 3.44 -9.92
N GLY A 66 -7.28 3.93 -8.71
CA GLY A 66 -8.66 4.03 -8.22
C GLY A 66 -9.18 2.69 -7.68
N GLN A 67 -8.33 1.64 -7.72
CA GLN A 67 -8.72 0.32 -7.23
C GLN A 67 -8.40 0.18 -5.75
N VAL A 68 -9.38 -0.28 -4.97
CA VAL A 68 -9.20 -0.46 -3.53
C VAL A 68 -8.52 -1.81 -3.24
N VAL A 69 -7.35 -1.77 -2.59
CA VAL A 69 -6.62 -3.01 -2.28
C VAL A 69 -6.22 -3.07 -0.80
N LYS A 70 -6.08 -4.28 -0.29
CA LYS A 70 -5.69 -4.50 1.10
C LYS A 70 -4.44 -5.36 1.13
N ILE A 71 -3.45 -4.95 1.94
CA ILE A 71 -2.20 -5.68 2.02
C ILE A 71 -2.04 -6.37 3.38
N GLU A 72 -1.52 -7.60 3.32
CA GLU A 72 -1.28 -8.40 4.52
C GLU A 72 0.17 -8.87 4.53
N ASN A 73 0.82 -8.76 5.69
CA ASN A 73 2.23 -9.15 5.82
C ASN A 73 3.07 -8.44 4.74
N ALA A 74 2.72 -7.17 4.49
CA ALA A 74 3.42 -6.37 3.50
C ALA A 74 4.83 -6.03 3.95
N TRP A 75 5.75 -6.01 2.99
CA TRP A 75 7.15 -5.69 3.25
C TRP A 75 7.47 -4.32 2.66
N THR A 76 8.00 -3.41 3.49
CA THR A 76 8.34 -2.06 3.02
C THR A 76 9.80 -1.74 3.36
N THR A 77 10.38 -0.82 2.58
CA THR A 77 11.77 -0.41 2.78
C THR A 77 11.93 1.06 2.44
N ALA A 78 12.84 1.74 3.13
CA ALA A 78 13.07 3.17 2.88
C ALA A 78 14.38 3.39 2.13
N PHE A 79 14.29 4.14 1.02
CA PHE A 79 15.47 4.44 0.20
C PHE A 79 15.58 5.93 -0.09
N LYS A 80 16.82 6.44 -0.09
CA LYS A 80 17.08 7.86 -0.36
C LYS A 80 16.19 8.77 0.49
N GLY A 81 15.94 8.36 1.73
CA GLY A 81 15.13 9.14 2.65
C GLY A 81 13.66 9.16 2.23
N GLN A 82 13.23 8.12 1.50
CA GLN A 82 11.84 8.03 1.03
C GLN A 82 11.23 6.72 1.51
N VAL A 83 9.93 6.75 1.80
CA VAL A 83 9.22 5.56 2.27
C VAL A 83 8.49 4.88 1.12
N GLN A 84 8.79 3.59 0.91
CA GLN A 84 8.15 2.83 -0.17
C GLN A 84 7.79 1.41 0.26
N LEU A 85 6.88 0.79 -0.50
CA LEU A 85 6.42 -0.57 -0.20
C LEU A 85 6.84 -1.53 -1.31
N ASN A 86 7.39 -2.68 -0.91
CA ASN A 86 7.85 -3.70 -1.87
C ASN A 86 7.05 -5.00 -1.70
N ALA A 87 6.74 -5.62 -2.83
CA ALA A 87 5.99 -6.88 -2.85
C ALA A 87 6.39 -7.70 -4.06
N GLY A 88 6.07 -8.99 -4.03
CA GLY A 88 6.40 -9.90 -5.13
C GLY A 88 6.97 -11.21 -4.58
N SER A 89 7.82 -11.10 -3.56
CA SER A 89 8.45 -12.27 -2.94
C SER A 89 7.38 -13.18 -2.36
N LYS A 90 6.45 -12.61 -1.59
CA LYS A 90 5.37 -13.38 -0.97
C LYS A 90 4.40 -12.44 -0.22
N THR A 91 3.54 -11.75 -0.98
CA THR A 91 2.57 -10.83 -0.38
C THR A 91 1.16 -11.18 -0.84
N LYS A 92 0.18 -10.91 0.03
CA LYS A 92 -1.22 -11.20 -0.28
C LYS A 92 -1.99 -9.89 -0.46
N ILE A 93 -2.80 -9.84 -1.52
CA ILE A 93 -3.59 -8.64 -1.82
C ILE A 93 -5.06 -9.01 -2.07
N ALA A 94 -5.96 -8.32 -1.37
CA ALA A 94 -7.40 -8.55 -1.51
C ALA A 94 -8.14 -7.22 -1.47
N GLU A 95 -9.20 -7.09 -2.29
CA GLU A 95 -9.97 -5.85 -2.34
C GLU A 95 -11.01 -5.79 -1.22
N ALA A 96 -10.85 -4.82 -0.31
CA ALA A 96 -11.80 -4.65 0.80
C ALA A 96 -11.80 -3.21 1.30
N SER A 97 -13.01 -2.64 1.42
CA SER A 97 -13.16 -1.26 1.92
C SER A 97 -13.66 -1.30 3.36
N GLU A 98 -13.60 -0.14 4.04
CA GLU A 98 -14.07 -0.08 5.43
C GLU A 98 -15.59 -0.22 5.49
N ASP A 99 -16.06 -1.21 6.26
CA ASP A 99 -17.49 -1.45 6.38
C ASP A 99 -18.13 -0.54 7.43
N GLY A 100 -18.97 0.37 6.96
CA GLY A 100 -19.69 1.31 7.83
C GLY A 100 -18.82 2.48 8.30
N PHE A 101 -17.50 2.28 8.33
CA PHE A 101 -16.58 3.34 8.75
C PHE A 101 -16.08 4.10 7.51
N PRO A 102 -16.38 5.40 7.35
CA PRO A 102 -15.92 6.16 6.14
C PRO A 102 -14.41 6.36 6.12
N GLU A 103 -13.81 6.11 4.96
CA GLU A 103 -12.36 6.26 4.78
C GLU A 103 -12.03 6.63 3.34
N SER A 104 -12.79 6.07 2.40
CA SER A 104 -12.58 6.33 0.98
C SER A 104 -12.72 7.82 0.68
N SER A 105 -13.78 8.42 1.22
CA SER A 105 -14.05 9.85 1.05
C SER A 105 -12.95 10.70 1.68
N GLN A 106 -12.46 10.24 2.84
CA GLN A 106 -11.41 10.96 3.57
C GLN A 106 -10.01 10.48 3.16
N ILE A 107 -9.92 9.82 2.01
CA ILE A 107 -8.63 9.30 1.53
C ILE A 107 -7.60 10.45 1.42
N PRO A 108 -6.38 10.31 1.96
CA PRO A 108 -5.33 11.38 1.92
C PRO A 108 -4.63 11.43 0.57
N GLU A 109 -4.24 12.63 0.16
CA GLU A 109 -3.55 12.82 -1.12
C GLU A 109 -2.05 13.00 -0.93
N ASN A 110 -1.62 13.55 0.20
CA ASN A 110 -0.19 13.79 0.43
C ASN A 110 0.16 14.04 1.90
N THR A 111 -0.78 13.82 2.82
CA THR A 111 -0.51 14.07 4.23
C THR A 111 -1.27 13.11 5.17
N PRO A 112 -0.68 12.70 6.30
CA PRO A 112 -1.37 11.78 7.27
C PRO A 112 -2.52 12.47 8.00
N THR A 113 -3.50 11.68 8.41
CA THR A 113 -4.67 12.21 9.12
C THR A 113 -4.47 12.05 10.63
N ALA A 114 -4.53 13.18 11.34
CA ALA A 114 -4.37 13.17 12.80
C ALA A 114 -5.60 12.61 13.49
N GLU A 115 -5.39 11.97 14.63
CA GLU A 115 -6.49 11.38 15.41
C GLU A 115 -7.31 10.44 14.55
N ASN A 116 -7.02 9.13 14.66
CA ASN A 116 -7.74 8.13 13.90
C ASN A 116 -9.03 7.73 14.60
N LEU A 117 -9.81 6.84 13.96
CA LEU A 117 -11.07 6.37 14.53
C LEU A 117 -11.38 4.96 14.02
N TYR A 118 -12.04 4.16 14.86
CA TYR A 118 -12.40 2.79 14.51
C TYR A 118 -13.92 2.63 14.43
N PHE A 119 -14.35 1.65 13.64
CA PHE A 119 -15.78 1.39 13.45
C PHE A 119 -16.42 1.07 14.81
N GLN A 120 -15.78 0.17 15.57
CA GLN A 120 -16.28 -0.23 16.89
C GLN A 120 -17.66 -0.86 16.79
N SER A 121 -17.95 -1.80 17.70
CA SER A 121 -19.23 -2.49 17.71
C SER A 121 -19.53 -3.13 16.35
N GLY A 122 -18.48 -3.69 15.73
CA GLY A 122 -18.61 -4.34 14.43
C GLY A 122 -17.86 -5.66 14.40
N SER A 123 -18.28 -6.56 13.50
CA SER A 123 -17.65 -7.86 13.36
C SER A 123 -16.22 -7.72 12.85
N HIS A 124 -15.35 -8.62 13.31
CA HIS A 124 -13.94 -8.59 12.91
C HIS A 124 -13.45 -10.00 12.61
N MET A 1 -3.15 -7.53 14.28
CA MET A 1 -2.70 -6.14 14.56
C MET A 1 -2.68 -5.34 13.27
N GLU A 2 -2.51 -4.02 13.40
CA GLU A 2 -2.47 -3.13 12.24
C GLU A 2 -1.64 -1.88 12.54
N GLU A 3 -1.25 -1.16 11.49
CA GLU A 3 -0.46 0.05 11.65
C GLU A 3 -0.81 1.04 10.55
N LYS A 4 -0.93 2.31 10.91
CA LYS A 4 -1.31 3.36 9.98
C LYS A 4 -0.18 3.65 8.98
N VAL A 5 -0.53 3.69 7.69
CA VAL A 5 0.46 3.96 6.62
C VAL A 5 1.16 5.29 6.86
N GLY A 6 0.39 6.27 7.32
CA GLY A 6 0.90 7.61 7.60
C GLY A 6 1.92 7.61 8.74
N ASN A 7 1.65 6.80 9.77
CA ASN A 7 2.56 6.70 10.91
C ASN A 7 3.35 5.38 10.86
N LEU A 8 3.38 4.77 9.67
CA LEU A 8 4.06 3.50 9.46
C LEU A 8 5.53 3.74 9.12
N LYS A 9 6.39 3.17 9.96
CA LYS A 9 7.83 3.30 9.78
C LYS A 9 8.33 2.31 8.70
N PRO A 10 9.40 2.64 7.97
CA PRO A 10 9.94 1.73 6.91
C PRO A 10 10.72 0.57 7.51
N ASN A 11 11.14 -0.36 6.65
CA ASN A 11 11.90 -1.54 7.08
C ASN A 11 11.09 -2.38 8.08
N MET A 12 9.78 -2.47 7.85
CA MET A 12 8.91 -3.27 8.70
C MET A 12 8.78 -4.67 8.12
N GLU A 13 8.98 -5.67 8.98
CA GLU A 13 8.90 -7.06 8.56
C GLU A 13 7.49 -7.41 8.07
N SER A 14 6.49 -6.87 8.76
CA SER A 14 5.09 -7.14 8.39
C SER A 14 4.15 -6.06 8.90
N VAL A 15 3.21 -5.66 8.04
CA VAL A 15 2.22 -4.64 8.41
C VAL A 15 0.85 -5.02 7.83
N ASN A 16 -0.22 -4.57 8.50
CA ASN A 16 -1.58 -4.86 8.05
C ASN A 16 -2.41 -3.57 8.01
N VAL A 17 -2.76 -3.14 6.80
CA VAL A 17 -3.55 -1.93 6.63
C VAL A 17 -4.35 -1.95 5.31
N THR A 18 -5.43 -1.17 5.28
CA THR A 18 -6.28 -1.08 4.09
C THR A 18 -5.99 0.25 3.39
N VAL A 19 -5.65 0.18 2.10
CA VAL A 19 -5.33 1.39 1.33
C VAL A 19 -6.03 1.42 -0.01
N ARG A 20 -6.11 2.61 -0.60
CA ARG A 20 -6.73 2.78 -1.91
C ARG A 20 -5.69 3.22 -2.93
N VAL A 21 -5.64 2.54 -4.07
CA VAL A 21 -4.66 2.87 -5.11
C VAL A 21 -5.04 4.18 -5.77
N LEU A 22 -4.43 5.26 -5.27
CA LEU A 22 -4.68 6.59 -5.80
C LEU A 22 -4.11 6.74 -7.21
N GLU A 23 -2.93 6.15 -7.42
CA GLU A 23 -2.28 6.21 -8.72
C GLU A 23 -1.46 4.95 -8.98
N ALA A 24 -1.51 4.47 -10.23
CA ALA A 24 -0.78 3.26 -10.60
C ALA A 24 -0.21 3.42 -12.01
N SER A 25 0.97 2.83 -12.23
CA SER A 25 1.64 2.89 -13.53
C SER A 25 2.00 1.49 -14.01
N GLU A 26 2.02 1.31 -15.34
CA GLU A 26 2.34 0.02 -15.93
C GLU A 26 3.73 -0.43 -15.48
N ALA A 27 3.87 -1.74 -15.31
CA ALA A 27 5.14 -2.32 -14.87
C ALA A 27 6.20 -2.24 -15.96
N ARG A 28 7.42 -1.93 -15.54
CA ARG A 28 8.56 -1.85 -16.45
C ARG A 28 9.62 -2.85 -16.00
N GLN A 29 10.16 -3.61 -16.94
CA GLN A 29 11.16 -4.63 -16.62
C GLN A 29 12.55 -4.03 -16.43
N ILE A 30 13.32 -4.62 -15.52
CA ILE A 30 14.69 -4.17 -15.26
C ILE A 30 15.61 -5.19 -15.88
N GLN A 31 16.41 -4.78 -16.86
CA GLN A 31 17.32 -5.71 -17.53
C GLN A 31 18.69 -5.75 -16.86
N THR A 32 19.06 -6.94 -16.41
CA THR A 32 20.34 -7.15 -15.76
C THR A 32 20.99 -8.42 -16.30
N LYS A 33 22.33 -8.46 -16.32
CA LYS A 33 23.05 -9.62 -16.83
C LYS A 33 22.69 -10.91 -16.08
N ASN A 34 22.14 -10.77 -14.86
CA ASN A 34 21.75 -11.92 -14.05
C ASN A 34 20.26 -12.26 -14.18
N GLY A 35 19.53 -11.53 -15.04
CA GLY A 35 18.11 -11.78 -15.25
C GLY A 35 17.34 -10.47 -15.28
N VAL A 36 16.03 -10.55 -15.56
CA VAL A 36 15.19 -9.35 -15.62
C VAL A 36 14.09 -9.40 -14.56
N ARG A 37 13.61 -8.23 -14.11
CA ARG A 37 12.56 -8.18 -13.09
C ARG A 37 11.47 -7.22 -13.50
N THR A 38 10.23 -7.71 -13.51
CA THR A 38 9.11 -6.86 -13.87
C THR A 38 8.62 -6.16 -12.61
N ILE A 39 8.86 -4.86 -12.54
CA ILE A 39 8.45 -4.07 -11.38
C ILE A 39 7.50 -2.96 -11.77
N SER A 40 6.75 -2.44 -10.78
CA SER A 40 5.78 -1.38 -11.05
C SER A 40 5.79 -0.33 -9.95
N GLU A 41 5.36 0.88 -10.30
CA GLU A 41 5.30 1.98 -9.36
C GLU A 41 3.85 2.36 -9.09
N ALA A 42 3.48 2.47 -7.81
CA ALA A 42 2.11 2.83 -7.44
C ALA A 42 2.12 3.57 -6.11
N ILE A 43 1.06 4.34 -5.88
CA ILE A 43 0.90 5.10 -4.64
C ILE A 43 -0.44 4.74 -4.01
N VAL A 44 -0.38 4.30 -2.75
CA VAL A 44 -1.59 3.90 -2.04
C VAL A 44 -1.68 4.59 -0.67
N GLY A 45 -2.92 4.68 -0.16
CA GLY A 45 -3.16 5.31 1.14
C GLY A 45 -4.65 5.40 1.41
N ASP A 46 -5.02 5.51 2.69
CA ASP A 46 -6.44 5.62 3.09
C ASP A 46 -6.56 5.72 4.61
N GLU A 47 -5.76 4.92 5.32
CA GLU A 47 -5.81 4.89 6.77
C GLU A 47 -5.49 6.27 7.35
N THR A 48 -4.45 6.92 6.81
CA THR A 48 -4.06 8.24 7.30
C THR A 48 -3.55 9.15 6.18
N GLY A 49 -2.65 8.60 5.34
CA GLY A 49 -2.08 9.39 4.25
C GLY A 49 -1.59 8.50 3.11
N ARG A 50 -0.81 9.10 2.21
CA ARG A 50 -0.28 8.37 1.05
C ARG A 50 1.17 7.95 1.28
N VAL A 51 1.57 6.87 0.62
CA VAL A 51 2.92 6.33 0.71
C VAL A 51 3.28 5.62 -0.59
N LYS A 52 4.59 5.49 -0.88
CA LYS A 52 5.03 4.83 -2.10
C LYS A 52 4.83 3.33 -1.96
N LEU A 53 4.41 2.70 -3.05
CA LEU A 53 4.17 1.27 -3.05
C LEU A 53 4.68 0.66 -4.36
N THR A 54 5.70 -0.18 -4.23
CA THR A 54 6.32 -0.85 -5.37
C THR A 54 6.01 -2.34 -5.32
N LEU A 55 5.59 -2.90 -6.46
CA LEU A 55 5.25 -4.33 -6.52
C LEU A 55 6.14 -5.07 -7.52
N TRP A 56 6.38 -6.35 -7.25
CA TRP A 56 7.24 -7.18 -8.09
C TRP A 56 6.45 -8.28 -8.81
N GLY A 57 6.80 -8.50 -10.07
CA GLY A 57 6.18 -9.52 -10.92
C GLY A 57 4.71 -9.25 -11.23
N LYS A 58 3.89 -10.31 -11.14
CA LYS A 58 2.47 -10.20 -11.43
C LYS A 58 1.83 -9.13 -10.54
N HIS A 59 2.32 -9.05 -9.30
CA HIS A 59 1.83 -8.06 -8.36
C HIS A 59 2.08 -6.66 -8.92
N ALA A 60 3.22 -6.49 -9.60
CA ALA A 60 3.56 -5.21 -10.20
C ALA A 60 2.49 -4.78 -11.20
N GLY A 61 2.01 -5.75 -11.98
CA GLY A 61 0.97 -5.48 -12.99
C GLY A 61 -0.45 -5.51 -12.37
N SER A 62 -0.55 -5.80 -11.07
CA SER A 62 -1.85 -5.87 -10.39
C SER A 62 -2.28 -4.53 -9.77
N ILE A 63 -1.62 -3.43 -10.14
CA ILE A 63 -1.97 -2.11 -9.60
C ILE A 63 -2.87 -1.35 -10.57
N LYS A 64 -3.94 -0.76 -10.04
CA LYS A 64 -4.89 -0.01 -10.84
C LYS A 64 -5.34 1.24 -10.09
N GLU A 65 -5.41 2.36 -10.81
CA GLU A 65 -5.85 3.62 -10.21
C GLU A 65 -7.35 3.60 -9.95
N GLY A 66 -7.73 4.06 -8.76
CA GLY A 66 -9.13 4.09 -8.36
C GLY A 66 -9.58 2.77 -7.69
N GLN A 67 -8.72 1.75 -7.75
CA GLN A 67 -9.02 0.45 -7.16
C GLN A 67 -8.55 0.41 -5.70
N VAL A 68 -9.40 -0.12 -4.83
CA VAL A 68 -9.05 -0.22 -3.41
C VAL A 68 -8.55 -1.62 -3.08
N VAL A 69 -7.35 -1.70 -2.51
CA VAL A 69 -6.74 -2.99 -2.15
C VAL A 69 -6.25 -2.99 -0.71
N LYS A 70 -6.26 -4.16 -0.09
CA LYS A 70 -5.82 -4.31 1.29
C LYS A 70 -4.56 -5.17 1.33
N ILE A 71 -3.56 -4.69 2.07
CA ILE A 71 -2.28 -5.41 2.17
C ILE A 71 -2.14 -6.13 3.52
N GLU A 72 -1.62 -7.34 3.46
CA GLU A 72 -1.41 -8.15 4.66
C GLU A 72 0.03 -8.67 4.69
N ASN A 73 0.65 -8.61 5.86
CA ASN A 73 2.04 -9.06 6.01
C ASN A 73 2.94 -8.37 4.99
N ALA A 74 2.67 -7.08 4.74
CA ALA A 74 3.44 -6.29 3.79
C ALA A 74 4.83 -5.97 4.35
N TRP A 75 5.82 -5.96 3.45
CA TRP A 75 7.20 -5.65 3.83
C TRP A 75 7.61 -4.34 3.17
N THR A 76 8.08 -3.38 3.97
CA THR A 76 8.46 -2.06 3.44
C THR A 76 9.93 -1.75 3.71
N THR A 77 10.45 -0.78 2.97
CA THR A 77 11.85 -0.36 3.11
C THR A 77 12.00 1.14 2.78
N ALA A 78 13.04 1.76 3.34
CA ALA A 78 13.29 3.18 3.09
C ALA A 78 14.39 3.37 2.04
N PHE A 79 14.07 4.15 1.01
CA PHE A 79 15.02 4.42 -0.06
C PHE A 79 14.82 5.86 -0.56
N LYS A 80 15.92 6.60 -0.71
CA LYS A 80 15.87 8.00 -1.17
C LYS A 80 15.15 8.88 -0.13
N GLY A 81 15.21 8.47 1.14
CA GLY A 81 14.56 9.23 2.22
C GLY A 81 13.03 9.14 2.12
N GLN A 82 12.53 8.08 1.47
CA GLN A 82 11.09 7.89 1.31
C GLN A 82 10.69 6.47 1.72
N VAL A 83 9.42 6.31 2.11
CA VAL A 83 8.91 5.01 2.53
C VAL A 83 8.22 4.32 1.35
N GLN A 84 8.71 3.13 0.99
CA GLN A 84 8.16 2.37 -0.12
C GLN A 84 7.69 1.00 0.37
N LEU A 85 6.76 0.39 -0.37
CA LEU A 85 6.23 -0.93 -0.02
C LEU A 85 6.65 -1.96 -1.06
N ASN A 86 7.14 -3.12 -0.61
CA ASN A 86 7.59 -4.16 -1.54
C ASN A 86 6.75 -5.43 -1.38
N ALA A 87 6.42 -6.05 -2.52
CA ALA A 87 5.62 -7.28 -2.54
C ALA A 87 5.99 -8.09 -3.77
N GLY A 88 5.72 -9.39 -3.72
CA GLY A 88 6.04 -10.29 -4.84
C GLY A 88 6.38 -11.69 -4.35
N SER A 89 7.32 -11.76 -3.40
CA SER A 89 7.75 -13.04 -2.85
C SER A 89 6.59 -13.76 -2.16
N LYS A 90 5.80 -13.00 -1.40
CA LYS A 90 4.65 -13.57 -0.68
C LYS A 90 3.83 -12.44 -0.02
N THR A 91 3.01 -11.77 -0.82
CA THR A 91 2.16 -10.70 -0.33
C THR A 91 0.70 -10.99 -0.67
N LYS A 92 -0.18 -10.89 0.34
CA LYS A 92 -1.60 -11.14 0.13
C LYS A 92 -2.34 -9.82 -0.11
N ILE A 93 -3.16 -9.81 -1.17
CA ILE A 93 -3.93 -8.62 -1.52
C ILE A 93 -5.41 -8.98 -1.67
N ALA A 94 -6.28 -8.21 -1.00
CA ALA A 94 -7.72 -8.43 -1.07
C ALA A 94 -8.46 -7.09 -1.04
N GLU A 95 -9.55 -7.00 -1.79
CA GLU A 95 -10.33 -5.75 -1.85
C GLU A 95 -11.35 -5.68 -0.72
N ALA A 96 -11.23 -4.66 0.13
CA ALA A 96 -12.14 -4.46 1.24
C ALA A 96 -12.21 -2.99 1.64
N SER A 97 -13.43 -2.50 1.91
CA SER A 97 -13.63 -1.11 2.33
C SER A 97 -13.91 -1.05 3.82
N GLU A 98 -13.76 0.14 4.42
CA GLU A 98 -14.01 0.31 5.85
C GLU A 98 -15.49 0.05 6.16
N ASP A 99 -15.74 -0.75 7.20
CA ASP A 99 -17.11 -1.09 7.57
C ASP A 99 -17.75 0.00 8.44
N GLY A 100 -18.75 0.66 7.87
CA GLY A 100 -19.51 1.72 8.56
C GLY A 100 -18.75 3.04 8.64
N PHE A 101 -17.40 2.99 8.62
CA PHE A 101 -16.60 4.20 8.68
C PHE A 101 -16.25 4.67 7.26
N PRO A 102 -16.71 5.84 6.80
CA PRO A 102 -16.39 6.32 5.41
C PRO A 102 -14.93 6.75 5.31
N GLU A 103 -14.27 6.33 4.22
CA GLU A 103 -12.87 6.66 3.99
C GLU A 103 -12.56 6.76 2.50
N SER A 104 -13.33 6.05 1.67
CA SER A 104 -13.11 6.07 0.22
C SER A 104 -13.22 7.49 -0.32
N SER A 105 -14.10 8.30 0.26
CA SER A 105 -14.28 9.69 -0.16
C SER A 105 -13.34 10.63 0.61
N GLN A 106 -12.97 10.23 1.83
CA GLN A 106 -12.05 11.04 2.65
C GLN A 106 -10.59 10.64 2.42
N ILE A 107 -10.33 9.89 1.34
CA ILE A 107 -8.98 9.43 1.02
C ILE A 107 -7.98 10.61 0.96
N PRO A 108 -7.05 10.76 1.93
CA PRO A 108 -6.06 11.87 1.92
C PRO A 108 -4.85 11.53 1.05
N GLU A 109 -4.74 12.26 -0.05
CA GLU A 109 -3.63 12.06 -1.01
C GLU A 109 -2.51 13.11 -0.84
N ASN A 110 -2.66 14.01 0.15
CA ASN A 110 -1.66 15.06 0.38
C ASN A 110 -0.68 14.70 1.49
N THR A 111 -1.19 14.56 2.71
CA THR A 111 -0.35 14.24 3.87
C THR A 111 -1.10 13.35 4.87
N PRO A 112 -0.39 12.58 5.71
CA PRO A 112 -1.05 11.70 6.72
C PRO A 112 -1.67 12.48 7.87
N THR A 113 -2.69 11.88 8.49
CA THR A 113 -3.38 12.50 9.62
C THR A 113 -3.73 11.46 10.68
N ALA A 114 -3.77 11.91 11.94
CA ALA A 114 -4.08 11.02 13.05
C ALA A 114 -5.53 11.19 13.51
N GLU A 115 -6.02 10.19 14.27
CA GLU A 115 -7.39 10.21 14.79
C GLU A 115 -8.41 10.28 13.65
N ASN A 116 -8.12 9.56 12.57
CA ASN A 116 -9.03 9.52 11.41
C ASN A 116 -9.71 8.16 11.26
N LEU A 117 -9.72 7.36 12.35
CA LEU A 117 -10.34 6.04 12.32
C LEU A 117 -11.37 5.92 13.46
N TYR A 118 -12.64 5.72 13.08
CA TYR A 118 -13.72 5.58 14.06
C TYR A 118 -14.66 4.47 13.65
N PHE A 119 -15.33 3.88 14.65
CA PHE A 119 -16.28 2.80 14.40
C PHE A 119 -17.17 2.59 15.62
N GLN A 120 -18.48 2.54 15.38
CA GLN A 120 -19.46 2.35 16.45
C GLN A 120 -20.54 1.37 16.01
N SER A 121 -20.85 0.40 16.87
CA SER A 121 -21.87 -0.61 16.57
C SER A 121 -22.92 -0.65 17.67
N GLY A 122 -24.16 -0.95 17.29
CA GLY A 122 -25.27 -1.02 18.25
C GLY A 122 -26.57 -1.38 17.54
N SER A 123 -27.66 -1.41 18.31
CA SER A 123 -28.98 -1.73 17.77
C SER A 123 -30.07 -0.99 18.54
N HIS A 124 -31.10 -0.57 17.80
CA HIS A 124 -32.22 0.16 18.41
C HIS A 124 -32.92 -0.72 19.45
N MET A 1 -3.38 -3.50 16.41
CA MET A 1 -4.19 -4.10 15.30
C MET A 1 -3.44 -3.95 13.99
N GLU A 2 -3.10 -2.70 13.64
CA GLU A 2 -2.38 -2.41 12.40
C GLU A 2 -1.52 -1.15 12.55
N GLU A 3 -0.53 -1.03 11.68
CA GLU A 3 0.37 0.13 11.71
C GLU A 3 -0.09 1.18 10.69
N LYS A 4 0.02 2.46 11.06
CA LYS A 4 -0.40 3.54 10.17
C LYS A 4 0.54 3.63 8.98
N VAL A 5 -0.04 3.84 7.79
CA VAL A 5 0.77 3.94 6.56
C VAL A 5 1.53 5.26 6.52
N GLY A 6 0.85 6.33 6.94
CA GLY A 6 1.46 7.66 6.94
C GLY A 6 2.69 7.70 7.84
N ASN A 7 2.61 7.01 8.99
CA ASN A 7 3.72 6.97 9.94
C ASN A 7 4.35 5.57 10.01
N LEU A 8 4.09 4.73 8.99
CA LEU A 8 4.64 3.36 8.97
C LEU A 8 6.13 3.36 9.24
N LYS A 9 6.70 2.16 9.36
CA LYS A 9 8.13 2.01 9.62
C LYS A 9 8.83 1.37 8.41
N PRO A 10 9.58 2.12 7.60
CA PRO A 10 10.29 1.55 6.41
C PRO A 10 11.28 0.46 6.82
N ASN A 11 11.65 -0.40 5.86
CA ASN A 11 12.58 -1.51 6.13
C ASN A 11 12.00 -2.44 7.20
N MET A 12 10.71 -2.72 7.08
CA MET A 12 10.01 -3.61 8.01
C MET A 12 9.67 -4.92 7.29
N GLU A 13 10.02 -6.03 7.95
CA GLU A 13 9.77 -7.36 7.39
C GLU A 13 8.29 -7.62 7.20
N SER A 14 7.47 -7.16 8.17
CA SER A 14 6.02 -7.37 8.11
C SER A 14 5.27 -6.07 8.35
N VAL A 15 4.35 -5.75 7.43
CA VAL A 15 3.52 -4.54 7.54
C VAL A 15 2.07 -4.87 7.21
N ASN A 16 1.16 -4.54 8.12
CA ASN A 16 -0.27 -4.78 7.89
C ASN A 16 -0.99 -3.44 7.67
N VAL A 17 -1.43 -3.22 6.43
CA VAL A 17 -2.11 -1.96 6.10
C VAL A 17 -3.21 -2.16 5.05
N THR A 18 -4.10 -1.16 5.00
CA THR A 18 -5.19 -1.15 4.02
C THR A 18 -5.20 0.20 3.31
N VAL A 19 -5.01 0.18 1.99
CA VAL A 19 -4.96 1.43 1.22
C VAL A 19 -5.71 1.33 -0.11
N ARG A 20 -6.08 2.51 -0.63
CA ARG A 20 -6.78 2.58 -1.91
C ARG A 20 -5.81 2.99 -3.01
N VAL A 21 -5.96 2.37 -4.18
CA VAL A 21 -5.10 2.65 -5.32
C VAL A 21 -5.62 3.90 -6.02
N LEU A 22 -4.85 4.98 -5.88
CA LEU A 22 -5.21 6.27 -6.49
C LEU A 22 -4.32 6.58 -7.69
N GLU A 23 -3.05 6.20 -7.61
CA GLU A 23 -2.09 6.45 -8.71
C GLU A 23 -1.28 5.19 -9.01
N ALA A 24 -1.14 4.88 -10.30
CA ALA A 24 -0.38 3.70 -10.73
C ALA A 24 0.21 3.91 -12.12
N SER A 25 1.35 3.24 -12.38
CA SER A 25 2.02 3.34 -13.67
C SER A 25 2.14 1.96 -14.29
N GLU A 26 2.35 1.93 -15.61
CA GLU A 26 2.50 0.66 -16.32
C GLU A 26 3.77 -0.03 -15.86
N ALA A 27 3.66 -1.33 -15.58
CA ALA A 27 4.81 -2.10 -15.10
C ALA A 27 5.90 -2.18 -16.17
N ARG A 28 7.15 -2.06 -15.72
CA ARG A 28 8.31 -2.13 -16.61
C ARG A 28 9.31 -3.14 -16.08
N GLN A 29 9.97 -3.84 -17.00
CA GLN A 29 10.95 -4.86 -16.65
C GLN A 29 12.30 -4.23 -16.29
N ILE A 30 12.92 -4.73 -15.20
CA ILE A 30 14.22 -4.20 -14.74
C ILE A 30 15.17 -5.37 -14.53
N GLN A 31 16.32 -5.32 -15.20
CA GLN A 31 17.32 -6.38 -15.08
C GLN A 31 18.05 -6.27 -13.76
N THR A 32 18.49 -7.42 -13.26
CA THR A 32 19.22 -7.50 -12.00
C THR A 32 20.25 -8.61 -12.10
N LYS A 33 21.14 -8.68 -11.11
CA LYS A 33 22.17 -9.71 -11.10
C LYS A 33 21.53 -11.09 -11.10
N ASN A 34 20.39 -11.22 -10.40
CA ASN A 34 19.68 -12.49 -10.31
C ASN A 34 18.62 -12.64 -11.43
N GLY A 35 18.46 -11.64 -12.31
CA GLY A 35 17.49 -11.73 -13.40
C GLY A 35 16.66 -10.46 -13.53
N VAL A 36 15.67 -10.51 -14.41
CA VAL A 36 14.79 -9.35 -14.65
C VAL A 36 13.45 -9.52 -13.94
N ARG A 37 12.86 -8.38 -13.54
CA ARG A 37 11.58 -8.38 -12.85
C ARG A 37 10.69 -7.27 -13.36
N THR A 38 9.40 -7.58 -13.50
CA THR A 38 8.44 -6.58 -13.95
C THR A 38 7.93 -5.84 -12.72
N ILE A 39 8.33 -4.58 -12.60
CA ILE A 39 7.93 -3.76 -11.44
C ILE A 39 7.02 -2.61 -11.85
N SER A 40 6.24 -2.14 -10.88
CA SER A 40 5.28 -1.05 -11.14
C SER A 40 5.37 0.01 -10.05
N GLU A 41 4.97 1.23 -10.41
CA GLU A 41 5.01 2.35 -9.47
C GLU A 41 3.60 2.88 -9.21
N ALA A 42 3.24 2.98 -7.93
CA ALA A 42 1.92 3.48 -7.56
C ALA A 42 1.95 4.14 -6.20
N ILE A 43 1.05 5.10 -5.97
CA ILE A 43 0.95 5.78 -4.69
C ILE A 43 -0.43 5.49 -4.13
N VAL A 44 -0.46 4.96 -2.91
CA VAL A 44 -1.73 4.59 -2.28
C VAL A 44 -1.80 5.08 -0.83
N GLY A 45 -3.02 5.15 -0.31
CA GLY A 45 -3.22 5.59 1.07
C GLY A 45 -4.67 5.46 1.50
N ASP A 46 -4.89 5.39 2.81
CA ASP A 46 -6.25 5.28 3.38
C ASP A 46 -6.18 5.24 4.90
N GLU A 47 -5.23 4.47 5.42
CA GLU A 47 -5.07 4.31 6.86
C GLU A 47 -4.75 5.67 7.51
N THR A 48 -3.80 6.42 6.94
CA THR A 48 -3.45 7.73 7.49
C THR A 48 -2.97 8.72 6.43
N GLY A 49 -2.05 8.27 5.55
CA GLY A 49 -1.50 9.14 4.50
C GLY A 49 -1.14 8.35 3.25
N ARG A 50 -0.73 9.07 2.20
CA ARG A 50 -0.34 8.42 0.94
C ARG A 50 1.18 8.32 0.83
N VAL A 51 1.66 7.12 0.47
CA VAL A 51 3.10 6.86 0.34
C VAL A 51 3.37 6.03 -0.92
N LYS A 52 4.65 5.99 -1.32
CA LYS A 52 5.05 5.22 -2.49
C LYS A 52 4.80 3.74 -2.25
N LEU A 53 4.31 3.08 -3.28
CA LEU A 53 4.00 1.66 -3.21
C LEU A 53 4.39 0.98 -4.51
N THR A 54 5.47 0.21 -4.45
CA THR A 54 5.96 -0.52 -5.63
C THR A 54 5.58 -1.98 -5.51
N LEU A 55 5.18 -2.58 -6.64
CA LEU A 55 4.79 -3.99 -6.66
C LEU A 55 5.71 -4.77 -7.58
N TRP A 56 5.88 -6.07 -7.29
CA TRP A 56 6.77 -6.93 -8.08
C TRP A 56 6.02 -8.04 -8.80
N GLY A 57 6.33 -8.19 -10.09
CA GLY A 57 5.76 -9.25 -10.92
C GLY A 57 4.36 -8.91 -11.44
N LYS A 58 3.52 -9.95 -11.51
CA LYS A 58 2.15 -9.81 -12.01
C LYS A 58 1.40 -8.80 -11.17
N HIS A 59 1.70 -8.75 -9.87
CA HIS A 59 1.07 -7.81 -8.96
C HIS A 59 1.36 -6.39 -9.43
N ALA A 60 2.57 -6.17 -9.94
CA ALA A 60 2.98 -4.86 -10.45
C ALA A 60 2.09 -4.45 -11.63
N GLY A 61 1.81 -5.42 -12.50
CA GLY A 61 0.98 -5.17 -13.69
C GLY A 61 -0.52 -5.30 -13.43
N SER A 62 -0.90 -5.67 -12.19
CA SER A 62 -2.32 -5.85 -11.84
C SER A 62 -2.87 -4.66 -11.06
N ILE A 63 -2.13 -3.56 -11.01
CA ILE A 63 -2.56 -2.36 -10.27
C ILE A 63 -3.48 -1.50 -11.14
N LYS A 64 -4.43 -0.83 -10.50
CA LYS A 64 -5.37 0.02 -11.21
C LYS A 64 -5.94 1.09 -10.29
N GLU A 65 -6.04 2.32 -10.80
CA GLU A 65 -6.58 3.43 -10.02
C GLU A 65 -8.08 3.22 -9.77
N GLY A 66 -8.54 3.65 -8.61
CA GLY A 66 -9.96 3.51 -8.24
C GLY A 66 -10.22 2.17 -7.52
N GLN A 67 -9.23 1.26 -7.58
CA GLN A 67 -9.33 -0.05 -6.95
C GLN A 67 -8.81 0.02 -5.51
N VAL A 68 -9.58 -0.52 -4.57
CA VAL A 68 -9.16 -0.53 -3.17
C VAL A 68 -8.59 -1.90 -2.80
N VAL A 69 -7.33 -1.92 -2.35
CA VAL A 69 -6.68 -3.19 -1.99
C VAL A 69 -6.09 -3.16 -0.58
N LYS A 70 -5.99 -4.34 0.02
CA LYS A 70 -5.43 -4.47 1.36
C LYS A 70 -4.25 -5.44 1.31
N ILE A 71 -3.14 -5.04 1.93
CA ILE A 71 -1.92 -5.86 1.93
C ILE A 71 -1.55 -6.31 3.33
N GLU A 72 -1.00 -7.53 3.43
CA GLU A 72 -0.60 -8.10 4.71
C GLU A 72 0.84 -8.62 4.63
N ASN A 73 1.59 -8.43 5.72
CA ASN A 73 2.99 -8.86 5.77
C ASN A 73 3.78 -8.25 4.62
N ALA A 74 3.51 -6.97 4.34
CA ALA A 74 4.19 -6.27 3.26
C ALA A 74 5.56 -5.77 3.71
N TRP A 75 6.56 -6.00 2.87
CA TRP A 75 7.92 -5.57 3.14
C TRP A 75 8.16 -4.20 2.50
N THR A 76 8.63 -3.24 3.30
CA THR A 76 8.88 -1.88 2.79
C THR A 76 10.36 -1.53 2.84
N THR A 77 10.75 -0.57 2.01
CA THR A 77 12.14 -0.11 1.96
C THR A 77 12.19 1.41 1.92
N ALA A 78 13.34 1.99 2.30
CA ALA A 78 13.50 3.44 2.30
C ALA A 78 14.88 3.85 1.81
N PHE A 79 14.92 4.54 0.66
CA PHE A 79 16.17 5.02 0.09
C PHE A 79 16.04 6.49 -0.30
N LYS A 80 17.12 7.24 -0.10
CA LYS A 80 17.15 8.68 -0.45
C LYS A 80 16.08 9.46 0.32
N GLY A 81 15.76 8.98 1.53
CA GLY A 81 14.76 9.64 2.37
C GLY A 81 13.35 9.51 1.78
N GLN A 82 13.13 8.43 1.01
CA GLN A 82 11.83 8.19 0.38
C GLN A 82 11.18 6.95 0.97
N VAL A 83 9.88 7.05 1.29
CA VAL A 83 9.14 5.93 1.86
C VAL A 83 8.40 5.18 0.76
N GLN A 84 8.70 3.87 0.63
CA GLN A 84 8.07 3.04 -0.39
C GLN A 84 7.75 1.64 0.15
N LEU A 85 6.91 0.90 -0.59
CA LEU A 85 6.51 -0.44 -0.18
C LEU A 85 6.71 -1.45 -1.31
N ASN A 86 7.29 -2.62 -0.97
CA ASN A 86 7.52 -3.67 -1.96
C ASN A 86 6.70 -4.91 -1.60
N ALA A 87 6.13 -5.54 -2.62
CA ALA A 87 5.32 -6.73 -2.42
C ALA A 87 5.38 -7.65 -3.63
N GLY A 88 5.02 -8.92 -3.42
CA GLY A 88 5.04 -9.92 -4.48
C GLY A 88 4.03 -11.02 -4.20
N SER A 89 4.33 -12.22 -4.68
CA SER A 89 3.46 -13.39 -4.48
C SER A 89 3.31 -13.70 -2.99
N LYS A 90 4.42 -13.58 -2.25
CA LYS A 90 4.42 -13.88 -0.82
C LYS A 90 3.42 -13.00 -0.03
N THR A 91 3.13 -11.81 -0.56
CA THR A 91 2.19 -10.90 0.13
C THR A 91 0.75 -11.29 -0.18
N LYS A 92 -0.14 -11.00 0.77
CA LYS A 92 -1.56 -11.31 0.61
C LYS A 92 -2.31 -10.06 0.19
N ILE A 93 -3.17 -10.21 -0.81
CA ILE A 93 -3.96 -9.08 -1.33
C ILE A 93 -5.45 -9.42 -1.32
N ALA A 94 -6.25 -8.53 -0.73
CA ALA A 94 -7.70 -8.73 -0.66
C ALA A 94 -8.42 -7.38 -0.63
N GLU A 95 -9.70 -7.37 -1.00
CA GLU A 95 -10.49 -6.13 -1.02
C GLU A 95 -10.62 -5.56 0.39
N ALA A 96 -10.68 -4.22 0.45
CA ALA A 96 -10.78 -3.51 1.73
C ALA A 96 -12.11 -2.78 1.86
N SER A 97 -12.32 -2.15 3.02
CA SER A 97 -13.56 -1.41 3.29
C SER A 97 -13.84 -0.38 2.20
N GLU A 98 -15.11 0.04 2.11
CA GLU A 98 -15.56 0.97 1.09
C GLU A 98 -16.53 2.02 1.69
N ASP A 99 -17.19 2.79 0.83
CA ASP A 99 -18.12 3.83 1.26
C ASP A 99 -19.09 3.33 2.33
N GLY A 100 -19.31 4.16 3.34
CA GLY A 100 -20.19 3.85 4.46
C GLY A 100 -19.42 3.18 5.61
N PHE A 101 -18.30 2.54 5.26
CA PHE A 101 -17.44 1.89 6.25
C PHE A 101 -16.31 2.85 6.63
N PRO A 102 -15.65 2.67 7.78
CA PRO A 102 -14.54 3.58 8.19
C PRO A 102 -13.29 3.32 7.35
N GLU A 103 -13.23 3.96 6.16
CA GLU A 103 -12.09 3.79 5.26
C GLU A 103 -12.17 4.74 4.07
N SER A 104 -13.28 4.64 3.33
CA SER A 104 -13.48 5.45 2.13
C SER A 104 -13.49 6.96 2.41
N SER A 105 -14.10 7.36 3.53
CA SER A 105 -14.21 8.77 3.88
C SER A 105 -12.93 9.30 4.55
N GLN A 106 -12.03 8.41 4.98
CA GLN A 106 -10.78 8.82 5.63
C GLN A 106 -9.60 8.77 4.66
N ILE A 107 -9.88 8.59 3.36
CA ILE A 107 -8.81 8.52 2.36
C ILE A 107 -7.95 9.82 2.40
N PRO A 108 -6.65 9.76 2.69
CA PRO A 108 -5.77 10.97 2.74
C PRO A 108 -5.27 11.36 1.34
N GLU A 109 -4.82 12.61 1.20
CA GLU A 109 -4.32 13.09 -0.08
C GLU A 109 -2.80 13.11 -0.18
N ASN A 110 -2.11 13.10 0.96
CA ASN A 110 -0.63 13.12 0.94
C ASN A 110 -0.06 12.97 2.35
N THR A 111 -0.51 13.84 3.26
CA THR A 111 -0.02 13.84 4.63
C THR A 111 -0.97 13.07 5.56
N PRO A 112 -0.54 12.68 6.76
CA PRO A 112 -1.40 11.92 7.72
C PRO A 112 -2.72 12.65 8.02
N THR A 113 -3.81 11.89 8.08
CA THR A 113 -5.13 12.46 8.35
C THR A 113 -5.58 12.06 9.77
N ALA A 114 -5.94 13.07 10.56
CA ALA A 114 -6.39 12.85 11.94
C ALA A 114 -7.87 12.51 11.99
N GLU A 115 -8.31 11.97 13.14
CA GLU A 115 -9.72 11.58 13.33
C GLU A 115 -10.12 10.47 12.38
N ASN A 116 -10.78 9.44 12.93
CA ASN A 116 -11.21 8.30 12.14
C ASN A 116 -12.59 7.81 12.60
N LEU A 117 -13.64 8.23 11.87
CA LEU A 117 -15.01 7.83 12.19
C LEU A 117 -15.98 8.33 11.13
N TYR A 118 -16.76 7.42 10.57
CA TYR A 118 -17.74 7.76 9.53
C TYR A 118 -18.91 6.78 9.51
N PHE A 119 -18.60 5.49 9.74
CA PHE A 119 -19.63 4.45 9.75
C PHE A 119 -20.72 4.78 10.76
N GLN A 120 -21.97 4.70 10.30
CA GLN A 120 -23.13 4.99 11.16
C GLN A 120 -24.22 3.94 10.95
N SER A 121 -24.75 3.41 12.05
CA SER A 121 -25.80 2.40 11.98
C SER A 121 -26.72 2.49 13.20
N GLY A 122 -28.01 2.26 12.97
CA GLY A 122 -29.00 2.32 14.05
C GLY A 122 -28.99 3.70 14.71
N SER A 123 -28.93 3.70 16.05
CA SER A 123 -28.93 4.95 16.81
C SER A 123 -27.65 5.06 17.64
N HIS A 124 -26.99 6.21 17.54
CA HIS A 124 -25.74 6.46 18.28
C HIS A 124 -24.70 5.40 17.93
N MET A 1 -2.16 -5.16 15.23
CA MET A 1 -3.38 -4.50 14.69
C MET A 1 -3.01 -3.67 13.46
N GLU A 2 -4.00 -3.01 12.87
CA GLU A 2 -3.78 -2.18 11.69
C GLU A 2 -2.80 -1.05 12.00
N GLU A 3 -1.79 -0.91 11.14
CA GLU A 3 -0.78 0.14 11.31
C GLU A 3 -1.06 1.30 10.36
N LYS A 4 -0.80 2.52 10.85
CA LYS A 4 -1.03 3.72 10.02
C LYS A 4 -0.03 3.75 8.88
N VAL A 5 -0.54 3.92 7.65
CA VAL A 5 0.33 3.94 6.47
C VAL A 5 1.12 5.25 6.37
N GLY A 6 0.46 6.36 6.69
CA GLY A 6 1.10 7.67 6.63
C GLY A 6 2.27 7.75 7.61
N ASN A 7 2.09 7.16 8.79
CA ASN A 7 3.12 7.16 9.82
C ASN A 7 3.70 5.76 10.03
N LEU A 8 3.50 4.85 9.06
CA LEU A 8 4.01 3.48 9.17
C LEU A 8 5.49 3.48 9.51
N LYS A 9 6.03 2.29 9.73
CA LYS A 9 7.46 2.13 10.02
C LYS A 9 8.14 1.45 8.83
N PRO A 10 9.01 2.12 8.08
CA PRO A 10 9.69 1.51 6.89
C PRO A 10 10.58 0.33 7.30
N ASN A 11 10.87 -0.55 6.33
CA ASN A 11 11.72 -1.72 6.58
C ASN A 11 11.11 -2.67 7.63
N MET A 12 9.81 -2.95 7.47
CA MET A 12 9.11 -3.86 8.37
C MET A 12 8.74 -5.15 7.64
N GLU A 13 8.92 -6.26 8.33
CA GLU A 13 8.65 -7.59 7.77
C GLU A 13 7.16 -7.76 7.45
N SER A 14 6.30 -7.25 8.34
CA SER A 14 4.85 -7.38 8.14
C SER A 14 4.11 -6.05 8.35
N VAL A 15 3.22 -5.75 7.41
CA VAL A 15 2.41 -4.53 7.49
C VAL A 15 0.96 -4.85 7.10
N ASN A 16 0.02 -4.47 7.96
CA ASN A 16 -1.40 -4.72 7.70
C ASN A 16 -2.13 -3.40 7.46
N VAL A 17 -2.54 -3.16 6.21
CA VAL A 17 -3.24 -1.92 5.87
C VAL A 17 -4.23 -2.12 4.72
N THR A 18 -5.21 -1.22 4.66
CA THR A 18 -6.22 -1.23 3.60
C THR A 18 -6.33 0.17 3.00
N VAL A 19 -5.89 0.32 1.74
CA VAL A 19 -5.91 1.63 1.10
C VAL A 19 -6.33 1.57 -0.37
N ARG A 20 -6.75 2.71 -0.90
CA ARG A 20 -7.17 2.79 -2.30
C ARG A 20 -6.00 3.23 -3.17
N VAL A 21 -5.90 2.64 -4.36
CA VAL A 21 -4.84 2.96 -5.30
C VAL A 21 -5.16 4.27 -6.00
N LEU A 22 -4.58 5.35 -5.51
CA LEU A 22 -4.79 6.69 -6.06
C LEU A 22 -4.19 6.78 -7.47
N GLU A 23 -2.98 6.25 -7.64
CA GLU A 23 -2.30 6.28 -8.92
C GLU A 23 -1.52 4.99 -9.16
N ALA A 24 -1.55 4.51 -10.40
CA ALA A 24 -0.84 3.28 -10.77
C ALA A 24 -0.20 3.41 -12.15
N SER A 25 0.93 2.75 -12.33
CA SER A 25 1.65 2.79 -13.60
C SER A 25 1.93 1.37 -14.10
N GLU A 26 2.07 1.23 -15.42
CA GLU A 26 2.34 -0.07 -16.03
C GLU A 26 3.69 -0.62 -15.55
N ALA A 27 3.72 -1.91 -15.27
CA ALA A 27 4.95 -2.56 -14.80
C ALA A 27 6.01 -2.60 -15.89
N ARG A 28 7.27 -2.37 -15.49
CA ARG A 28 8.38 -2.40 -16.43
C ARG A 28 9.51 -3.28 -15.88
N GLN A 29 10.18 -4.00 -16.77
CA GLN A 29 11.27 -4.90 -16.38
C GLN A 29 12.58 -4.13 -16.20
N ILE A 30 13.34 -4.52 -15.16
CA ILE A 30 14.62 -3.88 -14.88
C ILE A 30 15.69 -4.96 -14.95
N GLN A 31 16.63 -4.83 -15.88
CA GLN A 31 17.67 -5.84 -16.03
C GLN A 31 18.77 -5.64 -15.00
N THR A 32 19.39 -6.75 -14.63
CA THR A 32 20.46 -6.77 -13.66
C THR A 32 21.41 -7.92 -14.00
N LYS A 33 22.59 -7.91 -13.40
CA LYS A 33 23.57 -8.96 -13.65
C LYS A 33 23.00 -10.34 -13.29
N ASN A 34 22.18 -10.37 -12.22
CA ASN A 34 21.59 -11.62 -11.76
C ASN A 34 20.20 -11.89 -12.36
N GLY A 35 19.71 -11.03 -13.27
CA GLY A 35 18.39 -11.27 -13.88
C GLY A 35 17.62 -9.97 -14.05
N VAL A 36 16.35 -10.08 -14.45
CA VAL A 36 15.51 -8.90 -14.67
C VAL A 36 14.33 -8.90 -13.67
N ARG A 37 13.78 -7.72 -13.33
CA ARG A 37 12.66 -7.66 -12.39
C ARG A 37 11.53 -6.81 -12.94
N THR A 38 10.34 -7.39 -12.98
CA THR A 38 9.17 -6.65 -13.45
C THR A 38 8.52 -5.98 -12.26
N ILE A 39 8.66 -4.66 -12.20
CA ILE A 39 8.09 -3.90 -11.08
C ILE A 39 7.17 -2.79 -11.58
N SER A 40 6.28 -2.35 -10.70
CA SER A 40 5.31 -1.32 -11.03
C SER A 40 5.38 -0.18 -10.03
N GLU A 41 5.08 1.03 -10.48
CA GLU A 41 5.10 2.21 -9.62
C GLU A 41 3.68 2.71 -9.35
N ALA A 42 3.32 2.82 -8.08
CA ALA A 42 1.98 3.28 -7.70
C ALA A 42 2.02 3.98 -6.34
N ILE A 43 1.02 4.81 -6.08
CA ILE A 43 0.91 5.51 -4.80
C ILE A 43 -0.43 5.16 -4.19
N VAL A 44 -0.41 4.70 -2.94
CA VAL A 44 -1.64 4.29 -2.27
C VAL A 44 -1.78 5.00 -0.91
N GLY A 45 -3.03 5.14 -0.45
CA GLY A 45 -3.29 5.79 0.83
C GLY A 45 -4.78 5.75 1.17
N ASP A 46 -5.09 5.90 2.47
CA ASP A 46 -6.47 5.89 2.96
C ASP A 46 -6.50 5.95 4.48
N GLU A 47 -5.64 5.16 5.12
CA GLU A 47 -5.59 5.08 6.58
C GLU A 47 -5.22 6.45 7.20
N THR A 48 -4.18 7.12 6.66
CA THR A 48 -3.77 8.42 7.20
C THR A 48 -3.19 9.35 6.13
N GLY A 49 -2.28 8.81 5.30
CA GLY A 49 -1.64 9.60 4.24
C GLY A 49 -1.24 8.70 3.06
N ARG A 50 -0.79 9.31 1.96
CA ARG A 50 -0.38 8.50 0.79
C ARG A 50 1.15 8.32 0.77
N VAL A 51 1.58 7.13 0.36
CA VAL A 51 3.01 6.78 0.30
C VAL A 51 3.34 6.03 -0.99
N LYS A 52 4.63 5.95 -1.31
CA LYS A 52 5.07 5.24 -2.51
C LYS A 52 4.85 3.75 -2.31
N LEU A 53 4.38 3.09 -3.36
CA LEU A 53 4.11 1.67 -3.32
C LEU A 53 4.54 1.02 -4.64
N THR A 54 5.56 0.15 -4.57
CA THR A 54 6.05 -0.53 -5.77
C THR A 54 5.85 -2.03 -5.64
N LEU A 55 5.17 -2.63 -6.62
CA LEU A 55 4.91 -4.08 -6.60
C LEU A 55 5.75 -4.77 -7.65
N TRP A 56 6.08 -6.04 -7.40
CA TRP A 56 6.89 -6.82 -8.35
C TRP A 56 6.16 -8.08 -8.77
N GLY A 57 6.39 -8.46 -10.01
CA GLY A 57 5.78 -9.65 -10.60
C GLY A 57 4.35 -9.37 -11.11
N LYS A 58 3.51 -10.40 -11.05
CA LYS A 58 2.13 -10.27 -11.51
C LYS A 58 1.41 -9.18 -10.74
N HIS A 59 1.72 -9.07 -9.44
CA HIS A 59 1.12 -8.05 -8.60
C HIS A 59 1.46 -6.67 -9.12
N ALA A 60 2.68 -6.49 -9.64
CA ALA A 60 3.11 -5.22 -10.20
C ALA A 60 2.17 -4.83 -11.34
N GLY A 61 1.83 -5.82 -12.17
CA GLY A 61 0.92 -5.60 -13.30
C GLY A 61 -0.56 -5.78 -12.91
N SER A 62 -0.80 -6.15 -11.64
CA SER A 62 -2.18 -6.39 -11.15
C SER A 62 -2.78 -5.17 -10.42
N ILE A 63 -2.14 -4.00 -10.56
CA ILE A 63 -2.64 -2.79 -9.88
C ILE A 63 -3.43 -1.93 -10.87
N LYS A 64 -4.31 -1.08 -10.33
CA LYS A 64 -5.12 -0.21 -11.18
C LYS A 64 -5.57 1.02 -10.40
N GLU A 65 -5.51 2.18 -11.04
CA GLU A 65 -5.92 3.43 -10.41
C GLU A 65 -7.43 3.45 -10.20
N GLY A 66 -7.85 3.91 -9.01
CA GLY A 66 -9.26 3.99 -8.66
C GLY A 66 -9.77 2.69 -8.02
N GLN A 67 -8.95 1.63 -8.08
CA GLN A 67 -9.32 0.34 -7.50
C GLN A 67 -8.88 0.26 -6.04
N VAL A 68 -9.81 -0.11 -5.16
CA VAL A 68 -9.51 -0.23 -3.73
C VAL A 68 -8.88 -1.59 -3.45
N VAL A 69 -7.68 -1.57 -2.83
CA VAL A 69 -6.98 -2.83 -2.53
C VAL A 69 -6.56 -2.90 -1.05
N LYS A 70 -6.45 -4.13 -0.56
CA LYS A 70 -6.04 -4.38 0.83
C LYS A 70 -4.83 -5.30 0.82
N ILE A 71 -3.81 -4.96 1.62
CA ILE A 71 -2.58 -5.75 1.68
C ILE A 71 -2.36 -6.35 3.07
N GLU A 72 -1.85 -7.58 3.08
CA GLU A 72 -1.58 -8.29 4.34
C GLU A 72 -0.13 -8.79 4.34
N ASN A 73 0.54 -8.60 5.48
CA ASN A 73 1.95 -9.03 5.62
C ASN A 73 2.81 -8.39 4.51
N ALA A 74 2.54 -7.11 4.23
CA ALA A 74 3.29 -6.40 3.21
C ALA A 74 4.70 -6.09 3.67
N TRP A 75 5.65 -6.20 2.74
CA TRP A 75 7.05 -5.93 3.03
C TRP A 75 7.38 -4.51 2.56
N THR A 76 7.94 -3.68 3.44
CA THR A 76 8.25 -2.28 3.08
C THR A 76 9.75 -2.00 3.17
N THR A 77 10.17 -0.92 2.52
CA THR A 77 11.57 -0.50 2.52
C THR A 77 11.65 1.02 2.31
N ALA A 78 12.75 1.63 2.77
CA ALA A 78 12.95 3.07 2.62
C ALA A 78 14.33 3.40 2.07
N PHE A 79 14.36 4.23 1.02
CA PHE A 79 15.61 4.64 0.40
C PHE A 79 15.66 6.16 0.23
N LYS A 80 16.84 6.74 0.44
CA LYS A 80 17.03 8.18 0.31
C LYS A 80 16.02 8.95 1.18
N GLY A 81 15.70 8.39 2.34
CA GLY A 81 14.75 9.02 3.27
C GLY A 81 13.33 9.03 2.71
N GLN A 82 12.99 8.03 1.89
CA GLN A 82 11.66 7.93 1.30
C GLN A 82 10.94 6.69 1.79
N VAL A 83 9.61 6.77 1.90
CA VAL A 83 8.80 5.65 2.37
C VAL A 83 8.17 4.91 1.18
N GLN A 84 8.47 3.61 1.07
CA GLN A 84 7.95 2.80 -0.03
C GLN A 84 7.34 1.49 0.48
N LEU A 85 6.44 0.91 -0.32
CA LEU A 85 5.78 -0.35 0.04
C LEU A 85 5.98 -1.40 -1.05
N ASN A 86 6.39 -2.60 -0.66
CA ASN A 86 6.62 -3.69 -1.62
C ASN A 86 5.67 -4.86 -1.37
N ALA A 87 5.28 -5.50 -2.48
CA ALA A 87 4.38 -6.65 -2.42
C ALA A 87 4.69 -7.61 -3.56
N GLY A 88 4.33 -8.88 -3.36
CA GLY A 88 4.58 -9.92 -4.36
C GLY A 88 3.65 -11.11 -4.12
N SER A 89 4.04 -12.28 -4.64
CA SER A 89 3.25 -13.48 -4.47
C SER A 89 3.09 -13.83 -2.99
N LYS A 90 4.14 -13.58 -2.22
CA LYS A 90 4.12 -13.85 -0.78
C LYS A 90 3.10 -12.98 -0.04
N THR A 91 2.69 -11.86 -0.66
CA THR A 91 1.73 -10.94 -0.06
C THR A 91 0.35 -11.13 -0.69
N LYS A 92 -0.65 -11.33 0.16
CA LYS A 92 -2.03 -11.52 -0.31
C LYS A 92 -2.72 -10.18 -0.49
N ILE A 93 -3.46 -10.05 -1.59
CA ILE A 93 -4.17 -8.79 -1.90
C ILE A 93 -5.65 -9.08 -2.20
N ALA A 94 -6.54 -8.33 -1.55
CA ALA A 94 -7.98 -8.49 -1.75
C ALA A 94 -8.69 -7.15 -1.61
N GLU A 95 -9.87 -7.02 -2.22
CA GLU A 95 -10.63 -5.77 -2.16
C GLU A 95 -11.50 -5.72 -0.90
N ALA A 96 -11.35 -4.64 -0.13
CA ALA A 96 -12.12 -4.48 1.11
C ALA A 96 -12.26 -2.99 1.46
N SER A 97 -13.34 -2.67 2.19
CA SER A 97 -13.59 -1.28 2.62
C SER A 97 -12.61 -0.89 3.73
N GLU A 98 -12.48 0.42 3.97
CA GLU A 98 -11.55 0.90 4.99
C GLU A 98 -11.90 0.32 6.36
N ASP A 99 -10.85 -0.06 7.12
CA ASP A 99 -11.04 -0.63 8.45
C ASP A 99 -11.25 0.44 9.51
N GLY A 100 -12.46 0.47 10.07
CA GLY A 100 -12.85 1.42 11.11
C GLY A 100 -13.35 2.74 10.52
N PHE A 101 -12.88 3.05 9.30
CA PHE A 101 -13.32 4.26 8.60
C PHE A 101 -14.46 3.88 7.65
N PRO A 102 -15.33 4.81 7.25
CA PRO A 102 -16.43 4.47 6.31
C PRO A 102 -15.92 3.75 5.07
N GLU A 103 -14.91 4.35 4.44
CA GLU A 103 -14.25 3.80 3.24
C GLU A 103 -13.28 4.86 2.67
N SER A 104 -12.93 4.72 1.39
CA SER A 104 -12.01 5.63 0.71
C SER A 104 -12.49 7.10 0.73
N SER A 105 -13.73 7.33 1.15
CA SER A 105 -14.28 8.70 1.19
C SER A 105 -13.37 9.62 2.01
N GLN A 106 -12.80 9.08 3.09
CA GLN A 106 -11.90 9.85 3.95
C GLN A 106 -10.43 9.71 3.53
N ILE A 107 -10.20 9.23 2.28
CA ILE A 107 -8.84 9.03 1.77
C ILE A 107 -8.02 10.35 1.82
N PRO A 108 -6.74 10.32 2.26
CA PRO A 108 -5.88 11.54 2.34
C PRO A 108 -5.33 11.94 0.99
N GLU A 109 -4.85 13.19 0.88
CA GLU A 109 -4.31 13.68 -0.38
C GLU A 109 -2.78 13.67 -0.44
N ASN A 110 -2.11 13.91 0.69
CA ASN A 110 -0.65 13.94 0.67
C ASN A 110 0.00 13.52 1.99
N THR A 111 -0.18 14.33 3.03
CA THR A 111 0.43 14.04 4.34
C THR A 111 -0.57 13.36 5.29
N PRO A 112 -0.09 12.67 6.32
CA PRO A 112 -0.99 11.97 7.29
C PRO A 112 -2.02 12.92 7.90
N THR A 113 -3.26 12.47 7.97
CA THR A 113 -4.35 13.27 8.53
C THR A 113 -5.12 12.47 9.58
N ALA A 114 -5.78 13.20 10.49
CA ALA A 114 -6.57 12.56 11.54
C ALA A 114 -8.05 12.61 11.20
N GLU A 115 -8.74 11.49 11.41
CA GLU A 115 -10.17 11.41 11.11
C GLU A 115 -10.91 10.66 12.22
N ASN A 116 -10.56 10.97 13.47
CA ASN A 116 -11.21 10.35 14.62
C ASN A 116 -11.14 8.81 14.53
N LEU A 117 -9.93 8.29 14.28
CA LEU A 117 -9.74 6.84 14.16
C LEU A 117 -10.25 6.14 15.40
N TYR A 118 -11.16 5.18 15.19
CA TYR A 118 -11.76 4.42 16.30
C TYR A 118 -11.60 2.92 16.04
N PHE A 119 -12.19 2.45 14.94
CA PHE A 119 -12.14 1.05 14.56
C PHE A 119 -12.73 0.16 15.68
N GLN A 120 -11.91 -0.25 16.65
CA GLN A 120 -12.38 -1.09 17.76
C GLN A 120 -11.59 -0.81 19.03
N SER A 121 -12.31 -0.56 20.12
CA SER A 121 -11.68 -0.27 21.41
C SER A 121 -10.88 -1.48 21.90
N GLY A 122 -11.46 -2.68 21.71
CA GLY A 122 -10.82 -3.92 22.13
C GLY A 122 -9.48 -4.12 21.41
N SER A 123 -9.47 -3.79 20.11
CA SER A 123 -8.26 -3.94 19.29
C SER A 123 -7.73 -5.38 19.37
N HIS A 124 -8.65 -6.34 19.40
CA HIS A 124 -8.29 -7.76 19.47
C HIS A 124 -9.36 -8.62 18.81
N MET A 1 -1.15 -4.75 15.56
CA MET A 1 -2.23 -4.97 14.55
C MET A 1 -2.74 -3.63 14.05
N GLU A 2 -3.05 -3.56 12.76
CA GLU A 2 -3.56 -2.34 12.15
C GLU A 2 -2.59 -1.18 12.38
N GLU A 3 -1.80 -0.88 11.35
CA GLU A 3 -0.81 0.20 11.43
C GLU A 3 -1.20 1.33 10.49
N LYS A 4 -0.99 2.57 10.93
CA LYS A 4 -1.33 3.74 10.11
C LYS A 4 -0.38 3.82 8.92
N VAL A 5 -0.95 3.92 7.72
CA VAL A 5 -0.16 3.99 6.49
C VAL A 5 0.63 5.31 6.43
N GLY A 6 -0.04 6.41 6.76
CA GLY A 6 0.59 7.73 6.72
C GLY A 6 1.77 7.83 7.67
N ASN A 7 1.62 7.22 8.85
CA ASN A 7 2.69 7.24 9.87
C ASN A 7 3.34 5.87 10.05
N LEU A 8 3.17 4.98 9.06
CA LEU A 8 3.74 3.63 9.15
C LEU A 8 5.23 3.68 9.46
N LYS A 9 5.81 2.50 9.68
CA LYS A 9 7.23 2.38 9.98
C LYS A 9 7.95 1.74 8.78
N PRO A 10 8.83 2.46 8.06
CA PRO A 10 9.56 1.87 6.89
C PRO A 10 10.51 0.78 7.32
N ASN A 11 10.90 -0.07 6.37
CA ASN A 11 11.81 -1.19 6.65
C ASN A 11 11.19 -2.12 7.70
N MET A 12 9.88 -2.36 7.56
CA MET A 12 9.16 -3.24 8.48
C MET A 12 8.91 -4.58 7.80
N GLU A 13 9.09 -5.66 8.57
CA GLU A 13 8.92 -7.01 8.05
C GLU A 13 7.51 -7.27 7.54
N SER A 14 6.49 -6.77 8.26
CA SER A 14 5.10 -6.99 7.84
C SER A 14 4.15 -5.91 8.37
N VAL A 15 3.18 -5.55 7.52
CA VAL A 15 2.17 -4.55 7.87
C VAL A 15 0.81 -4.98 7.33
N ASN A 16 -0.27 -4.55 7.98
CA ASN A 16 -1.63 -4.87 7.54
C ASN A 16 -2.46 -3.61 7.39
N VAL A 17 -2.81 -3.27 6.14
CA VAL A 17 -3.60 -2.06 5.88
C VAL A 17 -4.47 -2.21 4.63
N THR A 18 -5.47 -1.35 4.53
CA THR A 18 -6.37 -1.31 3.38
C THR A 18 -6.42 0.11 2.83
N VAL A 19 -5.97 0.30 1.59
CA VAL A 19 -5.92 1.64 1.00
C VAL A 19 -6.37 1.67 -0.46
N ARG A 20 -6.73 2.88 -0.91
CA ARG A 20 -7.18 3.11 -2.27
C ARG A 20 -5.99 3.51 -3.15
N VAL A 21 -5.95 2.98 -4.37
CA VAL A 21 -4.85 3.29 -5.29
C VAL A 21 -5.10 4.65 -5.94
N LEU A 22 -4.41 5.67 -5.41
CA LEU A 22 -4.53 7.04 -5.92
C LEU A 22 -3.92 7.12 -7.33
N GLU A 23 -2.76 6.49 -7.50
CA GLU A 23 -2.06 6.50 -8.79
C GLU A 23 -1.31 5.19 -8.99
N ALA A 24 -1.27 4.72 -10.24
CA ALA A 24 -0.58 3.47 -10.57
C ALA A 24 0.00 3.55 -11.98
N SER A 25 1.11 2.81 -12.20
CA SER A 25 1.76 2.78 -13.50
C SER A 25 2.07 1.35 -13.91
N GLU A 26 1.91 1.05 -15.20
CA GLU A 26 2.16 -0.30 -15.71
C GLU A 26 3.55 -0.78 -15.31
N ALA A 27 3.65 -2.09 -15.13
CA ALA A 27 4.91 -2.72 -14.73
C ALA A 27 5.95 -2.65 -15.85
N ARG A 28 7.21 -2.48 -15.45
CA ARG A 28 8.32 -2.41 -16.40
C ARG A 28 9.44 -3.34 -15.95
N GLN A 29 10.08 -3.99 -16.92
CA GLN A 29 11.17 -4.94 -16.62
C GLN A 29 12.49 -4.20 -16.37
N ILE A 30 13.22 -4.65 -15.34
CA ILE A 30 14.51 -4.04 -15.00
C ILE A 30 15.58 -5.13 -15.07
N GLN A 31 16.53 -4.95 -15.98
CA GLN A 31 17.60 -5.93 -16.14
C GLN A 31 18.65 -5.82 -15.04
N THR A 32 19.05 -6.97 -14.52
CA THR A 32 20.04 -7.05 -13.46
C THR A 32 20.91 -8.30 -13.65
N LYS A 33 22.00 -8.37 -12.91
CA LYS A 33 22.92 -9.52 -13.01
C LYS A 33 22.19 -10.82 -12.69
N ASN A 34 21.30 -10.77 -11.69
CA ASN A 34 20.54 -11.96 -11.28
C ASN A 34 19.35 -12.25 -12.22
N GLY A 35 19.05 -11.32 -13.12
CA GLY A 35 17.94 -11.49 -14.06
C GLY A 35 17.18 -10.18 -14.25
N VAL A 36 15.98 -10.26 -14.83
CA VAL A 36 15.15 -9.06 -15.08
C VAL A 36 13.94 -9.09 -14.15
N ARG A 37 13.40 -7.91 -13.76
CA ARG A 37 12.25 -7.87 -12.86
C ARG A 37 11.21 -6.88 -13.33
N THR A 38 9.97 -7.36 -13.46
CA THR A 38 8.88 -6.49 -13.88
C THR A 38 8.25 -5.88 -12.63
N ILE A 39 8.49 -4.58 -12.44
CA ILE A 39 7.95 -3.89 -11.26
C ILE A 39 7.03 -2.74 -11.66
N SER A 40 6.03 -2.48 -10.84
CA SER A 40 5.08 -1.41 -11.09
C SER A 40 5.16 -0.38 -9.99
N GLU A 41 5.06 0.89 -10.39
CA GLU A 41 5.13 1.99 -9.44
C GLU A 41 3.75 2.59 -9.22
N ALA A 42 3.35 2.67 -7.95
CA ALA A 42 2.04 3.22 -7.60
C ALA A 42 2.08 3.86 -6.22
N ILE A 43 1.14 4.76 -5.98
CA ILE A 43 1.04 5.45 -4.70
C ILE A 43 -0.32 5.13 -4.10
N VAL A 44 -0.31 4.65 -2.86
CA VAL A 44 -1.56 4.25 -2.20
C VAL A 44 -1.69 4.89 -0.81
N GLY A 45 -2.93 5.01 -0.34
CA GLY A 45 -3.20 5.59 0.98
C GLY A 45 -4.71 5.65 1.24
N ASP A 46 -5.08 5.76 2.53
CA ASP A 46 -6.49 5.85 2.94
C ASP A 46 -6.61 5.93 4.46
N GLU A 47 -5.81 5.12 5.16
CA GLU A 47 -5.87 5.07 6.62
C GLU A 47 -5.56 6.46 7.21
N THR A 48 -4.50 7.10 6.71
CA THR A 48 -4.13 8.43 7.20
C THR A 48 -3.52 9.29 6.09
N GLY A 49 -2.78 8.65 5.17
CA GLY A 49 -2.15 9.39 4.07
C GLY A 49 -1.59 8.45 3.00
N ARG A 50 -0.81 9.02 2.09
CA ARG A 50 -0.23 8.27 0.97
C ARG A 50 1.24 7.91 1.22
N VAL A 51 1.68 6.86 0.54
CA VAL A 51 3.07 6.38 0.62
C VAL A 51 3.44 5.70 -0.69
N LYS A 52 4.74 5.66 -1.01
CA LYS A 52 5.20 5.03 -2.25
C LYS A 52 4.98 3.52 -2.16
N LEU A 53 4.45 2.92 -3.22
CA LEU A 53 4.18 1.48 -3.22
C LEU A 53 4.52 0.88 -4.58
N THR A 54 5.48 -0.05 -4.59
CA THR A 54 5.84 -0.74 -5.84
C THR A 54 5.90 -2.24 -5.63
N LEU A 55 5.22 -2.96 -6.51
CA LEU A 55 5.18 -4.43 -6.44
C LEU A 55 5.88 -5.02 -7.65
N TRP A 56 6.35 -6.27 -7.50
CA TRP A 56 7.05 -6.94 -8.60
C TRP A 56 6.33 -8.24 -8.99
N GLY A 57 6.47 -8.59 -10.26
CA GLY A 57 5.85 -9.79 -10.82
C GLY A 57 4.39 -9.57 -11.18
N LYS A 58 3.60 -10.63 -11.08
CA LYS A 58 2.17 -10.58 -11.41
C LYS A 58 1.48 -9.55 -10.53
N HIS A 59 1.91 -9.45 -9.27
CA HIS A 59 1.34 -8.49 -8.34
C HIS A 59 1.58 -7.07 -8.85
N ALA A 60 2.75 -6.86 -9.47
CA ALA A 60 3.09 -5.54 -10.02
C ALA A 60 2.05 -5.11 -11.05
N GLY A 61 1.66 -6.07 -11.90
CA GLY A 61 0.65 -5.80 -12.92
C GLY A 61 -0.78 -6.03 -12.41
N SER A 62 -0.91 -6.47 -11.14
CA SER A 62 -2.22 -6.73 -10.55
C SER A 62 -2.83 -5.48 -9.88
N ILE A 63 -2.27 -4.30 -10.15
CA ILE A 63 -2.79 -3.06 -9.55
C ILE A 63 -3.20 -2.09 -10.65
N LYS A 64 -4.09 -1.15 -10.31
CA LYS A 64 -4.56 -0.18 -11.27
C LYS A 64 -5.03 1.09 -10.56
N GLU A 65 -4.74 2.24 -11.17
CA GLU A 65 -5.14 3.53 -10.60
C GLU A 65 -6.65 3.62 -10.46
N GLY A 66 -7.11 4.08 -9.29
CA GLY A 66 -8.53 4.21 -9.01
C GLY A 66 -9.12 2.93 -8.40
N GLN A 67 -8.35 1.84 -8.43
CA GLN A 67 -8.81 0.57 -7.88
C GLN A 67 -8.43 0.46 -6.41
N VAL A 68 -9.40 0.12 -5.56
CA VAL A 68 -9.16 -0.02 -4.13
C VAL A 68 -8.59 -1.42 -3.84
N VAL A 69 -7.43 -1.46 -3.17
CA VAL A 69 -6.79 -2.73 -2.85
C VAL A 69 -6.38 -2.81 -1.38
N LYS A 70 -6.27 -4.03 -0.87
CA LYS A 70 -5.88 -4.27 0.51
C LYS A 70 -4.66 -5.17 0.55
N ILE A 71 -3.67 -4.77 1.34
CA ILE A 71 -2.42 -5.53 1.45
C ILE A 71 -2.31 -6.23 2.80
N GLU A 72 -1.85 -7.49 2.77
CA GLU A 72 -1.67 -8.28 3.98
C GLU A 72 -0.23 -8.76 4.08
N ASN A 73 0.36 -8.59 5.27
CA ASN A 73 1.75 -9.00 5.50
C ASN A 73 2.67 -8.34 4.47
N ALA A 74 2.38 -7.08 4.15
CA ALA A 74 3.17 -6.33 3.19
C ALA A 74 4.54 -5.98 3.76
N TRP A 75 5.56 -6.03 2.91
CA TRP A 75 6.92 -5.72 3.32
C TRP A 75 7.35 -4.39 2.71
N THR A 76 7.90 -3.49 3.51
CA THR A 76 8.32 -2.17 3.01
C THR A 76 9.78 -1.90 3.32
N THR A 77 10.40 -1.03 2.51
CA THR A 77 11.80 -0.66 2.70
C THR A 77 11.96 0.84 2.50
N ALA A 78 13.08 1.40 2.98
CA ALA A 78 13.33 2.84 2.84
C ALA A 78 14.74 3.11 2.34
N PHE A 79 14.84 3.78 1.19
CA PHE A 79 16.13 4.12 0.61
C PHE A 79 16.15 5.59 0.22
N LYS A 80 17.30 6.24 0.41
CA LYS A 80 17.45 7.66 0.07
C LYS A 80 16.45 8.53 0.85
N GLY A 81 16.07 8.07 2.04
CA GLY A 81 15.12 8.82 2.88
C GLY A 81 13.71 8.82 2.26
N GLN A 82 13.40 7.78 1.49
CA GLN A 82 12.09 7.65 0.84
C GLN A 82 11.37 6.40 1.34
N VAL A 83 10.08 6.54 1.64
CA VAL A 83 9.28 5.43 2.14
C VAL A 83 8.58 4.73 0.97
N GLN A 84 8.85 3.43 0.82
CA GLN A 84 8.25 2.64 -0.27
C GLN A 84 7.84 1.24 0.19
N LEU A 85 6.95 0.62 -0.57
CA LEU A 85 6.46 -0.73 -0.25
C LEU A 85 6.84 -1.73 -1.33
N ASN A 86 7.47 -2.85 -0.93
CA ASN A 86 7.88 -3.88 -1.88
C ASN A 86 7.14 -5.19 -1.59
N ALA A 87 6.52 -5.73 -2.62
CA ALA A 87 5.77 -6.99 -2.50
C ALA A 87 5.78 -7.72 -3.85
N GLY A 88 5.58 -9.05 -3.80
CA GLY A 88 5.57 -9.85 -5.03
C GLY A 88 5.83 -11.33 -4.73
N SER A 89 6.76 -11.60 -3.81
CA SER A 89 7.10 -12.99 -3.46
C SER A 89 5.92 -13.76 -2.88
N LYS A 90 5.25 -13.17 -1.89
CA LYS A 90 4.10 -13.82 -1.24
C LYS A 90 3.08 -12.79 -0.76
N THR A 91 2.95 -11.70 -1.50
CA THR A 91 2.01 -10.63 -1.14
C THR A 91 0.58 -11.01 -1.49
N LYS A 92 -0.35 -10.67 -0.59
CA LYS A 92 -1.77 -10.95 -0.81
C LYS A 92 -2.50 -9.64 -1.05
N ILE A 93 -3.25 -9.59 -2.16
CA ILE A 93 -4.00 -8.40 -2.55
C ILE A 93 -5.48 -8.75 -2.73
N ALA A 94 -6.36 -8.00 -2.06
CA ALA A 94 -7.80 -8.22 -2.15
C ALA A 94 -8.55 -6.89 -1.99
N GLU A 95 -9.69 -6.76 -2.67
CA GLU A 95 -10.48 -5.54 -2.61
C GLU A 95 -11.27 -5.45 -1.30
N ALA A 96 -11.10 -4.33 -0.59
CA ALA A 96 -11.78 -4.12 0.68
C ALA A 96 -11.94 -2.62 0.97
N SER A 97 -12.91 -2.28 1.81
CA SER A 97 -13.16 -0.87 2.17
C SER A 97 -12.54 -0.57 3.54
N GLU A 98 -12.62 0.70 3.94
CA GLU A 98 -12.06 1.14 5.22
C GLU A 98 -12.52 0.27 6.37
N ASP A 99 -11.57 -0.37 7.06
CA ASP A 99 -11.89 -1.22 8.20
C ASP A 99 -12.02 -0.39 9.47
N GLY A 100 -13.25 -0.29 9.98
CA GLY A 100 -13.55 0.46 11.20
C GLY A 100 -13.75 1.95 10.92
N PHE A 101 -13.15 2.44 9.83
CA PHE A 101 -13.31 3.84 9.41
C PHE A 101 -14.43 3.93 8.38
N PRO A 102 -15.06 5.10 8.18
CA PRO A 102 -16.16 5.24 7.18
C PRO A 102 -15.73 4.76 5.78
N GLU A 103 -14.88 5.55 5.12
CA GLU A 103 -14.38 5.21 3.78
C GLU A 103 -13.40 6.29 3.33
N SER A 104 -12.59 5.97 2.34
CA SER A 104 -11.57 6.89 1.82
C SER A 104 -12.18 8.17 1.23
N SER A 105 -13.49 8.16 0.95
CA SER A 105 -14.16 9.32 0.36
C SER A 105 -14.05 10.56 1.23
N GLN A 106 -14.16 10.38 2.56
CA GLN A 106 -14.07 11.53 3.49
C GLN A 106 -12.68 11.65 4.14
N ILE A 107 -11.80 10.67 3.93
CA ILE A 107 -10.46 10.70 4.51
C ILE A 107 -9.41 10.95 3.40
N PRO A 108 -8.85 12.16 3.29
CA PRO A 108 -7.81 12.47 2.24
C PRO A 108 -6.58 11.57 2.35
N GLU A 109 -6.13 11.05 1.22
CA GLU A 109 -4.94 10.18 1.17
C GLU A 109 -3.69 10.96 0.70
N ASN A 110 -3.88 12.15 0.14
CA ASN A 110 -2.79 12.97 -0.37
C ASN A 110 -1.81 13.37 0.73
N THR A 111 -2.34 13.71 1.91
CA THR A 111 -1.50 14.13 3.03
C THR A 111 -1.85 13.32 4.30
N PRO A 112 -0.88 13.01 5.17
CA PRO A 112 -1.15 12.24 6.44
C PRO A 112 -2.16 12.95 7.33
N THR A 113 -3.00 12.16 8.02
CA THR A 113 -4.01 12.71 8.91
C THR A 113 -3.93 12.06 10.29
N ALA A 114 -4.47 12.73 11.30
CA ALA A 114 -4.45 12.22 12.66
C ALA A 114 -5.80 11.59 13.02
N GLU A 115 -5.75 10.36 13.53
CA GLU A 115 -6.97 9.65 13.92
C GLU A 115 -6.63 8.51 14.90
N ASN A 116 -7.64 8.07 15.65
CA ASN A 116 -7.45 6.99 16.62
C ASN A 116 -8.69 6.10 16.70
N LEU A 117 -8.75 5.12 15.80
CA LEU A 117 -9.87 4.19 15.74
C LEU A 117 -9.44 2.89 15.05
N TYR A 118 -9.89 1.75 15.59
CA TYR A 118 -9.55 0.45 15.03
C TYR A 118 -10.79 -0.38 14.76
N PHE A 119 -10.71 -1.27 13.76
CA PHE A 119 -11.82 -2.13 13.41
C PHE A 119 -12.21 -2.99 14.61
N GLN A 120 -13.51 -2.96 14.96
CA GLN A 120 -14.02 -3.74 16.09
C GLN A 120 -13.18 -3.49 17.35
N SER A 121 -13.48 -4.22 18.42
CA SER A 121 -12.74 -4.09 19.68
C SER A 121 -12.55 -5.44 20.34
N GLY A 122 -11.34 -5.69 20.83
CA GLY A 122 -11.01 -6.96 21.48
C GLY A 122 -9.52 -7.25 21.40
N SER A 123 -9.14 -8.47 21.76
CA SER A 123 -7.74 -8.88 21.73
C SER A 123 -7.63 -10.40 21.55
N HIS A 124 -6.45 -10.85 21.13
CA HIS A 124 -6.21 -12.28 20.92
C HIS A 124 -5.32 -12.84 22.03
N MET A 1 -5.30 -0.81 16.24
CA MET A 1 -5.74 -1.70 15.12
C MET A 1 -4.94 -1.35 13.87
N GLU A 2 -4.16 -2.33 13.39
CA GLU A 2 -3.34 -2.14 12.20
C GLU A 2 -2.40 -0.94 12.37
N GLU A 3 -1.46 -0.79 11.44
CA GLU A 3 -0.50 0.30 11.49
C GLU A 3 -0.94 1.45 10.58
N LYS A 4 -0.66 2.68 11.00
CA LYS A 4 -1.02 3.85 10.21
C LYS A 4 -0.17 3.88 8.95
N VAL A 5 -0.82 4.07 7.79
CA VAL A 5 -0.11 4.09 6.52
C VAL A 5 0.85 5.28 6.46
N GLY A 6 0.35 6.45 6.87
CA GLY A 6 1.16 7.66 6.85
C GLY A 6 2.36 7.60 7.78
N ASN A 7 2.18 6.98 8.95
CA ASN A 7 3.25 6.88 9.95
C ASN A 7 3.78 5.44 10.09
N LEU A 8 3.50 4.58 9.09
CA LEU A 8 3.96 3.20 9.14
C LEU A 8 5.46 3.13 9.39
N LYS A 9 5.96 1.93 9.69
CA LYS A 9 7.38 1.73 9.95
C LYS A 9 8.06 1.02 8.76
N PRO A 10 8.93 1.69 8.00
CA PRO A 10 9.64 1.04 6.84
C PRO A 10 10.58 -0.08 7.28
N ASN A 11 10.99 -0.92 6.33
CA ASN A 11 11.90 -2.04 6.61
C ASN A 11 11.29 -3.03 7.61
N MET A 12 10.00 -3.29 7.48
CA MET A 12 9.31 -4.23 8.36
C MET A 12 8.86 -5.46 7.57
N GLU A 13 9.02 -6.63 8.19
CA GLU A 13 8.66 -7.89 7.55
C GLU A 13 7.16 -7.99 7.27
N SER A 14 6.32 -7.50 8.19
CA SER A 14 4.87 -7.58 8.02
C SER A 14 4.17 -6.25 8.28
N VAL A 15 3.27 -5.90 7.37
CA VAL A 15 2.48 -4.67 7.48
C VAL A 15 1.04 -4.96 7.01
N ASN A 16 0.06 -4.65 7.87
CA ASN A 16 -1.34 -4.88 7.52
C ASN A 16 -2.12 -3.56 7.54
N VAL A 17 -2.53 -3.10 6.35
CA VAL A 17 -3.27 -1.84 6.25
C VAL A 17 -4.25 -1.87 5.07
N THR A 18 -5.21 -0.94 5.09
CA THR A 18 -6.18 -0.82 4.01
C THR A 18 -5.91 0.48 3.26
N VAL A 19 -5.86 0.42 1.93
CA VAL A 19 -5.58 1.61 1.13
C VAL A 19 -6.23 1.52 -0.24
N ARG A 20 -6.23 2.67 -0.94
CA ARG A 20 -6.79 2.72 -2.28
C ARG A 20 -5.69 3.15 -3.25
N VAL A 21 -5.75 2.63 -4.47
CA VAL A 21 -4.74 2.97 -5.48
C VAL A 21 -5.09 4.32 -6.10
N LEU A 22 -4.51 5.37 -5.53
CA LEU A 22 -4.73 6.74 -6.01
C LEU A 22 -4.11 6.95 -7.39
N GLU A 23 -2.91 6.39 -7.58
CA GLU A 23 -2.21 6.52 -8.85
C GLU A 23 -1.32 5.31 -9.08
N ALA A 24 -1.29 4.83 -10.32
CA ALA A 24 -0.47 3.67 -10.67
C ALA A 24 0.03 3.77 -12.11
N SER A 25 1.20 3.20 -12.36
CA SER A 25 1.80 3.21 -13.70
C SER A 25 2.12 1.78 -14.12
N GLU A 26 2.07 1.54 -15.44
CA GLU A 26 2.36 0.20 -15.97
C GLU A 26 3.75 -0.23 -15.54
N ALA A 27 3.86 -1.51 -15.16
CA ALA A 27 5.12 -2.05 -14.70
C ALA A 27 6.15 -2.09 -15.83
N ARG A 28 7.37 -1.68 -15.50
CA ARG A 28 8.47 -1.67 -16.46
C ARG A 28 9.51 -2.72 -16.04
N GLN A 29 9.95 -3.54 -17.00
CA GLN A 29 10.92 -4.59 -16.70
C GLN A 29 12.34 -4.02 -16.64
N ILE A 30 13.13 -4.52 -15.69
CA ILE A 30 14.51 -4.08 -15.52
C ILE A 30 15.41 -5.31 -15.55
N GLN A 31 16.37 -5.31 -16.45
CA GLN A 31 17.28 -6.46 -16.57
C GLN A 31 18.55 -6.23 -15.78
N THR A 32 19.09 -7.33 -15.28
CA THR A 32 20.32 -7.32 -14.50
C THR A 32 21.04 -8.64 -14.71
N LYS A 33 22.27 -8.74 -14.21
CA LYS A 33 23.06 -9.96 -14.35
C LYS A 33 22.32 -11.14 -13.73
N ASN A 34 21.64 -10.88 -12.60
CA ASN A 34 20.89 -11.93 -11.90
C ASN A 34 19.52 -12.23 -12.54
N GLY A 35 19.13 -11.47 -13.57
CA GLY A 35 17.84 -11.71 -14.24
C GLY A 35 17.08 -10.41 -14.48
N VAL A 36 15.80 -10.54 -14.87
CA VAL A 36 14.96 -9.37 -15.15
C VAL A 36 13.80 -9.33 -14.16
N ARG A 37 13.28 -8.12 -13.87
CA ARG A 37 12.18 -7.98 -12.92
C ARG A 37 11.17 -6.96 -13.41
N THR A 38 9.89 -7.31 -13.33
CA THR A 38 8.84 -6.40 -13.74
C THR A 38 8.30 -5.68 -12.50
N ILE A 39 8.60 -4.39 -12.40
CA ILE A 39 8.16 -3.59 -11.25
C ILE A 39 7.29 -2.42 -11.70
N SER A 40 6.37 -2.01 -10.83
CA SER A 40 5.46 -0.90 -11.12
C SER A 40 5.47 0.12 -9.99
N GLU A 41 5.36 1.39 -10.36
CA GLU A 41 5.36 2.47 -9.38
C GLU A 41 3.94 3.00 -9.19
N ALA A 42 3.49 3.04 -7.93
CA ALA A 42 2.15 3.51 -7.60
C ALA A 42 2.14 4.10 -6.20
N ILE A 43 1.14 4.94 -5.92
CA ILE A 43 0.99 5.55 -4.61
C ILE A 43 -0.40 5.24 -4.08
N VAL A 44 -0.44 4.68 -2.87
CA VAL A 44 -1.69 4.30 -2.24
C VAL A 44 -1.79 4.87 -0.82
N GLY A 45 -3.02 5.01 -0.33
CA GLY A 45 -3.26 5.53 1.02
C GLY A 45 -4.74 5.59 1.35
N ASP A 46 -5.06 5.63 2.64
CA ASP A 46 -6.44 5.69 3.11
C ASP A 46 -6.50 5.73 4.63
N GLU A 47 -5.61 4.98 5.27
CA GLU A 47 -5.58 4.93 6.74
C GLU A 47 -5.33 6.31 7.32
N THR A 48 -4.35 7.03 6.78
CA THR A 48 -4.05 8.38 7.25
C THR A 48 -3.53 9.28 6.13
N GLY A 49 -2.61 8.76 5.32
CA GLY A 49 -2.03 9.55 4.22
C GLY A 49 -1.58 8.65 3.08
N ARG A 50 -0.85 9.25 2.11
CA ARG A 50 -0.36 8.51 0.96
C ARG A 50 1.12 8.15 1.11
N VAL A 51 1.47 6.96 0.64
CA VAL A 51 2.86 6.47 0.71
C VAL A 51 3.18 5.72 -0.58
N LYS A 52 4.44 5.74 -1.00
CA LYS A 52 4.83 5.05 -2.23
C LYS A 52 4.72 3.56 -2.06
N LEU A 53 4.31 2.91 -3.14
CA LEU A 53 4.12 1.48 -3.15
C LEU A 53 4.58 0.89 -4.49
N THR A 54 5.63 0.05 -4.46
CA THR A 54 6.12 -0.57 -5.69
C THR A 54 5.91 -2.07 -5.63
N LEU A 55 5.21 -2.63 -6.63
CA LEU A 55 4.94 -4.07 -6.65
C LEU A 55 5.93 -4.80 -7.55
N TRP A 56 6.16 -6.08 -7.23
CA TRP A 56 7.12 -6.89 -7.99
C TRP A 56 6.42 -8.03 -8.73
N GLY A 57 6.87 -8.24 -9.97
CA GLY A 57 6.36 -9.32 -10.81
C GLY A 57 4.89 -9.16 -11.20
N LYS A 58 4.12 -10.23 -10.98
CA LYS A 58 2.70 -10.25 -11.32
C LYS A 58 1.96 -9.11 -10.62
N HIS A 59 2.36 -8.84 -9.37
CA HIS A 59 1.74 -7.77 -8.61
C HIS A 59 1.96 -6.42 -9.32
N ALA A 60 3.16 -6.26 -9.91
CA ALA A 60 3.50 -5.04 -10.63
C ALA A 60 2.56 -4.80 -11.80
N GLY A 61 2.26 -5.87 -12.52
CA GLY A 61 1.38 -5.80 -13.70
C GLY A 61 -0.11 -6.00 -13.37
N SER A 62 -0.45 -6.23 -12.09
CA SER A 62 -1.85 -6.46 -11.71
C SER A 62 -2.46 -5.28 -10.95
N ILE A 63 -1.75 -4.15 -10.91
CA ILE A 63 -2.25 -2.98 -10.20
C ILE A 63 -3.16 -2.15 -11.11
N LYS A 64 -4.13 -1.49 -10.48
CA LYS A 64 -5.09 -0.66 -11.20
C LYS A 64 -5.43 0.58 -10.40
N GLU A 65 -5.50 1.72 -11.08
CA GLU A 65 -5.85 2.99 -10.42
C GLU A 65 -7.35 3.06 -10.16
N GLY A 66 -7.70 3.55 -8.97
CA GLY A 66 -9.11 3.68 -8.57
C GLY A 66 -9.62 2.42 -7.86
N GLN A 67 -8.88 1.33 -7.96
CA GLN A 67 -9.26 0.07 -7.31
C GLN A 67 -8.66 -0.01 -5.92
N VAL A 68 -9.51 -0.32 -4.93
CA VAL A 68 -9.05 -0.43 -3.54
C VAL A 68 -8.32 -1.76 -3.34
N VAL A 69 -7.13 -1.67 -2.76
CA VAL A 69 -6.33 -2.87 -2.46
C VAL A 69 -6.03 -2.92 -0.97
N LYS A 70 -5.96 -4.14 -0.44
CA LYS A 70 -5.69 -4.34 0.97
C LYS A 70 -4.30 -4.97 1.11
N ILE A 71 -3.48 -4.33 1.94
CA ILE A 71 -2.10 -4.78 2.18
C ILE A 71 -2.04 -5.74 3.37
N GLU A 72 -1.50 -6.94 3.13
CA GLU A 72 -1.36 -7.93 4.19
C GLU A 72 0.04 -8.57 4.14
N ASN A 73 0.75 -8.50 5.26
CA ASN A 73 2.10 -9.04 5.36
C ASN A 73 2.99 -8.51 4.22
N ALA A 74 2.93 -7.20 4.01
CA ALA A 74 3.73 -6.58 2.95
C ALA A 74 5.03 -6.03 3.50
N TRP A 75 6.13 -6.40 2.87
CA TRP A 75 7.45 -5.95 3.27
C TRP A 75 7.69 -4.56 2.71
N THR A 76 8.11 -3.63 3.58
CA THR A 76 8.34 -2.23 3.16
C THR A 76 9.82 -1.88 3.19
N THR A 77 10.19 -0.92 2.35
CA THR A 77 11.57 -0.45 2.28
C THR A 77 11.58 1.07 2.13
N ALA A 78 12.73 1.69 2.45
CA ALA A 78 12.85 3.14 2.34
C ALA A 78 14.22 3.52 1.77
N PHE A 79 14.20 4.28 0.68
CA PHE A 79 15.43 4.73 0.02
C PHE A 79 15.37 6.22 -0.25
N LYS A 80 16.51 6.89 -0.11
CA LYS A 80 16.62 8.34 -0.36
C LYS A 80 15.68 9.12 0.58
N GLY A 81 15.47 8.59 1.79
CA GLY A 81 14.60 9.24 2.77
C GLY A 81 13.14 9.20 2.33
N GLN A 82 12.77 8.16 1.57
CA GLN A 82 11.40 8.00 1.07
C GLN A 82 10.78 6.71 1.61
N VAL A 83 9.47 6.74 1.82
CA VAL A 83 8.76 5.55 2.33
C VAL A 83 8.09 4.80 1.19
N GLN A 84 8.48 3.53 1.03
CA GLN A 84 7.92 2.68 -0.03
C GLN A 84 7.42 1.36 0.55
N LEU A 85 6.47 0.74 -0.16
CA LEU A 85 5.90 -0.55 0.26
C LEU A 85 5.84 -1.48 -0.94
N ASN A 86 6.23 -2.74 -0.77
CA ASN A 86 6.24 -3.68 -1.89
C ASN A 86 5.69 -5.05 -1.56
N ALA A 87 5.48 -5.84 -2.62
CA ALA A 87 4.96 -7.19 -2.52
C ALA A 87 5.53 -8.02 -3.67
N GLY A 88 5.50 -9.34 -3.51
CA GLY A 88 6.01 -10.25 -4.53
C GLY A 88 6.02 -11.69 -4.01
N SER A 89 6.33 -11.83 -2.71
CA SER A 89 6.37 -13.12 -2.06
C SER A 89 5.90 -12.99 -0.61
N LYS A 90 5.15 -14.00 -0.15
CA LYS A 90 4.62 -14.00 1.22
C LYS A 90 3.74 -12.76 1.48
N THR A 91 3.34 -12.05 0.42
CA THR A 91 2.50 -10.87 0.56
C THR A 91 1.14 -11.12 -0.11
N LYS A 92 0.06 -10.88 0.64
CA LYS A 92 -1.29 -11.09 0.13
C LYS A 92 -2.00 -9.76 -0.09
N ILE A 93 -2.58 -9.60 -1.27
CA ILE A 93 -3.30 -8.37 -1.63
C ILE A 93 -4.75 -8.74 -2.04
N ALA A 94 -5.72 -8.04 -1.44
CA ALA A 94 -7.14 -8.32 -1.74
C ALA A 94 -7.98 -7.05 -1.68
N GLU A 95 -9.07 -7.02 -2.45
CA GLU A 95 -9.96 -5.85 -2.47
C GLU A 95 -10.97 -5.92 -1.33
N ALA A 96 -10.82 -4.98 -0.38
CA ALA A 96 -11.74 -4.92 0.77
C ALA A 96 -11.79 -3.51 1.35
N SER A 97 -13.00 -2.94 1.41
CA SER A 97 -13.21 -1.61 1.98
C SER A 97 -13.86 -1.75 3.36
N GLU A 98 -13.67 -0.73 4.20
CA GLU A 98 -14.24 -0.75 5.55
C GLU A 98 -15.59 -0.03 5.57
N ASP A 99 -16.64 -0.77 5.93
CA ASP A 99 -18.00 -0.22 5.97
C ASP A 99 -18.27 0.51 7.29
N GLY A 100 -18.47 1.83 7.21
CA GLY A 100 -18.77 2.66 8.38
C GLY A 100 -17.53 3.32 8.96
N PHE A 101 -16.35 2.78 8.65
CA PHE A 101 -15.10 3.35 9.15
C PHE A 101 -14.70 4.57 8.33
N PRO A 102 -13.95 5.52 8.89
CA PRO A 102 -13.53 6.75 8.16
C PRO A 102 -12.33 6.49 7.23
N GLU A 103 -12.59 5.78 6.13
CA GLU A 103 -11.53 5.48 5.16
C GLU A 103 -11.87 5.97 3.76
N SER A 104 -12.99 5.50 3.21
CA SER A 104 -13.41 5.90 1.86
C SER A 104 -13.63 7.41 1.77
N SER A 105 -14.34 7.96 2.75
CA SER A 105 -14.62 9.40 2.79
C SER A 105 -13.36 10.19 3.15
N GLN A 106 -12.56 9.64 4.06
CA GLN A 106 -11.34 10.29 4.53
C GLN A 106 -10.13 9.98 3.63
N ILE A 107 -10.38 9.55 2.40
CA ILE A 107 -9.28 9.23 1.47
C ILE A 107 -8.29 10.42 1.36
N PRO A 108 -7.08 10.32 1.93
CA PRO A 108 -6.08 11.43 1.87
C PRO A 108 -5.17 11.35 0.65
N GLU A 109 -5.23 12.39 -0.17
CA GLU A 109 -4.41 12.46 -1.38
C GLU A 109 -3.18 13.38 -1.19
N ASN A 110 -3.06 14.04 -0.03
CA ASN A 110 -1.94 14.95 0.22
C ASN A 110 -0.94 14.39 1.25
N THR A 111 -1.26 14.49 2.54
CA THR A 111 -0.35 14.01 3.60
C THR A 111 -1.13 13.33 4.73
N PRO A 112 -0.47 12.56 5.60
CA PRO A 112 -1.15 11.85 6.72
C PRO A 112 -1.98 12.78 7.62
N THR A 113 -3.17 12.31 7.99
CA THR A 113 -4.07 13.07 8.84
C THR A 113 -4.48 12.22 10.04
N ALA A 114 -4.40 12.79 11.24
CA ALA A 114 -4.75 12.07 12.46
C ALA A 114 -6.25 12.20 12.76
N GLU A 115 -6.97 11.09 12.61
CA GLU A 115 -8.41 11.06 12.87
C GLU A 115 -8.93 9.62 12.79
N ASN A 116 -9.01 8.95 13.94
CA ASN A 116 -9.48 7.57 13.99
C ASN A 116 -10.86 7.45 14.65
N LEU A 117 -11.57 8.57 14.82
CA LEU A 117 -12.89 8.56 15.43
C LEU A 117 -13.97 8.89 14.41
N TYR A 118 -14.87 7.92 14.18
CA TYR A 118 -15.97 8.10 13.23
C TYR A 118 -16.89 6.87 13.24
N PHE A 119 -16.28 5.69 13.19
CA PHE A 119 -17.03 4.43 13.20
C PHE A 119 -17.89 4.35 14.47
N GLN A 120 -19.18 4.06 14.29
CA GLN A 120 -20.10 3.94 15.42
C GLN A 120 -21.12 2.83 15.15
N SER A 121 -21.28 1.93 16.12
CA SER A 121 -22.22 0.82 16.01
C SER A 121 -22.70 0.38 17.39
N GLY A 122 -24.00 0.07 17.48
CA GLY A 122 -24.58 -0.37 18.75
C GLY A 122 -24.63 0.76 19.77
N SER A 123 -24.71 2.01 19.29
CA SER A 123 -24.76 3.17 20.17
C SER A 123 -23.55 3.18 21.12
N HIS A 124 -22.39 2.78 20.58
CA HIS A 124 -21.16 2.74 21.37
C HIS A 124 -20.36 4.02 21.18
N MET A 1 -1.18 -7.80 13.67
CA MET A 1 -0.57 -6.47 13.94
C MET A 1 -1.00 -5.50 12.84
N GLU A 2 -1.41 -4.29 13.25
CA GLU A 2 -1.84 -3.26 12.30
C GLU A 2 -1.11 -1.95 12.58
N GLU A 3 -0.91 -1.17 11.51
CA GLU A 3 -0.21 0.11 11.63
C GLU A 3 -0.75 1.07 10.57
N LYS A 4 -0.70 2.37 10.87
CA LYS A 4 -1.20 3.39 9.96
C LYS A 4 -0.10 3.83 8.98
N VAL A 5 -0.45 3.87 7.69
CA VAL A 5 0.50 4.28 6.63
C VAL A 5 1.10 5.65 6.92
N GLY A 6 0.30 6.52 7.53
CA GLY A 6 0.71 7.88 7.86
C GLY A 6 1.86 7.91 8.88
N ASN A 7 1.80 7.03 9.88
CA ASN A 7 2.86 6.97 10.90
C ASN A 7 3.65 5.66 10.80
N LEU A 8 3.53 5.01 9.64
CA LEU A 8 4.19 3.75 9.37
C LEU A 8 5.65 3.99 8.98
N LYS A 9 6.54 3.45 9.81
CA LYS A 9 7.98 3.58 9.58
C LYS A 9 8.44 2.70 8.41
N PRO A 10 9.53 3.05 7.71
CA PRO A 10 10.05 2.24 6.58
C PRO A 10 10.88 1.05 7.05
N ASN A 11 11.25 0.17 6.12
CA ASN A 11 12.06 -1.01 6.45
C ASN A 11 11.36 -1.90 7.49
N MET A 12 10.05 -2.12 7.30
CA MET A 12 9.28 -2.96 8.20
C MET A 12 9.20 -4.37 7.65
N GLU A 13 9.42 -5.35 8.53
CA GLU A 13 9.40 -6.75 8.14
C GLU A 13 8.01 -7.16 7.65
N SER A 14 6.97 -6.65 8.32
CA SER A 14 5.60 -6.98 7.94
C SER A 14 4.58 -5.99 8.52
N VAL A 15 3.64 -5.57 7.69
CA VAL A 15 2.59 -4.63 8.11
C VAL A 15 1.25 -5.04 7.50
N ASN A 16 0.15 -4.66 8.17
CA ASN A 16 -1.20 -4.99 7.68
C ASN A 16 -2.06 -3.73 7.63
N VAL A 17 -2.40 -3.29 6.42
CA VAL A 17 -3.23 -2.08 6.26
C VAL A 17 -4.00 -2.12 4.93
N THR A 18 -5.15 -1.42 4.92
CA THR A 18 -5.97 -1.33 3.72
C THR A 18 -5.80 0.05 3.11
N VAL A 19 -5.41 0.10 1.83
CA VAL A 19 -5.18 1.39 1.15
C VAL A 19 -5.82 1.44 -0.23
N ARG A 20 -6.04 2.66 -0.71
CA ARG A 20 -6.64 2.88 -2.02
C ARG A 20 -5.54 3.31 -3.00
N VAL A 21 -5.50 2.67 -4.17
CA VAL A 21 -4.50 2.99 -5.18
C VAL A 21 -4.88 4.31 -5.84
N LEU A 22 -4.29 5.40 -5.33
CA LEU A 22 -4.54 6.73 -5.86
C LEU A 22 -3.98 6.87 -7.27
N GLU A 23 -2.75 6.37 -7.48
CA GLU A 23 -2.11 6.46 -8.78
C GLU A 23 -1.15 5.30 -9.00
N ALA A 24 -1.10 4.78 -10.23
CA ALA A 24 -0.22 3.67 -10.58
C ALA A 24 0.17 3.71 -12.05
N SER A 25 1.38 3.21 -12.35
CA SER A 25 1.88 3.19 -13.72
C SER A 25 2.13 1.75 -14.16
N GLU A 26 1.88 1.46 -15.43
CA GLU A 26 2.07 0.10 -15.96
C GLU A 26 3.46 -0.41 -15.61
N ALA A 27 3.52 -1.66 -15.18
CA ALA A 27 4.78 -2.27 -14.77
C ALA A 27 5.75 -2.34 -15.95
N ARG A 28 7.03 -2.12 -15.65
CA ARG A 28 8.07 -2.18 -16.66
C ARG A 28 9.10 -3.24 -16.30
N GLN A 29 9.57 -3.95 -17.33
CA GLN A 29 10.55 -5.03 -17.14
C GLN A 29 11.96 -4.45 -16.98
N ILE A 30 12.71 -4.95 -15.98
CA ILE A 30 14.07 -4.49 -15.73
C ILE A 30 14.99 -5.69 -15.59
N GLN A 31 16.01 -5.76 -16.44
CA GLN A 31 16.96 -6.88 -16.40
C GLN A 31 17.88 -6.75 -15.20
N THR A 32 18.32 -7.90 -14.70
CA THR A 32 19.21 -7.98 -13.56
C THR A 32 20.09 -9.21 -13.71
N LYS A 33 21.13 -9.31 -12.88
CA LYS A 33 22.02 -10.46 -12.93
C LYS A 33 21.21 -11.75 -12.71
N ASN A 34 20.23 -11.67 -11.81
CA ASN A 34 19.36 -12.82 -11.52
C ASN A 34 18.24 -12.99 -12.56
N GLY A 35 18.03 -11.97 -13.42
CA GLY A 35 16.97 -12.06 -14.43
C GLY A 35 16.21 -10.75 -14.55
N VAL A 36 15.12 -10.78 -15.32
CA VAL A 36 14.29 -9.59 -15.53
C VAL A 36 13.01 -9.64 -14.69
N ARG A 37 12.55 -8.47 -14.24
CA ARG A 37 11.35 -8.38 -13.42
C ARG A 37 10.49 -7.21 -13.85
N THR A 38 9.16 -7.42 -13.84
CA THR A 38 8.23 -6.36 -14.20
C THR A 38 7.80 -5.65 -12.93
N ILE A 39 8.26 -4.41 -12.76
CA ILE A 39 7.92 -3.63 -11.55
C ILE A 39 7.03 -2.44 -11.91
N SER A 40 6.03 -2.19 -11.05
CA SER A 40 5.10 -1.09 -11.26
C SER A 40 5.14 -0.12 -10.09
N GLU A 41 5.04 1.17 -10.42
CA GLU A 41 5.08 2.24 -9.43
C GLU A 41 3.69 2.75 -9.14
N ALA A 42 3.34 2.81 -7.87
CA ALA A 42 2.02 3.29 -7.47
C ALA A 42 2.09 3.93 -6.08
N ILE A 43 1.12 4.78 -5.79
CA ILE A 43 1.04 5.45 -4.52
C ILE A 43 -0.32 5.14 -3.92
N VAL A 44 -0.31 4.65 -2.69
CA VAL A 44 -1.55 4.25 -2.01
C VAL A 44 -1.65 4.87 -0.63
N GLY A 45 -2.88 5.03 -0.15
CA GLY A 45 -3.15 5.59 1.17
C GLY A 45 -4.64 5.51 1.48
N ASP A 46 -4.98 5.56 2.77
CA ASP A 46 -6.40 5.49 3.18
C ASP A 46 -6.54 5.58 4.70
N GLU A 47 -5.71 4.81 5.40
CA GLU A 47 -5.76 4.77 6.86
C GLU A 47 -5.50 6.17 7.43
N THR A 48 -4.48 6.86 6.92
CA THR A 48 -4.17 8.20 7.39
C THR A 48 -3.58 9.09 6.29
N GLY A 49 -2.81 8.49 5.38
CA GLY A 49 -2.19 9.25 4.30
C GLY A 49 -1.62 8.32 3.21
N ARG A 50 -0.87 8.91 2.28
CA ARG A 50 -0.29 8.13 1.16
C ARG A 50 1.20 7.80 1.39
N VAL A 51 1.58 6.62 0.91
CA VAL A 51 2.96 6.13 1.00
C VAL A 51 3.34 5.49 -0.33
N LYS A 52 4.60 5.65 -0.75
CA LYS A 52 5.05 5.08 -2.03
C LYS A 52 4.95 3.56 -1.97
N LEU A 53 4.42 2.95 -3.04
CA LEU A 53 4.25 1.51 -3.10
C LEU A 53 4.61 0.99 -4.49
N THR A 54 5.67 0.17 -4.56
CA THR A 54 6.09 -0.41 -5.84
C THR A 54 6.17 -1.93 -5.69
N LEU A 55 5.44 -2.66 -6.54
CA LEU A 55 5.45 -4.12 -6.47
C LEU A 55 6.03 -4.71 -7.75
N TRP A 56 6.52 -5.94 -7.64
CA TRP A 56 7.12 -6.62 -8.80
C TRP A 56 6.35 -7.90 -9.13
N GLY A 57 6.46 -8.29 -10.40
CA GLY A 57 5.81 -9.50 -10.90
C GLY A 57 4.33 -9.26 -11.24
N LYS A 58 3.52 -10.31 -11.07
CA LYS A 58 2.10 -10.23 -11.37
C LYS A 58 1.43 -9.16 -10.54
N HIS A 59 1.87 -9.03 -9.28
CA HIS A 59 1.32 -8.02 -8.38
C HIS A 59 1.59 -6.63 -8.95
N ALA A 60 2.75 -6.46 -9.58
CA ALA A 60 3.13 -5.19 -10.19
C ALA A 60 2.10 -4.80 -11.24
N GLY A 61 1.68 -5.79 -12.02
CA GLY A 61 0.68 -5.61 -13.07
C GLY A 61 -0.75 -5.80 -12.55
N SER A 62 -0.90 -6.11 -11.25
CA SER A 62 -2.22 -6.34 -10.66
C SER A 62 -2.76 -5.10 -9.94
N ILE A 63 -2.13 -3.95 -10.17
CA ILE A 63 -2.56 -2.70 -9.54
C ILE A 63 -3.00 -1.71 -10.60
N LYS A 64 -3.93 -0.84 -10.21
CA LYS A 64 -4.46 0.17 -11.11
C LYS A 64 -5.04 1.35 -10.34
N GLU A 65 -4.88 2.54 -10.88
CA GLU A 65 -5.39 3.76 -10.25
C GLU A 65 -6.90 3.69 -10.09
N GLY A 66 -7.39 4.15 -8.94
CA GLY A 66 -8.83 4.16 -8.64
C GLY A 66 -9.27 2.85 -7.98
N GLN A 67 -8.41 1.83 -8.01
CA GLN A 67 -8.72 0.53 -7.40
C GLN A 67 -8.29 0.50 -5.94
N VAL A 68 -9.16 -0.05 -5.08
CA VAL A 68 -8.86 -0.16 -3.67
C VAL A 68 -8.39 -1.57 -3.35
N VAL A 69 -7.20 -1.69 -2.76
CA VAL A 69 -6.64 -3.01 -2.42
C VAL A 69 -6.14 -3.04 -0.98
N LYS A 70 -6.06 -4.24 -0.43
CA LYS A 70 -5.59 -4.44 0.94
C LYS A 70 -4.33 -5.30 0.93
N ILE A 71 -3.34 -4.87 1.71
CA ILE A 71 -2.06 -5.57 1.77
C ILE A 71 -1.83 -6.24 3.13
N GLU A 72 -1.25 -7.44 3.08
CA GLU A 72 -0.95 -8.21 4.29
C GLU A 72 0.50 -8.65 4.26
N ASN A 73 1.15 -8.61 5.43
CA ASN A 73 2.56 -8.99 5.54
C ASN A 73 3.41 -8.20 4.53
N ALA A 74 3.06 -6.92 4.36
CA ALA A 74 3.77 -6.06 3.43
C ALA A 74 5.15 -5.69 3.97
N TRP A 75 6.12 -5.65 3.06
CA TRP A 75 7.50 -5.32 3.42
C TRP A 75 7.87 -3.99 2.77
N THR A 76 8.33 -3.03 3.57
CA THR A 76 8.71 -1.71 3.06
C THR A 76 10.21 -1.51 3.15
N THR A 77 10.70 -0.47 2.47
CA THR A 77 12.14 -0.17 2.46
C THR A 77 12.37 1.34 2.58
N ALA A 78 13.43 1.72 3.30
CA ALA A 78 13.77 3.13 3.46
C ALA A 78 14.88 3.49 2.49
N PHE A 79 14.66 4.54 1.68
CA PHE A 79 15.65 4.96 0.70
C PHE A 79 15.68 6.48 0.60
N LYS A 80 16.82 7.06 1.02
CA LYS A 80 17.02 8.51 0.97
C LYS A 80 15.94 9.25 1.78
N GLY A 81 15.55 8.66 2.91
CA GLY A 81 14.53 9.26 3.78
C GLY A 81 13.13 9.18 3.15
N GLN A 82 12.93 8.21 2.24
CA GLN A 82 11.63 8.05 1.60
C GLN A 82 11.04 6.69 1.95
N VAL A 83 9.72 6.66 2.17
CA VAL A 83 9.05 5.41 2.53
C VAL A 83 8.39 4.79 1.29
N GLN A 84 8.82 3.56 0.97
CA GLN A 84 8.27 2.84 -0.18
C GLN A 84 7.86 1.43 0.25
N LEU A 85 6.90 0.84 -0.48
CA LEU A 85 6.41 -0.50 -0.15
C LEU A 85 6.72 -1.51 -1.26
N ASN A 86 7.39 -2.59 -0.89
CA ASN A 86 7.77 -3.63 -1.84
C ASN A 86 7.10 -4.96 -1.49
N ALA A 87 6.57 -5.64 -2.51
CA ALA A 87 5.91 -6.92 -2.32
C ALA A 87 6.03 -7.78 -3.57
N GLY A 88 5.99 -9.10 -3.37
CA GLY A 88 6.09 -10.05 -4.47
C GLY A 88 4.95 -11.07 -4.40
N SER A 89 5.22 -12.27 -4.92
CA SER A 89 4.22 -13.34 -4.91
C SER A 89 3.84 -13.72 -3.48
N LYS A 90 4.85 -13.76 -2.59
CA LYS A 90 4.62 -14.11 -1.19
C LYS A 90 3.64 -13.16 -0.50
N THR A 91 3.54 -11.92 -1.01
CA THR A 91 2.64 -10.93 -0.42
C THR A 91 1.21 -11.20 -0.88
N LYS A 92 0.28 -11.25 0.08
CA LYS A 92 -1.13 -11.49 -0.23
C LYS A 92 -1.87 -10.16 -0.35
N ILE A 93 -2.57 -9.99 -1.46
CA ILE A 93 -3.33 -8.76 -1.71
C ILE A 93 -4.78 -9.11 -2.07
N ALA A 94 -5.73 -8.47 -1.39
CA ALA A 94 -7.16 -8.70 -1.62
C ALA A 94 -7.92 -7.39 -1.52
N GLU A 95 -8.99 -7.25 -2.32
CA GLU A 95 -9.79 -6.03 -2.32
C GLU A 95 -10.57 -5.88 -1.01
N ALA A 96 -10.53 -4.67 -0.44
CA ALA A 96 -11.25 -4.39 0.81
C ALA A 96 -11.57 -2.89 0.90
N SER A 97 -12.68 -2.58 1.58
CA SER A 97 -13.11 -1.19 1.76
C SER A 97 -12.75 -0.68 3.16
N GLU A 98 -13.01 0.59 3.40
CA GLU A 98 -12.72 1.21 4.69
C GLU A 98 -13.36 0.43 5.84
N ASP A 99 -12.54 0.08 6.84
CA ASP A 99 -13.05 -0.63 8.01
C ASP A 99 -13.62 0.36 9.02
N GLY A 100 -14.94 0.33 9.17
CA GLY A 100 -15.65 1.21 10.11
C GLY A 100 -15.88 2.62 9.53
N PHE A 101 -15.03 3.03 8.59
CA PHE A 101 -15.18 4.34 7.95
C PHE A 101 -15.95 4.19 6.63
N PRO A 102 -16.61 5.24 6.12
CA PRO A 102 -17.38 5.13 4.85
C PRO A 102 -16.54 4.55 3.70
N GLU A 103 -15.50 5.28 3.31
CA GLU A 103 -14.60 4.86 2.23
C GLU A 103 -13.47 5.87 2.06
N SER A 104 -12.38 5.41 1.46
CA SER A 104 -11.20 6.24 1.23
C SER A 104 -11.52 7.50 0.40
N SER A 105 -12.68 7.52 -0.27
CA SER A 105 -13.06 8.65 -1.11
C SER A 105 -13.14 9.96 -0.33
N GLN A 106 -13.64 9.89 0.91
CA GLN A 106 -13.75 11.08 1.76
C GLN A 106 -12.51 11.29 2.62
N ILE A 107 -11.73 10.23 2.85
CA ILE A 107 -10.52 10.33 3.66
C ILE A 107 -9.36 10.89 2.78
N PRO A 108 -8.68 11.98 3.18
CA PRO A 108 -7.56 12.55 2.36
C PRO A 108 -6.31 11.67 2.39
N GLU A 109 -5.79 11.37 1.21
CA GLU A 109 -4.58 10.53 1.09
C GLU A 109 -3.32 11.38 0.82
N ASN A 110 -3.52 12.64 0.42
CA ASN A 110 -2.41 13.55 0.09
C ASN A 110 -1.49 13.76 1.28
N THR A 111 -2.07 13.93 2.46
CA THR A 111 -1.29 14.16 3.68
C THR A 111 -1.74 13.22 4.80
N PRO A 112 -0.88 12.92 5.78
CA PRO A 112 -1.24 12.01 6.90
C PRO A 112 -2.24 12.66 7.86
N THR A 113 -3.16 11.85 8.38
CA THR A 113 -4.18 12.34 9.32
C THR A 113 -4.22 11.47 10.56
N ALA A 114 -4.76 12.02 11.65
CA ALA A 114 -4.86 11.27 12.91
C ALA A 114 -6.28 10.75 13.10
N GLU A 115 -6.45 9.43 12.94
CA GLU A 115 -7.76 8.80 13.10
C GLU A 115 -7.60 7.34 13.53
N ASN A 116 -8.38 6.93 14.53
CA ASN A 116 -8.32 5.56 15.03
C ASN A 116 -9.72 5.04 15.37
N LEU A 117 -10.24 4.14 14.53
CA LEU A 117 -11.57 3.57 14.74
C LEU A 117 -11.67 2.22 14.01
N TYR A 118 -12.25 1.24 14.69
CA TYR A 118 -12.42 -0.09 14.13
C TYR A 118 -13.88 -0.35 13.77
N PHE A 119 -14.10 -1.20 12.75
CA PHE A 119 -15.44 -1.52 12.29
C PHE A 119 -16.24 -2.13 13.45
N GLN A 120 -15.62 -3.11 14.14
CA GLN A 120 -16.26 -3.79 15.26
C GLN A 120 -17.54 -4.49 14.82
N SER A 121 -17.52 -5.83 14.85
CA SER A 121 -18.67 -6.63 14.45
C SER A 121 -18.67 -7.97 15.18
N GLY A 122 -19.83 -8.63 15.20
CA GLY A 122 -19.97 -9.92 15.86
C GLY A 122 -19.05 -10.96 15.22
N SER A 123 -18.97 -10.93 13.89
CA SER A 123 -18.12 -11.85 13.15
C SER A 123 -16.65 -11.69 13.54
N HIS A 124 -16.23 -10.43 13.70
CA HIS A 124 -14.85 -10.12 14.06
C HIS A 124 -14.80 -8.91 14.98
N MET A 1 0.21 -6.04 15.53
CA MET A 1 -0.17 -4.65 15.92
C MET A 1 -0.40 -3.81 14.67
N GLU A 2 -1.56 -3.17 14.60
CA GLU A 2 -1.91 -2.33 13.44
C GLU A 2 -1.10 -1.04 13.46
N GLU A 3 -0.73 -0.56 12.28
CA GLU A 3 0.06 0.66 12.18
C GLU A 3 -0.41 1.50 10.99
N LYS A 4 -0.33 2.82 11.13
CA LYS A 4 -0.76 3.74 10.07
C LYS A 4 0.33 3.95 9.02
N VAL A 5 -0.08 3.90 7.74
CA VAL A 5 0.83 4.09 6.61
C VAL A 5 1.51 5.47 6.68
N GLY A 6 0.78 6.44 7.21
CA GLY A 6 1.27 7.81 7.34
C GLY A 6 2.48 7.92 8.27
N ASN A 7 2.44 7.18 9.38
CA ASN A 7 3.55 7.19 10.35
C ASN A 7 4.23 5.82 10.42
N LEU A 8 4.01 5.01 9.39
CA LEU A 8 4.59 3.68 9.29
C LEU A 8 6.04 3.76 8.85
N LYS A 9 6.91 3.24 9.69
CA LYS A 9 8.35 3.25 9.43
C LYS A 9 8.72 2.24 8.32
N PRO A 10 9.76 2.51 7.53
CA PRO A 10 10.19 1.59 6.43
C PRO A 10 10.97 0.39 6.97
N ASN A 11 11.32 -0.54 6.08
CA ASN A 11 12.08 -1.73 6.46
C ASN A 11 11.30 -2.54 7.51
N MET A 12 9.97 -2.61 7.34
CA MET A 12 9.12 -3.36 8.26
C MET A 12 8.83 -4.73 7.66
N GLU A 13 9.17 -5.78 8.42
CA GLU A 13 8.97 -7.16 7.96
C GLU A 13 7.48 -7.51 7.81
N SER A 14 6.63 -6.89 8.66
CA SER A 14 5.20 -7.15 8.60
C SER A 14 4.39 -5.88 8.83
N VAL A 15 3.48 -5.60 7.90
CA VAL A 15 2.61 -4.41 7.99
C VAL A 15 1.18 -4.80 7.60
N ASN A 16 0.21 -4.45 8.46
CA ASN A 16 -1.19 -4.74 8.17
C ASN A 16 -1.99 -3.44 8.06
N VAL A 17 -2.42 -3.13 6.83
CA VAL A 17 -3.18 -1.90 6.59
C VAL A 17 -4.11 -2.05 5.39
N THR A 18 -5.03 -1.08 5.26
CA THR A 18 -5.97 -1.04 4.14
C THR A 18 -5.80 0.29 3.44
N VAL A 19 -5.45 0.26 2.15
CA VAL A 19 -5.21 1.50 1.39
C VAL A 19 -5.89 1.50 0.03
N ARG A 20 -6.09 2.71 -0.50
CA ARG A 20 -6.72 2.89 -1.80
C ARG A 20 -5.64 3.24 -2.82
N VAL A 21 -5.70 2.59 -3.98
CA VAL A 21 -4.72 2.83 -5.04
C VAL A 21 -5.02 4.16 -5.73
N LEU A 22 -4.34 5.21 -5.27
CA LEU A 22 -4.51 6.55 -5.82
C LEU A 22 -3.99 6.64 -7.25
N GLU A 23 -2.86 5.98 -7.52
CA GLU A 23 -2.27 6.01 -8.85
C GLU A 23 -1.56 4.69 -9.15
N ALA A 24 -1.70 4.22 -10.39
CA ALA A 24 -1.09 2.98 -10.83
C ALA A 24 -0.39 3.18 -12.17
N SER A 25 0.80 2.59 -12.31
CA SER A 25 1.57 2.70 -13.55
C SER A 25 1.88 1.31 -14.11
N GLU A 26 1.87 1.20 -15.44
CA GLU A 26 2.14 -0.08 -16.09
C GLU A 26 3.53 -0.58 -15.69
N ALA A 27 3.60 -1.89 -15.43
CA ALA A 27 4.86 -2.52 -15.02
C ALA A 27 5.88 -2.51 -16.16
N ARG A 28 7.15 -2.32 -15.79
CA ARG A 28 8.24 -2.30 -16.77
C ARG A 28 9.33 -3.26 -16.32
N GLN A 29 9.93 -3.95 -17.29
CA GLN A 29 11.00 -4.92 -17.01
C GLN A 29 12.33 -4.21 -16.82
N ILE A 30 13.09 -4.66 -15.82
CA ILE A 30 14.41 -4.10 -15.53
C ILE A 30 15.43 -5.23 -15.62
N GLN A 31 16.38 -5.06 -16.54
CA GLN A 31 17.40 -6.09 -16.76
C GLN A 31 18.53 -5.99 -15.74
N THR A 32 18.94 -7.17 -15.26
CA THR A 32 20.01 -7.28 -14.28
C THR A 32 20.84 -8.52 -14.57
N LYS A 33 22.02 -8.60 -13.98
CA LYS A 33 22.91 -9.74 -14.18
C LYS A 33 22.23 -11.04 -13.73
N ASN A 34 21.47 -10.95 -12.63
CA ASN A 34 20.76 -12.12 -12.09
C ASN A 34 19.47 -12.42 -12.87
N GLY A 35 19.08 -11.52 -13.78
CA GLY A 35 17.86 -11.73 -14.57
C GLY A 35 17.10 -10.42 -14.78
N VAL A 36 15.83 -10.54 -15.22
CA VAL A 36 14.99 -9.37 -15.47
C VAL A 36 13.78 -9.40 -14.53
N ARG A 37 13.26 -8.21 -14.17
CA ARG A 37 12.12 -8.12 -13.27
C ARG A 37 11.13 -7.07 -13.71
N THR A 38 9.85 -7.43 -13.75
CA THR A 38 8.81 -6.49 -14.12
C THR A 38 8.31 -5.81 -12.86
N ILE A 39 8.66 -4.53 -12.70
CA ILE A 39 8.25 -3.78 -11.50
C ILE A 39 7.25 -2.68 -11.88
N SER A 40 6.40 -2.31 -10.92
CA SER A 40 5.38 -1.30 -11.16
C SER A 40 5.45 -0.18 -10.13
N GLU A 41 5.00 1.00 -10.53
CA GLU A 41 5.00 2.17 -9.65
C GLU A 41 3.57 2.58 -9.34
N ALA A 42 3.25 2.67 -8.03
CA ALA A 42 1.92 3.05 -7.60
C ALA A 42 1.98 3.77 -6.26
N ILE A 43 0.94 4.54 -5.97
CA ILE A 43 0.85 5.28 -4.71
C ILE A 43 -0.45 4.91 -4.01
N VAL A 44 -0.33 4.49 -2.76
CA VAL A 44 -1.50 4.08 -1.98
C VAL A 44 -1.56 4.79 -0.63
N GLY A 45 -2.76 4.89 -0.07
CA GLY A 45 -2.96 5.52 1.24
C GLY A 45 -4.44 5.52 1.61
N ASP A 46 -4.73 5.64 2.92
CA ASP A 46 -6.12 5.66 3.40
C ASP A 46 -6.18 5.79 4.92
N GLU A 47 -5.36 5.00 5.61
CA GLU A 47 -5.36 4.99 7.07
C GLU A 47 -5.01 6.38 7.62
N THR A 48 -3.99 7.02 7.04
CA THR A 48 -3.58 8.35 7.50
C THR A 48 -3.02 9.21 6.36
N GLY A 49 -2.43 8.57 5.35
CA GLY A 49 -1.86 9.32 4.22
C GLY A 49 -1.35 8.39 3.13
N ARG A 50 -0.66 8.98 2.15
CA ARG A 50 -0.12 8.22 1.00
C ARG A 50 1.37 7.92 1.15
N VAL A 51 1.77 6.78 0.57
CA VAL A 51 3.17 6.35 0.58
C VAL A 51 3.52 5.68 -0.76
N LYS A 52 4.82 5.55 -1.03
CA LYS A 52 5.27 4.92 -2.27
C LYS A 52 4.99 3.43 -2.23
N LEU A 53 4.54 2.88 -3.35
CA LEU A 53 4.21 1.46 -3.42
C LEU A 53 4.69 0.85 -4.74
N THR A 54 5.67 -0.06 -4.67
CA THR A 54 6.18 -0.72 -5.86
C THR A 54 5.92 -2.21 -5.76
N LEU A 55 5.31 -2.78 -6.80
CA LEU A 55 5.00 -4.21 -6.82
C LEU A 55 5.84 -4.90 -7.89
N TRP A 56 6.24 -6.15 -7.62
CA TRP A 56 7.08 -6.91 -8.55
C TRP A 56 6.34 -8.10 -9.16
N GLY A 57 6.64 -8.36 -10.42
CA GLY A 57 6.06 -9.47 -11.17
C GLY A 57 4.58 -9.26 -11.49
N LYS A 58 3.79 -10.32 -11.33
CA LYS A 58 2.37 -10.27 -11.62
C LYS A 58 1.69 -9.21 -10.76
N HIS A 59 2.16 -9.09 -9.52
CA HIS A 59 1.63 -8.09 -8.60
C HIS A 59 1.84 -6.69 -9.19
N ALA A 60 2.99 -6.50 -9.84
CA ALA A 60 3.32 -5.23 -10.47
C ALA A 60 2.28 -4.86 -11.51
N GLY A 61 1.86 -5.85 -12.29
CA GLY A 61 0.86 -5.63 -13.34
C GLY A 61 -0.58 -5.76 -12.82
N SER A 62 -0.75 -6.08 -11.53
CA SER A 62 -2.07 -6.25 -10.93
C SER A 62 -2.59 -4.97 -10.25
N ILE A 63 -1.94 -3.83 -10.48
CA ILE A 63 -2.37 -2.57 -9.85
C ILE A 63 -3.28 -1.76 -10.77
N LYS A 64 -4.27 -1.10 -10.17
CA LYS A 64 -5.21 -0.29 -10.93
C LYS A 64 -5.54 0.98 -10.16
N GLU A 65 -5.62 2.10 -10.87
CA GLU A 65 -5.94 3.39 -10.25
C GLU A 65 -7.43 3.46 -9.91
N GLY A 66 -7.73 3.96 -8.71
CA GLY A 66 -9.11 4.08 -8.26
C GLY A 66 -9.61 2.81 -7.55
N GLN A 67 -8.81 1.73 -7.63
CA GLN A 67 -9.17 0.46 -6.99
C GLN A 67 -8.66 0.43 -5.56
N VAL A 68 -9.53 0.01 -4.63
CA VAL A 68 -9.17 -0.08 -3.22
C VAL A 68 -8.68 -1.50 -2.90
N VAL A 69 -7.48 -1.58 -2.30
CA VAL A 69 -6.90 -2.88 -1.95
C VAL A 69 -6.46 -2.93 -0.49
N LYS A 70 -6.36 -4.14 0.04
CA LYS A 70 -5.96 -4.36 1.42
C LYS A 70 -4.72 -5.26 1.43
N ILE A 71 -3.73 -4.88 2.22
CA ILE A 71 -2.47 -5.63 2.29
C ILE A 71 -2.22 -6.20 3.69
N GLU A 72 -1.64 -7.40 3.71
CA GLU A 72 -1.31 -8.07 4.97
C GLU A 72 0.14 -8.56 4.94
N ASN A 73 0.83 -8.40 6.07
CA ASN A 73 2.25 -8.81 6.17
C ASN A 73 3.06 -8.20 5.02
N ALA A 74 2.78 -6.92 4.75
CA ALA A 74 3.47 -6.20 3.67
C ALA A 74 4.93 -5.97 4.02
N TRP A 75 5.78 -6.08 3.02
CA TRP A 75 7.22 -5.86 3.17
C TRP A 75 7.57 -4.49 2.60
N THR A 76 8.23 -3.65 3.41
CA THR A 76 8.59 -2.30 2.95
C THR A 76 10.09 -2.05 3.10
N THR A 77 10.60 -1.06 2.36
CA THR A 77 12.02 -0.72 2.40
C THR A 77 12.20 0.80 2.41
N ALA A 78 13.24 1.28 3.10
CA ALA A 78 13.53 2.71 3.18
C ALA A 78 14.50 3.11 2.07
N PHE A 79 14.15 4.17 1.32
CA PHE A 79 15.00 4.64 0.23
C PHE A 79 14.99 6.17 0.19
N LYS A 80 16.17 6.77 0.26
CA LYS A 80 16.32 8.23 0.24
C LYS A 80 15.47 8.87 1.37
N GLY A 81 15.38 8.17 2.50
CA GLY A 81 14.61 8.67 3.64
C GLY A 81 13.10 8.67 3.33
N GLN A 82 12.68 7.76 2.45
CA GLN A 82 11.28 7.65 2.07
C GLN A 82 10.76 6.24 2.29
N VAL A 83 9.45 6.12 2.52
CA VAL A 83 8.83 4.82 2.76
C VAL A 83 8.20 4.28 1.48
N GLN A 84 8.60 3.05 1.11
CA GLN A 84 8.06 2.42 -0.09
C GLN A 84 7.61 0.99 0.24
N LEU A 85 6.69 0.46 -0.58
CA LEU A 85 6.16 -0.88 -0.36
C LEU A 85 6.62 -1.84 -1.45
N ASN A 86 7.12 -3.01 -1.03
CA ASN A 86 7.60 -4.02 -1.96
C ASN A 86 6.75 -5.29 -1.87
N ALA A 87 6.54 -5.92 -3.02
CA ALA A 87 5.74 -7.14 -3.09
C ALA A 87 6.27 -8.04 -4.20
N GLY A 88 6.00 -9.33 -4.09
CA GLY A 88 6.46 -10.30 -5.08
C GLY A 88 6.73 -11.66 -4.45
N SER A 89 7.57 -11.67 -3.40
CA SER A 89 7.91 -12.90 -2.70
C SER A 89 6.67 -13.54 -2.09
N LYS A 90 5.87 -12.73 -1.38
CA LYS A 90 4.64 -13.23 -0.74
C LYS A 90 3.85 -12.07 -0.11
N THR A 91 2.95 -11.49 -0.90
CA THR A 91 2.10 -10.39 -0.42
C THR A 91 0.63 -10.73 -0.63
N LYS A 92 -0.17 -10.55 0.43
CA LYS A 92 -1.60 -10.83 0.36
C LYS A 92 -2.37 -9.57 -0.01
N ILE A 93 -3.06 -9.61 -1.14
CA ILE A 93 -3.84 -8.45 -1.63
C ILE A 93 -5.30 -8.85 -1.88
N ALA A 94 -6.23 -8.06 -1.34
CA ALA A 94 -7.66 -8.31 -1.52
C ALA A 94 -8.42 -6.98 -1.65
N GLU A 95 -9.55 -7.01 -2.36
CA GLU A 95 -10.33 -5.79 -2.56
C GLU A 95 -11.34 -5.58 -1.43
N ALA A 96 -11.19 -4.46 -0.71
CA ALA A 96 -12.08 -4.14 0.40
C ALA A 96 -12.13 -2.63 0.63
N SER A 97 -13.26 -2.15 1.19
CA SER A 97 -13.44 -0.72 1.48
C SER A 97 -13.23 -0.47 2.97
N GLU A 98 -13.32 0.80 3.39
CA GLU A 98 -13.13 1.13 4.81
C GLU A 98 -14.13 0.39 5.68
N ASP A 99 -13.67 -0.12 6.83
CA ASP A 99 -14.54 -0.85 7.74
C ASP A 99 -15.32 0.10 8.65
N GLY A 100 -16.63 0.14 8.45
CA GLY A 100 -17.53 0.98 9.25
C GLY A 100 -17.62 2.42 8.71
N PHE A 101 -16.58 2.85 8.00
CA PHE A 101 -16.54 4.20 7.42
C PHE A 101 -17.03 4.13 5.96
N PRO A 102 -17.53 5.20 5.37
CA PRO A 102 -17.99 5.17 3.95
C PRO A 102 -16.88 4.69 3.03
N GLU A 103 -15.81 5.47 2.96
CA GLU A 103 -14.62 5.15 2.15
C GLU A 103 -13.60 6.28 2.26
N SER A 104 -12.34 5.96 1.98
CA SER A 104 -11.24 6.92 2.07
C SER A 104 -11.50 8.20 1.28
N SER A 105 -12.47 8.17 0.37
CA SER A 105 -12.78 9.34 -0.47
C SER A 105 -13.21 10.55 0.37
N GLN A 106 -13.78 10.28 1.55
CA GLN A 106 -14.23 11.35 2.44
C GLN A 106 -13.06 11.97 3.20
N ILE A 107 -11.97 11.21 3.36
CA ILE A 107 -10.78 11.70 4.08
C ILE A 107 -9.60 11.94 3.12
N PRO A 108 -8.66 12.83 3.45
CA PRO A 108 -7.48 13.11 2.57
C PRO A 108 -6.44 12.00 2.60
N GLU A 109 -6.08 11.50 1.43
CA GLU A 109 -5.08 10.44 1.30
C GLU A 109 -3.71 10.99 0.86
N ASN A 110 -3.67 12.25 0.42
CA ASN A 110 -2.43 12.87 -0.06
C ASN A 110 -1.60 13.49 1.07
N THR A 111 -2.08 13.40 2.32
CA THR A 111 -1.34 13.97 3.46
C THR A 111 -1.51 13.09 4.70
N PRO A 112 -0.55 13.09 5.64
CA PRO A 112 -0.66 12.27 6.88
C PRO A 112 -1.66 12.85 7.87
N THR A 113 -2.45 11.96 8.48
CA THR A 113 -3.45 12.38 9.47
C THR A 113 -3.39 11.50 10.71
N ALA A 114 -3.88 12.02 11.83
CA ALA A 114 -3.89 11.28 13.09
C ALA A 114 -5.29 10.74 13.38
N GLU A 115 -5.37 9.42 13.60
CA GLU A 115 -6.65 8.77 13.88
C GLU A 115 -6.51 7.76 15.01
N ASN A 116 -7.51 7.72 15.89
CA ASN A 116 -7.50 6.77 17.03
C ASN A 116 -8.61 5.73 16.88
N LEU A 117 -9.70 6.12 16.22
CA LEU A 117 -10.84 5.22 16.01
C LEU A 117 -10.46 4.05 15.10
N TYR A 118 -9.66 4.35 14.07
CA TYR A 118 -9.23 3.34 13.10
C TYR A 118 -10.44 2.72 12.41
N PHE A 119 -10.16 1.91 11.40
CA PHE A 119 -11.21 1.23 10.64
C PHE A 119 -11.91 0.15 11.48
N GLN A 120 -11.19 -0.40 12.46
CA GLN A 120 -11.76 -1.43 13.34
C GLN A 120 -12.28 -2.61 12.51
N SER A 121 -11.46 -3.64 12.37
CA SER A 121 -11.83 -4.83 11.59
C SER A 121 -13.06 -5.50 12.20
N GLY A 122 -13.07 -5.62 13.54
CA GLY A 122 -14.18 -6.24 14.24
C GLY A 122 -14.16 -7.76 14.05
N SER A 123 -15.31 -8.39 14.30
CA SER A 123 -15.43 -9.84 14.16
C SER A 123 -15.15 -10.26 12.72
N HIS A 124 -15.72 -9.51 11.78
CA HIS A 124 -15.55 -9.81 10.36
C HIS A 124 -15.09 -8.55 9.61
N MET A 1 -3.58 -2.71 16.91
CA MET A 1 -3.02 -3.83 16.11
C MET A 1 -2.57 -3.31 14.75
N GLU A 2 -3.47 -2.60 14.07
CA GLU A 2 -3.17 -2.03 12.75
C GLU A 2 -2.18 -0.86 12.88
N GLU A 3 -1.32 -0.71 11.87
CA GLU A 3 -0.34 0.37 11.85
C GLU A 3 -0.76 1.43 10.84
N LYS A 4 -0.65 2.70 11.25
CA LYS A 4 -1.02 3.81 10.36
C LYS A 4 -0.05 3.90 9.19
N VAL A 5 -0.61 4.02 7.99
CA VAL A 5 0.20 4.11 6.77
C VAL A 5 0.95 5.44 6.72
N GLY A 6 0.28 6.50 7.16
CA GLY A 6 0.86 7.84 7.16
C GLY A 6 2.10 7.90 8.05
N ASN A 7 2.04 7.21 9.19
CA ASN A 7 3.14 7.21 10.15
C ASN A 7 3.85 5.85 10.19
N LEU A 8 3.67 5.01 9.16
CA LEU A 8 4.31 3.70 9.12
C LEU A 8 5.82 3.84 9.27
N LYS A 9 6.52 2.70 9.29
CA LYS A 9 7.98 2.72 9.42
C LYS A 9 8.61 1.91 8.27
N PRO A 10 9.65 2.42 7.60
CA PRO A 10 10.32 1.67 6.47
C PRO A 10 11.13 0.49 6.99
N ASN A 11 11.48 -0.43 6.08
CA ASN A 11 12.26 -1.62 6.44
C ASN A 11 11.51 -2.43 7.51
N MET A 12 10.19 -2.55 7.33
CA MET A 12 9.36 -3.30 8.26
C MET A 12 9.09 -4.69 7.68
N GLU A 13 9.34 -5.71 8.50
CA GLU A 13 9.15 -7.09 8.09
C GLU A 13 7.71 -7.37 7.68
N SER A 14 6.76 -6.82 8.45
CA SER A 14 5.34 -7.03 8.15
C SER A 14 4.48 -5.83 8.54
N VAL A 15 3.46 -5.56 7.71
CA VAL A 15 2.52 -4.47 7.97
C VAL A 15 1.15 -4.82 7.38
N ASN A 16 0.10 -4.65 8.19
CA ASN A 16 -1.26 -4.94 7.75
C ASN A 16 -2.07 -3.66 7.69
N VAL A 17 -2.44 -3.24 6.47
CA VAL A 17 -3.22 -2.01 6.29
C VAL A 17 -4.06 -2.07 5.01
N THR A 18 -5.21 -1.39 5.04
CA THR A 18 -6.10 -1.34 3.87
C THR A 18 -6.06 0.09 3.30
N VAL A 19 -5.65 0.20 2.03
CA VAL A 19 -5.56 1.51 1.38
C VAL A 19 -6.07 1.48 -0.06
N ARG A 20 -6.44 2.66 -0.57
CA ARG A 20 -6.95 2.78 -1.94
C ARG A 20 -5.84 3.25 -2.88
N VAL A 21 -5.81 2.67 -4.08
CA VAL A 21 -4.80 3.03 -5.07
C VAL A 21 -5.17 4.36 -5.73
N LEU A 22 -4.59 5.43 -5.20
CA LEU A 22 -4.84 6.78 -5.72
C LEU A 22 -4.27 6.94 -7.12
N GLU A 23 -3.08 6.37 -7.34
CA GLU A 23 -2.41 6.46 -8.63
C GLU A 23 -1.60 5.19 -8.90
N ALA A 24 -1.61 4.72 -10.14
CA ALA A 24 -0.87 3.52 -10.52
C ALA A 24 -0.17 3.72 -11.86
N SER A 25 0.99 3.08 -12.01
CA SER A 25 1.78 3.18 -13.23
C SER A 25 2.00 1.79 -13.83
N GLU A 26 2.28 1.74 -15.14
CA GLU A 26 2.51 0.49 -15.83
C GLU A 26 3.87 -0.10 -15.42
N ALA A 27 3.90 -1.41 -15.19
CA ALA A 27 5.12 -2.09 -14.79
C ALA A 27 6.14 -2.11 -15.93
N ARG A 28 7.42 -2.17 -15.57
CA ARG A 28 8.50 -2.21 -16.55
C ARG A 28 9.58 -3.19 -16.12
N GLN A 29 10.36 -3.63 -17.08
CA GLN A 29 11.44 -4.60 -16.85
C GLN A 29 12.69 -3.93 -16.27
N ILE A 30 13.41 -4.63 -15.38
CA ILE A 30 14.62 -4.08 -14.79
C ILE A 30 15.75 -5.10 -14.92
N GLN A 31 16.79 -4.74 -15.66
CA GLN A 31 17.94 -5.63 -15.87
C GLN A 31 18.79 -5.74 -14.61
N THR A 32 19.04 -6.98 -14.20
CA THR A 32 19.85 -7.26 -13.02
C THR A 32 20.73 -8.47 -13.27
N LYS A 33 21.79 -8.61 -12.47
CA LYS A 33 22.72 -9.72 -12.63
C LYS A 33 22.00 -11.06 -12.46
N ASN A 34 21.05 -11.10 -11.52
CA ASN A 34 20.29 -12.32 -11.25
C ASN A 34 19.14 -12.52 -12.24
N GLY A 35 18.95 -11.57 -13.17
CA GLY A 35 17.88 -11.67 -14.17
C GLY A 35 17.14 -10.35 -14.30
N VAL A 36 15.95 -10.40 -14.91
CA VAL A 36 15.13 -9.20 -15.12
C VAL A 36 13.80 -9.34 -14.37
N ARG A 37 13.23 -8.21 -13.93
CA ARG A 37 11.97 -8.23 -13.18
C ARG A 37 11.01 -7.14 -13.64
N THR A 38 9.71 -7.43 -13.58
CA THR A 38 8.71 -6.45 -13.96
C THR A 38 8.23 -5.74 -12.70
N ILE A 39 8.62 -4.47 -12.55
CA ILE A 39 8.23 -3.69 -11.36
C ILE A 39 7.37 -2.50 -11.76
N SER A 40 6.45 -2.13 -10.85
CA SER A 40 5.54 -1.02 -11.11
C SER A 40 5.49 -0.06 -9.94
N GLU A 41 5.33 1.22 -10.24
CA GLU A 41 5.27 2.27 -9.23
C GLU A 41 3.81 2.69 -9.01
N ALA A 42 3.43 2.81 -7.74
CA ALA A 42 2.06 3.19 -7.39
C ALA A 42 2.05 3.93 -6.06
N ILE A 43 1.00 4.70 -5.83
CA ILE A 43 0.84 5.46 -4.59
C ILE A 43 -0.51 5.12 -3.96
N VAL A 44 -0.46 4.67 -2.71
CA VAL A 44 -1.67 4.26 -2.01
C VAL A 44 -1.76 4.94 -0.62
N GLY A 45 -2.99 5.03 -0.10
CA GLY A 45 -3.22 5.63 1.21
C GLY A 45 -4.70 5.60 1.57
N ASP A 46 -5.00 5.69 2.88
CA ASP A 46 -6.39 5.68 3.36
C ASP A 46 -6.43 5.79 4.88
N GLU A 47 -5.60 4.98 5.55
CA GLU A 47 -5.56 4.96 7.00
C GLU A 47 -5.17 6.32 7.58
N THR A 48 -4.14 6.97 7.01
CA THR A 48 -3.72 8.28 7.52
C THR A 48 -3.14 9.20 6.43
N GLY A 49 -2.23 8.67 5.61
CA GLY A 49 -1.59 9.48 4.54
C GLY A 49 -1.20 8.60 3.35
N ARG A 50 -0.56 9.21 2.35
CA ARG A 50 -0.14 8.44 1.16
C ARG A 50 1.35 8.04 1.28
N VAL A 51 1.69 6.91 0.65
CA VAL A 51 3.06 6.38 0.67
C VAL A 51 3.35 5.63 -0.63
N LYS A 52 4.63 5.53 -1.02
CA LYS A 52 4.98 4.82 -2.26
C LYS A 52 4.75 3.33 -2.09
N LEU A 53 4.30 2.72 -3.18
CA LEU A 53 4.03 1.30 -3.18
C LEU A 53 4.45 0.68 -4.52
N THR A 54 5.54 -0.09 -4.51
CA THR A 54 6.04 -0.72 -5.72
C THR A 54 6.02 -2.24 -5.55
N LEU A 55 5.42 -2.94 -6.51
CA LEU A 55 5.34 -4.42 -6.43
C LEU A 55 6.14 -5.06 -7.56
N TRP A 56 6.55 -6.30 -7.32
CA TRP A 56 7.35 -7.05 -8.29
C TRP A 56 6.54 -8.20 -8.91
N GLY A 57 6.71 -8.36 -10.22
CA GLY A 57 6.05 -9.43 -10.98
C GLY A 57 4.60 -9.11 -11.33
N LYS A 58 3.75 -10.14 -11.27
CA LYS A 58 2.34 -10.00 -11.60
C LYS A 58 1.69 -8.97 -10.70
N HIS A 59 2.13 -8.92 -9.44
CA HIS A 59 1.61 -7.95 -8.48
C HIS A 59 1.88 -6.53 -9.01
N ALA A 60 3.04 -6.36 -9.65
CA ALA A 60 3.43 -5.07 -10.21
C ALA A 60 2.42 -4.62 -11.26
N GLY A 61 1.99 -5.57 -12.10
CA GLY A 61 1.01 -5.27 -13.15
C GLY A 61 -0.45 -5.40 -12.68
N SER A 62 -0.64 -5.79 -11.41
CA SER A 62 -1.99 -5.98 -10.87
C SER A 62 -2.55 -4.71 -10.19
N ILE A 63 -1.89 -3.56 -10.39
CA ILE A 63 -2.35 -2.32 -9.77
C ILE A 63 -3.16 -1.49 -10.77
N LYS A 64 -4.07 -0.67 -10.24
CA LYS A 64 -4.90 0.17 -11.08
C LYS A 64 -5.43 1.36 -10.28
N GLU A 65 -5.41 2.54 -10.88
CA GLU A 65 -5.90 3.75 -10.21
C GLU A 65 -7.40 3.65 -9.97
N GLY A 66 -7.83 4.07 -8.78
CA GLY A 66 -9.24 4.01 -8.40
C GLY A 66 -9.61 2.66 -7.77
N GLN A 67 -8.69 1.69 -7.84
CA GLN A 67 -8.92 0.35 -7.29
C GLN A 67 -8.47 0.32 -5.83
N VAL A 68 -9.30 -0.28 -4.96
CA VAL A 68 -8.98 -0.37 -3.55
C VAL A 68 -8.35 -1.74 -3.25
N VAL A 69 -7.18 -1.72 -2.61
CA VAL A 69 -6.48 -2.97 -2.29
C VAL A 69 -6.08 -3.02 -0.82
N LYS A 70 -5.95 -4.25 -0.31
CA LYS A 70 -5.56 -4.48 1.08
C LYS A 70 -4.31 -5.35 1.11
N ILE A 71 -3.34 -4.96 1.94
CA ILE A 71 -2.07 -5.71 2.02
C ILE A 71 -1.90 -6.38 3.39
N GLU A 72 -1.34 -7.59 3.37
CA GLU A 72 -1.09 -8.36 4.58
C GLU A 72 0.35 -8.86 4.57
N ASN A 73 1.03 -8.75 5.73
CA ASN A 73 2.42 -9.19 5.84
C ASN A 73 3.29 -8.50 4.78
N ALA A 74 2.99 -7.23 4.54
CA ALA A 74 3.74 -6.44 3.54
C ALA A 74 5.12 -6.08 4.06
N TRP A 75 6.08 -6.05 3.14
CA TRP A 75 7.46 -5.69 3.47
C TRP A 75 7.79 -4.36 2.78
N THR A 76 8.27 -3.38 3.55
CA THR A 76 8.59 -2.06 2.99
C THR A 76 10.08 -1.77 3.05
N THR A 77 10.54 -0.91 2.14
CA THR A 77 11.95 -0.52 2.08
C THR A 77 12.07 0.98 1.83
N ALA A 78 13.25 1.54 2.12
CA ALA A 78 13.50 2.96 1.91
C ALA A 78 14.73 3.20 1.04
N PHE A 79 14.54 3.89 -0.08
CA PHE A 79 15.64 4.19 -1.00
C PHE A 79 15.63 5.66 -1.40
N LYS A 80 16.83 6.23 -1.54
CA LYS A 80 16.98 7.63 -1.93
C LYS A 80 16.24 8.57 -0.96
N GLY A 81 16.20 8.18 0.31
CA GLY A 81 15.53 8.99 1.34
C GLY A 81 14.02 9.03 1.13
N GLN A 82 13.47 7.97 0.52
CA GLN A 82 12.03 7.89 0.26
C GLN A 82 11.46 6.60 0.84
N VAL A 83 10.21 6.68 1.32
CA VAL A 83 9.54 5.52 1.90
C VAL A 83 8.58 4.87 0.88
N GLN A 84 8.78 3.57 0.69
CA GLN A 84 7.97 2.81 -0.27
C GLN A 84 7.64 1.41 0.26
N LEU A 85 6.72 0.73 -0.44
CA LEU A 85 6.28 -0.61 -0.04
C LEU A 85 6.62 -1.63 -1.12
N ASN A 86 6.98 -2.84 -0.68
CA ASN A 86 7.33 -3.93 -1.61
C ASN A 86 6.34 -5.08 -1.47
N ALA A 87 5.97 -5.66 -2.61
CA ALA A 87 5.03 -6.78 -2.63
C ALA A 87 5.40 -7.77 -3.73
N GLY A 88 4.61 -8.84 -3.82
CA GLY A 88 4.84 -9.90 -4.81
C GLY A 88 4.05 -11.14 -4.44
N SER A 89 4.53 -12.31 -4.88
CA SER A 89 3.86 -13.57 -4.56
C SER A 89 3.82 -13.80 -3.05
N LYS A 90 4.92 -13.47 -2.38
CA LYS A 90 5.03 -13.63 -0.93
C LYS A 90 4.02 -12.76 -0.17
N THR A 91 3.51 -11.71 -0.82
CA THR A 91 2.56 -10.80 -0.19
C THR A 91 1.14 -11.04 -0.72
N LYS A 92 0.20 -11.24 0.20
CA LYS A 92 -1.19 -11.49 -0.17
C LYS A 92 -1.96 -10.17 -0.25
N ILE A 93 -2.69 -9.99 -1.36
CA ILE A 93 -3.48 -8.79 -1.59
C ILE A 93 -4.94 -9.16 -1.86
N ALA A 94 -5.86 -8.51 -1.14
CA ALA A 94 -7.29 -8.78 -1.31
C ALA A 94 -8.09 -7.48 -1.34
N GLU A 95 -9.17 -7.48 -2.12
CA GLU A 95 -10.02 -6.29 -2.26
C GLU A 95 -11.12 -6.29 -1.19
N ALA A 96 -11.03 -5.34 -0.26
CA ALA A 96 -12.04 -5.23 0.80
C ALA A 96 -12.10 -3.81 1.36
N SER A 97 -13.28 -3.19 1.27
CA SER A 97 -13.48 -1.84 1.79
C SER A 97 -14.32 -1.91 3.07
N GLU A 98 -14.13 -0.94 3.97
CA GLU A 98 -14.88 -0.92 5.22
C GLU A 98 -16.22 -0.21 5.01
N ASP A 99 -17.31 -0.93 5.27
CA ASP A 99 -18.66 -0.40 5.07
C ASP A 99 -19.14 0.45 6.25
N GLY A 100 -19.31 1.76 6.01
CA GLY A 100 -19.79 2.69 7.03
C GLY A 100 -18.67 3.34 7.83
N PHE A 101 -17.47 2.75 7.79
CA PHE A 101 -16.33 3.30 8.50
C PHE A 101 -15.75 4.50 7.76
N PRO A 102 -15.14 5.48 8.46
CA PRO A 102 -14.56 6.68 7.79
C PRO A 102 -13.18 6.38 7.19
N GLU A 103 -13.17 5.62 6.09
CA GLU A 103 -11.92 5.25 5.43
C GLU A 103 -11.93 5.68 3.96
N SER A 104 -12.89 5.14 3.19
CA SER A 104 -13.00 5.45 1.77
C SER A 104 -13.29 6.94 1.52
N SER A 105 -14.05 7.56 2.41
CA SER A 105 -14.40 8.98 2.26
C SER A 105 -13.35 9.90 2.88
N GLN A 106 -12.53 9.36 3.79
CA GLN A 106 -11.48 10.14 4.45
C GLN A 106 -10.09 9.82 3.88
N ILE A 107 -10.05 9.22 2.68
CA ILE A 107 -8.77 8.86 2.06
C ILE A 107 -7.88 10.12 1.92
N PRO A 108 -6.60 10.08 2.32
CA PRO A 108 -5.68 11.25 2.21
C PRO A 108 -5.12 11.41 0.81
N GLU A 109 -4.85 12.66 0.42
CA GLU A 109 -4.31 12.91 -0.92
C GLU A 109 -2.80 13.18 -0.93
N ASN A 110 -2.25 13.69 0.18
CA ASN A 110 -0.80 13.97 0.21
C ASN A 110 -0.24 14.25 1.60
N THR A 111 -1.07 14.17 2.63
CA THR A 111 -0.60 14.44 3.99
C THR A 111 -1.34 13.57 5.02
N PRO A 112 -0.77 13.33 6.20
CA PRO A 112 -1.43 12.49 7.25
C PRO A 112 -2.67 13.18 7.79
N THR A 113 -3.72 12.39 8.07
CA THR A 113 -4.97 12.94 8.60
C THR A 113 -5.28 12.33 9.97
N ALA A 114 -6.33 12.86 10.62
CA ALA A 114 -6.72 12.38 11.94
C ALA A 114 -7.09 10.90 11.88
N GLU A 115 -6.65 10.15 12.90
CA GLU A 115 -6.92 8.72 12.98
C GLU A 115 -8.34 8.46 13.51
N ASN A 116 -9.02 7.49 12.90
CA ASN A 116 -10.37 7.13 13.31
C ASN A 116 -10.55 5.62 13.23
N LEU A 117 -10.55 4.96 14.39
CA LEU A 117 -10.72 3.52 14.46
C LEU A 117 -12.18 3.14 14.59
N TYR A 118 -12.59 2.07 13.91
CA TYR A 118 -13.96 1.60 13.94
C TYR A 118 -14.93 2.69 13.51
N PHE A 119 -16.21 2.32 13.38
CA PHE A 119 -17.24 3.27 12.97
C PHE A 119 -17.32 4.43 13.97
N GLN A 120 -17.38 4.09 15.26
CA GLN A 120 -17.46 5.10 16.32
C GLN A 120 -18.59 6.09 16.05
N SER A 121 -18.71 7.10 16.92
CA SER A 121 -19.77 8.11 16.78
C SER A 121 -21.15 7.45 16.72
N GLY A 122 -21.33 6.42 17.55
CA GLY A 122 -22.59 5.69 17.60
C GLY A 122 -22.54 4.59 18.66
N SER A 123 -23.62 3.82 18.76
CA SER A 123 -23.71 2.73 19.72
C SER A 123 -24.66 1.64 19.22
N HIS A 124 -24.53 0.45 19.82
CA HIS A 124 -25.39 -0.68 19.43
C HIS A 124 -25.62 -1.60 20.63
N MET A 1 -0.69 -6.08 12.52
CA MET A 1 0.03 -4.97 13.20
C MET A 1 -0.83 -3.72 13.17
N GLU A 2 -1.50 -3.48 12.04
CA GLU A 2 -2.36 -2.30 11.88
C GLU A 2 -1.57 -1.02 12.17
N GLU A 3 -0.45 -0.86 11.47
CA GLU A 3 0.40 0.31 11.63
C GLU A 3 0.06 1.36 10.58
N LYS A 4 0.17 2.62 10.98
CA LYS A 4 -0.14 3.74 10.08
C LYS A 4 0.90 3.86 8.97
N VAL A 5 0.44 3.86 7.72
CA VAL A 5 1.34 4.00 6.55
C VAL A 5 2.15 5.29 6.67
N GLY A 6 1.48 6.33 7.16
CA GLY A 6 2.09 7.64 7.34
C GLY A 6 3.22 7.61 8.36
N ASN A 7 3.02 6.87 9.46
CA ASN A 7 4.04 6.76 10.51
C ASN A 7 4.75 5.39 10.45
N LEU A 8 4.56 4.68 9.34
CA LEU A 8 5.13 3.38 9.14
C LEU A 8 6.58 3.49 8.66
N LYS A 9 7.47 2.95 9.48
CA LYS A 9 8.90 2.97 9.20
C LYS A 9 9.26 1.97 8.08
N PRO A 10 10.33 2.22 7.31
CA PRO A 10 10.76 1.32 6.21
C PRO A 10 11.48 0.08 6.73
N ASN A 11 11.78 -0.86 5.82
CA ASN A 11 12.47 -2.10 6.19
C ASN A 11 11.65 -2.92 7.19
N MET A 12 10.34 -2.94 6.98
CA MET A 12 9.45 -3.71 7.85
C MET A 12 9.26 -5.11 7.29
N GLU A 13 9.49 -6.11 8.14
CA GLU A 13 9.35 -7.51 7.72
C GLU A 13 7.90 -7.86 7.38
N SER A 14 6.96 -7.20 8.07
CA SER A 14 5.54 -7.44 7.83
C SER A 14 4.72 -6.19 8.15
N VAL A 15 3.86 -5.79 7.20
CA VAL A 15 3.01 -4.62 7.39
C VAL A 15 1.57 -4.97 7.01
N ASN A 16 0.61 -4.68 7.91
CA ASN A 16 -0.80 -4.96 7.63
C ASN A 16 -1.61 -3.68 7.69
N VAL A 17 -2.08 -3.21 6.53
CA VAL A 17 -2.87 -1.99 6.46
C VAL A 17 -3.76 -1.94 5.20
N THR A 18 -4.81 -1.13 5.26
CA THR A 18 -5.71 -0.95 4.12
C THR A 18 -5.36 0.37 3.43
N VAL A 19 -5.40 0.38 2.09
CA VAL A 19 -5.05 1.60 1.35
C VAL A 19 -5.78 1.65 0.02
N ARG A 20 -5.86 2.86 -0.54
CA ARG A 20 -6.50 3.05 -1.85
C ARG A 20 -5.43 3.44 -2.87
N VAL A 21 -5.62 2.98 -4.11
CA VAL A 21 -4.67 3.28 -5.17
C VAL A 21 -4.97 4.66 -5.76
N LEU A 22 -4.25 5.67 -5.25
CA LEU A 22 -4.43 7.04 -5.71
C LEU A 22 -3.93 7.19 -7.14
N GLU A 23 -2.77 6.59 -7.42
CA GLU A 23 -2.18 6.65 -8.75
C GLU A 23 -1.32 5.43 -9.01
N ALA A 24 -1.36 4.91 -10.24
CA ALA A 24 -0.58 3.74 -10.61
C ALA A 24 -0.09 3.84 -12.04
N SER A 25 1.06 3.25 -12.31
CA SER A 25 1.66 3.27 -13.65
C SER A 25 1.88 1.84 -14.15
N GLU A 26 1.89 1.67 -15.47
CA GLU A 26 2.10 0.36 -16.07
C GLU A 26 3.43 -0.20 -15.63
N ALA A 27 3.43 -1.48 -15.26
CA ALA A 27 4.63 -2.15 -14.79
C ALA A 27 5.67 -2.27 -15.91
N ARG A 28 6.93 -2.07 -15.54
CA ARG A 28 8.04 -2.17 -16.49
C ARG A 28 9.08 -3.13 -15.93
N GLN A 29 9.76 -3.85 -16.81
CA GLN A 29 10.77 -4.82 -16.41
C GLN A 29 12.11 -4.14 -16.06
N ILE A 30 12.79 -4.63 -15.02
CA ILE A 30 14.08 -4.06 -14.61
C ILE A 30 15.10 -5.18 -14.46
N GLN A 31 16.18 -5.09 -15.23
CA GLN A 31 17.23 -6.12 -15.20
C GLN A 31 18.14 -5.90 -14.01
N THR A 32 18.64 -7.01 -13.50
CA THR A 32 19.53 -7.02 -12.35
C THR A 32 20.52 -8.15 -12.51
N LYS A 33 21.60 -8.13 -11.72
CA LYS A 33 22.61 -9.18 -11.80
C LYS A 33 21.98 -10.55 -11.52
N ASN A 34 20.85 -10.55 -10.80
CA ASN A 34 20.15 -11.80 -10.47
C ASN A 34 18.99 -12.09 -11.43
N GLY A 35 18.72 -11.20 -12.40
CA GLY A 35 17.64 -11.43 -13.36
C GLY A 35 16.79 -10.17 -13.55
N VAL A 36 15.69 -10.31 -14.30
CA VAL A 36 14.79 -9.19 -14.57
C VAL A 36 13.41 -9.43 -13.95
N ARG A 37 12.78 -8.35 -13.47
CA ARG A 37 11.48 -8.43 -12.83
C ARG A 37 10.57 -7.31 -13.30
N THR A 38 9.28 -7.61 -13.43
CA THR A 38 8.30 -6.61 -13.84
C THR A 38 7.79 -5.88 -12.62
N ILE A 39 8.18 -4.60 -12.49
CA ILE A 39 7.76 -3.79 -11.34
C ILE A 39 6.97 -2.56 -11.78
N SER A 40 6.00 -2.16 -10.95
CA SER A 40 5.16 -1.01 -11.23
C SER A 40 5.26 0.01 -10.11
N GLU A 41 5.21 1.29 -10.50
CA GLU A 41 5.30 2.39 -9.53
C GLU A 41 3.91 2.99 -9.30
N ALA A 42 3.51 3.06 -8.04
CA ALA A 42 2.21 3.62 -7.67
C ALA A 42 2.28 4.24 -6.29
N ILE A 43 1.35 5.14 -5.99
CA ILE A 43 1.28 5.80 -4.68
C ILE A 43 -0.07 5.52 -4.06
N VAL A 44 -0.05 5.00 -2.82
CA VAL A 44 -1.28 4.66 -2.13
C VAL A 44 -1.29 5.23 -0.71
N GLY A 45 -2.50 5.37 -0.14
CA GLY A 45 -2.65 5.88 1.22
C GLY A 45 -4.11 5.83 1.65
N ASP A 46 -4.33 5.85 2.98
CA ASP A 46 -5.70 5.81 3.52
C ASP A 46 -5.67 5.83 5.05
N GLU A 47 -4.81 4.97 5.61
CA GLU A 47 -4.68 4.86 7.06
C GLU A 47 -4.25 6.18 7.68
N THR A 48 -3.28 6.86 7.04
CA THR A 48 -2.80 8.14 7.56
C THR A 48 -2.45 9.10 6.42
N GLY A 49 -1.72 8.61 5.42
CA GLY A 49 -1.34 9.44 4.29
C GLY A 49 -0.86 8.60 3.12
N ARG A 50 -0.26 9.27 2.13
CA ARG A 50 0.24 8.58 0.93
C ARG A 50 1.74 8.32 0.98
N VAL A 51 2.14 7.14 0.48
CA VAL A 51 3.54 6.73 0.42
C VAL A 51 3.81 6.01 -0.89
N LYS A 52 5.09 5.88 -1.25
CA LYS A 52 5.46 5.18 -2.48
C LYS A 52 5.15 3.71 -2.33
N LEU A 53 4.65 3.11 -3.41
CA LEU A 53 4.29 1.71 -3.40
C LEU A 53 4.69 1.06 -4.72
N THR A 54 5.60 0.08 -4.64
CA THR A 54 6.07 -0.64 -5.83
C THR A 54 5.81 -2.13 -5.66
N LEU A 55 5.15 -2.73 -6.65
CA LEU A 55 4.86 -4.17 -6.60
C LEU A 55 5.71 -4.92 -7.61
N TRP A 56 6.01 -6.18 -7.29
CA TRP A 56 6.88 -7.00 -8.16
C TRP A 56 6.12 -8.17 -8.80
N GLY A 57 6.42 -8.41 -10.07
CA GLY A 57 5.82 -9.50 -10.83
C GLY A 57 4.38 -9.21 -11.26
N LYS A 58 3.55 -10.27 -11.25
CA LYS A 58 2.16 -10.14 -11.65
C LYS A 58 1.46 -9.11 -10.77
N HIS A 59 1.85 -9.06 -9.50
CA HIS A 59 1.30 -8.10 -8.57
C HIS A 59 1.58 -6.68 -9.08
N ALA A 60 2.75 -6.48 -9.68
CA ALA A 60 3.13 -5.18 -10.23
C ALA A 60 2.12 -4.75 -11.30
N GLY A 61 1.75 -5.69 -12.15
CA GLY A 61 0.77 -5.42 -13.22
C GLY A 61 -0.67 -5.65 -12.76
N SER A 62 -0.85 -6.11 -11.51
CA SER A 62 -2.19 -6.41 -10.97
C SER A 62 -2.81 -5.22 -10.23
N ILE A 63 -2.25 -4.01 -10.40
CA ILE A 63 -2.79 -2.82 -9.71
C ILE A 63 -3.45 -1.87 -10.71
N LYS A 64 -4.38 -1.06 -10.20
CA LYS A 64 -5.08 -0.12 -11.04
C LYS A 64 -5.53 1.09 -10.22
N GLU A 65 -5.42 2.27 -10.81
CA GLU A 65 -5.81 3.52 -10.13
C GLU A 65 -7.31 3.50 -9.82
N GLY A 66 -7.66 3.97 -8.63
CA GLY A 66 -9.05 4.03 -8.18
C GLY A 66 -9.48 2.73 -7.47
N GLN A 67 -8.66 1.68 -7.58
CA GLN A 67 -8.95 0.41 -6.95
C GLN A 67 -8.34 0.36 -5.54
N VAL A 68 -9.16 -0.03 -4.56
CA VAL A 68 -8.69 -0.13 -3.18
C VAL A 68 -8.11 -1.51 -2.93
N VAL A 69 -6.85 -1.54 -2.47
CA VAL A 69 -6.17 -2.79 -2.17
C VAL A 69 -5.67 -2.81 -0.73
N LYS A 70 -5.63 -4.01 -0.16
CA LYS A 70 -5.17 -4.21 1.21
C LYS A 70 -3.95 -5.12 1.19
N ILE A 71 -2.92 -4.74 1.94
CA ILE A 71 -1.67 -5.52 1.96
C ILE A 71 -1.46 -6.20 3.31
N GLU A 72 -0.99 -7.45 3.25
CA GLU A 72 -0.71 -8.23 4.46
C GLU A 72 0.71 -8.80 4.38
N ASN A 73 1.43 -8.76 5.49
CA ASN A 73 2.81 -9.26 5.52
C ASN A 73 3.63 -8.60 4.40
N ALA A 74 3.39 -7.30 4.21
CA ALA A 74 4.07 -6.56 3.16
C ALA A 74 5.48 -6.15 3.57
N TRP A 75 6.43 -6.45 2.69
CA TRP A 75 7.82 -6.09 2.90
C TRP A 75 8.03 -4.66 2.39
N THR A 76 8.76 -3.83 3.14
CA THR A 76 8.96 -2.44 2.73
C THR A 76 10.45 -2.08 2.71
N THR A 77 10.79 -1.09 1.89
CA THR A 77 12.17 -0.61 1.76
C THR A 77 12.19 0.90 1.69
N ALA A 78 13.37 1.49 1.96
CA ALA A 78 13.51 2.95 1.92
C ALA A 78 14.69 3.36 1.04
N PHE A 79 14.41 4.20 0.05
CA PHE A 79 15.43 4.69 -0.87
C PHE A 79 15.33 6.20 -1.04
N LYS A 80 16.48 6.87 -1.15
CA LYS A 80 16.54 8.31 -1.32
C LYS A 80 15.79 9.04 -0.18
N GLY A 81 15.78 8.43 1.00
CA GLY A 81 15.11 9.01 2.16
C GLY A 81 13.59 9.02 2.01
N GLN A 82 13.06 8.03 1.26
CA GLN A 82 11.62 7.93 1.04
C GLN A 82 11.12 6.54 1.44
N VAL A 83 9.85 6.48 1.85
CA VAL A 83 9.24 5.21 2.27
C VAL A 83 8.53 4.57 1.08
N GLN A 84 8.89 3.31 0.80
CA GLN A 84 8.29 2.59 -0.32
C GLN A 84 7.73 1.24 0.14
N LEU A 85 6.74 0.74 -0.61
CA LEU A 85 6.11 -0.55 -0.29
C LEU A 85 6.53 -1.60 -1.32
N ASN A 86 6.89 -2.79 -0.84
CA ASN A 86 7.29 -3.89 -1.72
C ASN A 86 6.38 -5.10 -1.50
N ALA A 87 6.05 -5.79 -2.59
CA ALA A 87 5.17 -6.96 -2.51
C ALA A 87 5.51 -7.96 -3.62
N GLY A 88 5.10 -9.21 -3.39
CA GLY A 88 5.34 -10.28 -4.36
C GLY A 88 4.35 -11.42 -4.15
N SER A 89 4.64 -12.57 -4.76
CA SER A 89 3.77 -13.74 -4.65
C SER A 89 3.61 -14.19 -3.18
N LYS A 90 4.68 -14.01 -2.40
CA LYS A 90 4.67 -14.39 -1.00
C LYS A 90 3.60 -13.60 -0.23
N THR A 91 3.50 -12.31 -0.53
CA THR A 91 2.53 -11.43 0.13
C THR A 91 1.14 -11.65 -0.45
N LYS A 92 0.12 -11.43 0.39
CA LYS A 92 -1.28 -11.58 -0.02
C LYS A 92 -1.96 -10.21 -0.05
N ILE A 93 -2.62 -9.92 -1.17
CA ILE A 93 -3.31 -8.64 -1.34
C ILE A 93 -4.77 -8.87 -1.75
N ALA A 94 -5.69 -8.21 -1.03
CA ALA A 94 -7.12 -8.32 -1.32
C ALA A 94 -7.80 -6.96 -1.21
N GLU A 95 -8.82 -6.74 -2.04
CA GLU A 95 -9.55 -5.47 -2.05
C GLU A 95 -10.58 -5.40 -0.92
N ALA A 96 -10.67 -4.23 -0.28
CA ALA A 96 -11.63 -4.04 0.82
C ALA A 96 -12.00 -2.56 0.97
N SER A 97 -13.24 -2.31 1.39
CA SER A 97 -13.73 -0.93 1.59
C SER A 97 -13.74 -0.59 3.07
N GLU A 98 -13.98 0.69 3.39
CA GLU A 98 -14.01 1.13 4.79
C GLU A 98 -15.14 0.43 5.54
N ASP A 99 -14.83 -0.03 6.76
CA ASP A 99 -15.83 -0.74 7.59
C ASP A 99 -16.72 0.24 8.36
N GLY A 100 -18.01 0.26 7.99
CA GLY A 100 -19.00 1.11 8.66
C GLY A 100 -19.05 2.52 8.06
N PHE A 101 -17.93 2.97 7.48
CA PHE A 101 -17.89 4.29 6.86
C PHE A 101 -18.24 4.17 5.37
N PRO A 102 -18.76 5.23 4.73
CA PRO A 102 -19.11 5.17 3.28
C PRO A 102 -17.93 4.67 2.45
N GLU A 103 -16.75 5.19 2.79
CA GLU A 103 -15.49 4.80 2.14
C GLU A 103 -14.37 5.77 2.53
N SER A 104 -13.16 5.43 2.11
CA SER A 104 -11.96 6.24 2.39
C SER A 104 -11.98 7.60 1.68
N SER A 105 -12.94 7.79 0.76
CA SER A 105 -13.02 9.04 -0.01
C SER A 105 -13.14 10.25 0.91
N GLN A 106 -13.84 10.10 2.03
CA GLN A 106 -14.02 11.20 2.98
C GLN A 106 -12.73 11.42 3.79
N ILE A 107 -11.90 10.38 3.90
CA ILE A 107 -10.64 10.48 4.64
C ILE A 107 -9.50 10.86 3.66
N PRO A 108 -8.74 11.94 3.91
CA PRO A 108 -7.63 12.34 2.98
C PRO A 108 -6.50 11.30 2.95
N GLU A 109 -6.14 10.89 1.74
CA GLU A 109 -5.09 9.89 1.54
C GLU A 109 -3.75 10.53 1.14
N ASN A 110 -3.80 11.75 0.60
CA ASN A 110 -2.58 12.43 0.14
C ASN A 110 -1.97 13.37 1.18
N THR A 111 -2.50 13.35 2.41
CA THR A 111 -1.98 14.21 3.47
C THR A 111 -2.09 13.51 4.83
N PRO A 112 -1.30 13.92 5.83
CA PRO A 112 -1.35 13.29 7.19
C PRO A 112 -2.77 13.31 7.76
N THR A 113 -3.22 12.14 8.22
CA THR A 113 -4.57 12.02 8.79
C THR A 113 -4.48 11.45 10.21
N ALA A 114 -5.21 12.08 11.13
CA ALA A 114 -5.23 11.63 12.52
C ALA A 114 -5.74 10.20 12.61
N GLU A 115 -5.18 9.44 13.56
CA GLU A 115 -5.56 8.04 13.74
C GLU A 115 -7.06 7.91 13.98
N ASN A 116 -7.70 7.04 13.21
CA ASN A 116 -9.15 6.82 13.34
C ASN A 116 -9.49 5.36 13.01
N LEU A 117 -10.00 4.65 14.00
CA LEU A 117 -10.39 3.24 13.83
C LEU A 117 -11.35 3.09 12.66
N TYR A 118 -11.18 2.00 11.90
CA TYR A 118 -12.02 1.74 10.72
C TYR A 118 -13.48 1.55 11.11
N PHE A 119 -13.72 0.81 12.19
CA PHE A 119 -15.08 0.56 12.65
C PHE A 119 -15.11 0.44 14.18
N GLN A 120 -14.37 -0.55 14.69
CA GLN A 120 -14.31 -0.79 16.14
C GLN A 120 -12.95 -1.39 16.50
N SER A 121 -12.41 -0.96 17.65
CA SER A 121 -11.11 -1.45 18.11
C SER A 121 -11.14 -2.96 18.31
N GLY A 122 -12.21 -3.45 18.95
CA GLY A 122 -12.38 -4.87 19.21
C GLY A 122 -11.43 -5.35 20.30
N SER A 123 -11.23 -6.67 20.37
CA SER A 123 -10.35 -7.26 21.37
C SER A 123 -9.83 -8.62 20.89
N HIS A 124 -8.76 -9.08 21.52
CA HIS A 124 -8.16 -10.37 21.15
C HIS A 124 -8.68 -11.49 22.07
N MET A 1 -0.89 -6.93 15.72
CA MET A 1 -0.07 -5.69 15.61
C MET A 1 -0.46 -4.94 14.34
N GLU A 2 -0.91 -3.68 14.51
CA GLU A 2 -1.31 -2.85 13.39
C GLU A 2 -0.60 -1.51 13.45
N GLU A 3 -0.32 -0.94 12.27
CA GLU A 3 0.36 0.35 12.19
C GLU A 3 -0.21 1.18 11.03
N LYS A 4 -0.33 2.49 11.24
CA LYS A 4 -0.88 3.38 10.21
C LYS A 4 0.15 3.71 9.13
N VAL A 5 -0.31 3.70 7.88
CA VAL A 5 0.53 3.98 6.70
C VAL A 5 1.16 5.38 6.84
N GLY A 6 0.37 6.31 7.34
CA GLY A 6 0.80 7.70 7.52
C GLY A 6 1.99 7.82 8.45
N ASN A 7 2.00 7.03 9.53
CA ASN A 7 3.11 7.06 10.50
C ASN A 7 3.92 5.76 10.45
N LEU A 8 3.75 5.02 9.36
CA LEU A 8 4.44 3.75 9.16
C LEU A 8 5.85 3.98 8.65
N LYS A 9 6.82 3.55 9.44
CA LYS A 9 8.23 3.70 9.11
C LYS A 9 8.67 2.69 8.03
N PRO A 10 9.72 3.00 7.26
CA PRO A 10 10.24 2.08 6.18
C PRO A 10 11.09 0.94 6.76
N ASN A 11 11.48 0.02 5.87
CA ASN A 11 12.31 -1.13 6.27
C ASN A 11 11.63 -1.98 7.34
N MET A 12 10.31 -2.17 7.20
CA MET A 12 9.55 -2.98 8.14
C MET A 12 9.38 -4.39 7.58
N GLU A 13 9.70 -5.38 8.41
CA GLU A 13 9.61 -6.79 7.99
C GLU A 13 8.16 -7.21 7.77
N SER A 14 7.23 -6.62 8.55
CA SER A 14 5.82 -6.95 8.42
C SER A 14 4.95 -5.72 8.61
N VAL A 15 4.04 -5.48 7.65
CA VAL A 15 3.13 -4.34 7.72
C VAL A 15 1.71 -4.77 7.33
N ASN A 16 0.74 -4.44 8.18
CA ASN A 16 -0.66 -4.79 7.91
C ASN A 16 -1.50 -3.52 7.85
N VAL A 17 -1.98 -3.19 6.65
CA VAL A 17 -2.80 -1.98 6.47
C VAL A 17 -3.78 -2.12 5.31
N THR A 18 -4.76 -1.21 5.29
CA THR A 18 -5.76 -1.17 4.24
C THR A 18 -5.64 0.16 3.51
N VAL A 19 -5.46 0.12 2.18
CA VAL A 19 -5.29 1.34 1.40
C VAL A 19 -6.10 1.32 0.11
N ARG A 20 -6.33 2.51 -0.43
CA ARG A 20 -7.07 2.66 -1.68
C ARG A 20 -6.10 3.11 -2.77
N VAL A 21 -6.19 2.48 -3.95
CA VAL A 21 -5.30 2.83 -5.06
C VAL A 21 -5.83 4.09 -5.74
N LEU A 22 -5.05 5.16 -5.65
CA LEU A 22 -5.43 6.44 -6.25
C LEU A 22 -4.55 6.76 -7.46
N GLU A 23 -3.28 6.35 -7.41
CA GLU A 23 -2.35 6.59 -8.50
C GLU A 23 -1.50 5.36 -8.79
N ALA A 24 -1.39 5.01 -10.06
CA ALA A 24 -0.60 3.84 -10.47
C ALA A 24 -0.01 4.04 -11.86
N SER A 25 1.14 3.41 -12.09
CA SER A 25 1.83 3.51 -13.38
C SER A 25 2.05 2.12 -13.97
N GLU A 26 2.25 2.07 -15.28
CA GLU A 26 2.46 0.80 -15.97
C GLU A 26 3.77 0.16 -15.49
N ALA A 27 3.71 -1.14 -15.23
CA ALA A 27 4.88 -1.87 -14.77
C ALA A 27 5.96 -1.93 -15.84
N ARG A 28 7.21 -1.85 -15.39
CA ARG A 28 8.36 -1.91 -16.29
C ARG A 28 9.32 -3.00 -15.82
N GLN A 29 9.94 -3.68 -16.77
CA GLN A 29 10.89 -4.75 -16.46
C GLN A 29 12.24 -4.19 -16.07
N ILE A 30 12.89 -4.80 -15.06
CA ILE A 30 14.21 -4.32 -14.61
C ILE A 30 15.22 -5.46 -14.69
N GLN A 31 16.26 -5.24 -15.48
CA GLN A 31 17.31 -6.25 -15.66
C GLN A 31 18.23 -6.30 -14.44
N THR A 32 18.40 -7.52 -13.91
CA THR A 32 19.24 -7.74 -12.74
C THR A 32 20.10 -8.98 -12.98
N LYS A 33 21.28 -9.00 -12.35
CA LYS A 33 22.19 -10.14 -12.51
C LYS A 33 21.51 -11.48 -12.18
N ASN A 34 20.42 -11.42 -11.40
CA ASN A 34 19.69 -12.62 -11.01
C ASN A 34 18.38 -12.78 -11.82
N GLY A 35 18.30 -12.10 -12.97
CA GLY A 35 17.11 -12.18 -13.82
C GLY A 35 16.43 -10.83 -13.94
N VAL A 36 15.25 -10.81 -14.57
CA VAL A 36 14.48 -9.58 -14.75
C VAL A 36 13.14 -9.69 -14.02
N ARG A 37 12.64 -8.53 -13.56
CA ARG A 37 11.37 -8.49 -12.83
C ARG A 37 10.52 -7.34 -13.31
N THR A 38 9.21 -7.56 -13.37
CA THR A 38 8.28 -6.52 -13.79
C THR A 38 7.78 -5.79 -12.54
N ILE A 39 8.22 -4.55 -12.38
CA ILE A 39 7.82 -3.74 -11.21
C ILE A 39 7.09 -2.48 -11.63
N SER A 40 6.12 -2.08 -10.81
CA SER A 40 5.31 -0.89 -11.10
C SER A 40 5.33 0.07 -9.93
N GLU A 41 5.29 1.37 -10.26
CA GLU A 41 5.29 2.42 -9.26
C GLU A 41 3.87 2.99 -9.10
N ALA A 42 3.40 3.03 -7.84
CA ALA A 42 2.06 3.54 -7.55
C ALA A 42 2.04 4.14 -6.15
N ILE A 43 1.06 5.02 -5.89
CA ILE A 43 0.92 5.64 -4.58
C ILE A 43 -0.46 5.35 -4.04
N VAL A 44 -0.51 4.78 -2.82
CA VAL A 44 -1.78 4.42 -2.21
C VAL A 44 -1.83 4.87 -0.74
N GLY A 45 -3.06 4.98 -0.21
CA GLY A 45 -3.24 5.39 1.18
C GLY A 45 -4.72 5.40 1.54
N ASP A 46 -5.02 5.32 2.84
CA ASP A 46 -6.40 5.33 3.32
C ASP A 46 -6.45 5.23 4.85
N GLU A 47 -5.54 4.42 5.41
CA GLU A 47 -5.51 4.23 6.85
C GLU A 47 -5.26 5.54 7.58
N THR A 48 -4.24 6.29 7.14
CA THR A 48 -3.93 7.58 7.76
C THR A 48 -3.27 8.54 6.77
N GLY A 49 -2.30 8.04 5.98
CA GLY A 49 -1.58 8.88 5.02
C GLY A 49 -1.22 8.10 3.75
N ARG A 50 -0.77 8.83 2.72
CA ARG A 50 -0.36 8.20 1.45
C ARG A 50 1.16 8.03 1.40
N VAL A 51 1.60 6.95 0.75
CA VAL A 51 3.02 6.65 0.62
C VAL A 51 3.27 5.82 -0.65
N LYS A 52 4.53 5.76 -1.10
CA LYS A 52 4.87 4.99 -2.30
C LYS A 52 4.65 3.51 -2.10
N LEU A 53 4.20 2.87 -3.16
CA LEU A 53 3.91 1.45 -3.15
C LEU A 53 4.34 0.82 -4.47
N THR A 54 5.37 -0.02 -4.42
CA THR A 54 5.87 -0.69 -5.63
C THR A 54 5.58 -2.18 -5.52
N LEU A 55 4.96 -2.74 -6.56
CA LEU A 55 4.62 -4.15 -6.58
C LEU A 55 5.54 -4.89 -7.55
N TRP A 56 5.83 -6.17 -7.25
CA TRP A 56 6.74 -6.96 -8.09
C TRP A 56 6.02 -8.13 -8.77
N GLY A 57 6.38 -8.36 -10.03
CA GLY A 57 5.82 -9.45 -10.82
C GLY A 57 4.45 -9.11 -11.41
N LYS A 58 3.62 -10.15 -11.56
CA LYS A 58 2.28 -9.98 -12.12
C LYS A 58 1.50 -8.95 -11.32
N HIS A 59 1.72 -8.95 -10.01
CA HIS A 59 1.06 -8.00 -9.12
C HIS A 59 1.42 -6.58 -9.53
N ALA A 60 2.68 -6.39 -9.96
CA ALA A 60 3.16 -5.08 -10.40
C ALA A 60 2.35 -4.59 -11.58
N GLY A 61 2.09 -5.49 -12.53
CA GLY A 61 1.32 -5.14 -13.73
C GLY A 61 -0.19 -5.35 -13.54
N SER A 62 -0.59 -5.84 -12.36
CA SER A 62 -2.01 -6.09 -12.08
C SER A 62 -2.67 -4.95 -11.28
N ILE A 63 -1.98 -3.81 -11.15
CA ILE A 63 -2.53 -2.67 -10.40
C ILE A 63 -3.42 -1.80 -11.28
N LYS A 64 -4.34 -1.08 -10.64
CA LYS A 64 -5.26 -0.19 -11.34
C LYS A 64 -5.78 0.88 -10.39
N GLU A 65 -6.00 2.08 -10.92
CA GLU A 65 -6.50 3.20 -10.12
C GLU A 65 -8.00 3.05 -9.84
N GLY A 66 -8.39 3.42 -8.63
CA GLY A 66 -9.80 3.34 -8.22
C GLY A 66 -10.12 2.05 -7.46
N GLN A 67 -9.26 1.03 -7.62
CA GLN A 67 -9.46 -0.26 -6.93
C GLN A 67 -8.74 -0.23 -5.58
N VAL A 68 -9.47 -0.55 -4.52
CA VAL A 68 -8.89 -0.56 -3.18
C VAL A 68 -8.19 -1.90 -2.93
N VAL A 69 -6.98 -1.82 -2.35
CA VAL A 69 -6.21 -3.03 -2.06
C VAL A 69 -5.77 -3.09 -0.59
N LYS A 70 -5.61 -4.31 -0.09
CA LYS A 70 -5.19 -4.54 1.29
C LYS A 70 -3.92 -5.39 1.29
N ILE A 71 -2.96 -5.03 2.14
CA ILE A 71 -1.69 -5.76 2.20
C ILE A 71 -1.46 -6.37 3.59
N GLU A 72 -0.86 -7.56 3.59
CA GLU A 72 -0.54 -8.27 4.84
C GLU A 72 0.91 -8.72 4.82
N ASN A 73 1.59 -8.53 5.96
CA ASN A 73 3.01 -8.92 6.08
C ASN A 73 3.83 -8.31 4.94
N ALA A 74 3.51 -7.06 4.59
CA ALA A 74 4.21 -6.35 3.53
C ALA A 74 5.60 -5.93 3.97
N TRP A 75 6.55 -5.99 3.04
CA TRP A 75 7.93 -5.61 3.32
C TRP A 75 8.22 -4.29 2.60
N THR A 76 8.69 -3.29 3.35
CA THR A 76 8.97 -1.97 2.77
C THR A 76 10.46 -1.63 2.83
N THR A 77 10.84 -0.60 2.08
CA THR A 77 12.23 -0.15 2.03
C THR A 77 12.31 1.35 1.76
N ALA A 78 13.40 1.98 2.20
CA ALA A 78 13.60 3.41 2.02
C ALA A 78 14.69 3.68 0.98
N PHE A 79 14.42 4.63 0.07
CA PHE A 79 15.38 4.97 -0.97
C PHE A 79 15.36 6.48 -1.23
N LYS A 80 16.54 7.11 -1.15
CA LYS A 80 16.67 8.55 -1.36
C LYS A 80 15.81 9.33 -0.36
N GLY A 81 15.72 8.80 0.87
CA GLY A 81 14.94 9.46 1.92
C GLY A 81 13.43 9.41 1.64
N GLN A 82 13.00 8.39 0.90
CA GLN A 82 11.58 8.22 0.56
C GLN A 82 11.07 6.87 1.04
N VAL A 83 9.81 6.84 1.45
CA VAL A 83 9.19 5.59 1.94
C VAL A 83 8.36 4.93 0.85
N GLN A 84 8.71 3.67 0.54
CA GLN A 84 8.01 2.89 -0.47
C GLN A 84 7.76 1.48 0.03
N LEU A 85 6.84 0.77 -0.64
CA LEU A 85 6.49 -0.59 -0.24
C LEU A 85 6.80 -1.62 -1.34
N ASN A 86 7.19 -2.81 -0.91
CA ASN A 86 7.49 -3.90 -1.84
C ASN A 86 6.53 -5.06 -1.59
N ALA A 87 6.07 -5.69 -2.68
CA ALA A 87 5.14 -6.80 -2.56
C ALA A 87 5.36 -7.82 -3.68
N GLY A 88 4.91 -9.05 -3.45
CA GLY A 88 5.05 -10.13 -4.42
C GLY A 88 4.11 -11.28 -4.07
N SER A 89 4.48 -12.48 -4.52
CA SER A 89 3.67 -13.68 -4.25
C SER A 89 3.55 -13.93 -2.76
N LYS A 90 4.65 -13.71 -2.04
CA LYS A 90 4.68 -13.93 -0.59
C LYS A 90 3.67 -13.01 0.11
N THR A 91 3.57 -11.77 -0.36
CA THR A 91 2.65 -10.80 0.24
C THR A 91 1.21 -11.10 -0.20
N LYS A 92 0.32 -11.19 0.78
CA LYS A 92 -1.10 -11.45 0.51
C LYS A 92 -1.83 -10.16 0.17
N ILE A 93 -2.69 -10.23 -0.84
CA ILE A 93 -3.46 -9.06 -1.28
C ILE A 93 -4.96 -9.39 -1.32
N ALA A 94 -5.77 -8.51 -0.73
CA ALA A 94 -7.22 -8.71 -0.69
C ALA A 94 -7.94 -7.35 -0.76
N GLU A 95 -9.19 -7.38 -1.21
CA GLU A 95 -9.98 -6.15 -1.34
C GLU A 95 -10.21 -5.50 0.04
N ALA A 96 -10.13 -4.17 0.07
CA ALA A 96 -10.30 -3.42 1.33
C ALA A 96 -11.62 -2.63 1.32
N SER A 97 -11.89 -1.94 2.44
CA SER A 97 -13.11 -1.15 2.60
C SER A 97 -13.19 -0.02 1.56
N GLU A 98 -14.41 0.40 1.27
CA GLU A 98 -14.67 1.45 0.27
C GLU A 98 -15.73 2.44 0.78
N ASP A 99 -16.25 3.30 -0.12
CA ASP A 99 -17.26 4.31 0.23
C ASP A 99 -18.34 3.74 1.16
N GLY A 100 -18.67 4.52 2.18
CA GLY A 100 -19.69 4.14 3.16
C GLY A 100 -19.07 3.42 4.36
N PHE A 101 -17.88 2.83 4.15
CA PHE A 101 -17.16 2.13 5.21
C PHE A 101 -16.15 3.08 5.86
N PRO A 102 -15.68 2.83 7.08
CA PRO A 102 -14.69 3.71 7.74
C PRO A 102 -13.30 3.54 7.10
N GLU A 103 -13.18 3.98 5.85
CA GLU A 103 -11.92 3.87 5.11
C GLU A 103 -11.86 4.90 3.98
N SER A 104 -12.89 4.87 3.12
CA SER A 104 -12.96 5.78 1.97
C SER A 104 -12.96 7.25 2.40
N SER A 105 -13.79 7.56 3.40
CA SER A 105 -13.89 8.92 3.90
C SER A 105 -12.58 9.40 4.54
N GLN A 106 -11.88 8.47 5.21
CA GLN A 106 -10.60 8.81 5.85
C GLN A 106 -9.45 8.85 4.84
N ILE A 107 -9.78 8.82 3.54
CA ILE A 107 -8.76 8.85 2.50
C ILE A 107 -7.84 10.09 2.64
N PRO A 108 -6.53 9.93 2.91
CA PRO A 108 -5.59 11.07 3.04
C PRO A 108 -5.02 11.53 1.70
N GLU A 109 -4.41 12.72 1.68
CA GLU A 109 -3.83 13.26 0.46
C GLU A 109 -2.31 13.06 0.38
N ASN A 110 -1.65 13.02 1.53
CA ASN A 110 -0.19 12.84 1.55
C ASN A 110 0.31 12.60 2.96
N THR A 111 -0.08 13.47 3.88
CA THR A 111 0.35 13.37 5.27
C THR A 111 -0.75 12.69 6.12
N PRO A 112 -0.42 12.20 7.32
CA PRO A 112 -1.42 11.51 8.19
C PRO A 112 -2.64 12.40 8.48
N THR A 113 -3.82 11.78 8.45
CA THR A 113 -5.07 12.51 8.70
C THR A 113 -5.78 11.94 9.93
N ALA A 114 -6.57 12.79 10.59
CA ALA A 114 -7.31 12.38 11.79
C ALA A 114 -8.49 11.49 11.44
N GLU A 115 -8.77 10.53 12.31
CA GLU A 115 -9.89 9.60 12.13
C GLU A 115 -10.36 9.06 13.47
N ASN A 116 -11.64 8.69 13.57
CA ASN A 116 -12.20 8.16 14.81
C ASN A 116 -12.89 6.81 14.58
N LEU A 117 -13.98 6.83 13.80
CA LEU A 117 -14.74 5.60 13.51
C LEU A 117 -15.85 5.90 12.50
N TYR A 118 -16.55 4.84 12.08
CA TYR A 118 -17.65 4.98 11.12
C TYR A 118 -17.21 5.72 9.87
N PHE A 119 -18.13 5.85 8.92
CA PHE A 119 -17.87 6.54 7.67
C PHE A 119 -17.45 8.00 7.92
N GLN A 120 -18.03 8.61 8.96
CA GLN A 120 -17.71 9.99 9.31
C GLN A 120 -17.96 10.24 10.79
N SER A 121 -17.00 10.91 11.44
CA SER A 121 -17.11 11.21 12.87
C SER A 121 -17.44 9.95 13.68
N GLY A 122 -17.64 10.12 14.99
CA GLY A 122 -17.98 9.00 15.86
C GLY A 122 -18.41 9.49 17.24
N SER A 123 -18.83 8.55 18.09
CA SER A 123 -19.28 8.88 19.44
C SER A 123 -18.12 9.40 20.28
N HIS A 124 -18.44 10.33 21.18
CA HIS A 124 -17.43 10.93 22.06
C HIS A 124 -16.90 9.89 23.05
N MET A 1 0.49 -3.71 16.71
CA MET A 1 -0.73 -4.14 15.99
C MET A 1 -1.27 -2.98 15.17
N GLU A 2 -1.56 -3.24 13.89
CA GLU A 2 -2.09 -2.23 12.98
C GLU A 2 -1.17 -1.01 12.96
N GLU A 3 -0.34 -0.92 11.91
CA GLU A 3 0.59 0.19 11.76
C GLU A 3 -0.01 1.24 10.82
N LYS A 4 0.12 2.52 11.20
CA LYS A 4 -0.40 3.61 10.38
C LYS A 4 0.42 3.73 9.11
N VAL A 5 -0.26 3.88 7.97
CA VAL A 5 0.43 4.00 6.68
C VAL A 5 1.28 5.28 6.65
N GLY A 6 0.67 6.38 7.09
CA GLY A 6 1.36 7.68 7.09
C GLY A 6 2.59 7.69 7.98
N ASN A 7 2.50 7.03 9.15
CA ASN A 7 3.61 7.00 10.10
C ASN A 7 4.27 5.61 10.19
N LEU A 8 4.04 4.76 9.18
CA LEU A 8 4.61 3.40 9.18
C LEU A 8 6.12 3.46 9.37
N LYS A 9 6.72 2.28 9.53
CA LYS A 9 8.18 2.19 9.71
C LYS A 9 8.84 1.57 8.47
N PRO A 10 9.64 2.31 7.69
CA PRO A 10 10.31 1.75 6.47
C PRO A 10 11.26 0.61 6.83
N ASN A 11 11.60 -0.22 5.83
CA ASN A 11 12.50 -1.35 6.05
C ASN A 11 11.94 -2.31 7.10
N MET A 12 10.62 -2.52 7.06
CA MET A 12 9.95 -3.42 8.00
C MET A 12 9.75 -4.78 7.33
N GLU A 13 10.06 -5.85 8.07
CA GLU A 13 9.95 -7.20 7.55
C GLU A 13 8.50 -7.54 7.14
N SER A 14 7.53 -7.04 7.90
CA SER A 14 6.12 -7.31 7.61
C SER A 14 5.20 -6.27 8.25
N VAL A 15 4.23 -5.80 7.47
CA VAL A 15 3.25 -4.82 7.96
C VAL A 15 1.86 -5.14 7.42
N ASN A 16 0.83 -4.75 8.18
CA ASN A 16 -0.57 -4.97 7.77
C ASN A 16 -1.31 -3.64 7.77
N VAL A 17 -1.68 -3.17 6.58
CA VAL A 17 -2.39 -1.90 6.45
C VAL A 17 -3.47 -1.94 5.38
N THR A 18 -4.37 -0.96 5.44
CA THR A 18 -5.47 -0.86 4.47
C THR A 18 -5.29 0.42 3.65
N VAL A 19 -5.23 0.27 2.33
CA VAL A 19 -5.03 1.42 1.44
C VAL A 19 -5.80 1.26 0.13
N ARG A 20 -5.96 2.37 -0.59
CA ARG A 20 -6.63 2.33 -1.89
C ARG A 20 -5.67 2.78 -2.97
N VAL A 21 -5.86 2.22 -4.17
CA VAL A 21 -4.99 2.54 -5.30
C VAL A 21 -5.51 3.80 -6.00
N LEU A 22 -4.91 4.93 -5.65
CA LEU A 22 -5.28 6.22 -6.23
C LEU A 22 -4.47 6.51 -7.48
N GLU A 23 -3.19 6.12 -7.48
CA GLU A 23 -2.31 6.37 -8.63
C GLU A 23 -1.40 5.17 -8.90
N ALA A 24 -1.27 4.81 -10.18
CA ALA A 24 -0.41 3.68 -10.57
C ALA A 24 0.04 3.84 -12.02
N SER A 25 1.26 3.36 -12.31
CA SER A 25 1.82 3.45 -13.66
C SER A 25 1.92 2.06 -14.28
N GLU A 26 2.20 2.02 -15.59
CA GLU A 26 2.32 0.74 -16.28
C GLU A 26 3.60 0.05 -15.83
N ALA A 27 3.48 -1.24 -15.50
CA ALA A 27 4.63 -2.02 -15.05
C ALA A 27 5.64 -2.19 -16.16
N ARG A 28 6.92 -2.25 -15.78
CA ARG A 28 8.00 -2.44 -16.74
C ARG A 28 9.09 -3.32 -16.17
N GLN A 29 9.87 -3.90 -17.06
CA GLN A 29 10.94 -4.82 -16.67
C GLN A 29 12.18 -4.03 -16.22
N ILE A 30 12.75 -4.42 -15.06
CA ILE A 30 13.95 -3.74 -14.55
C ILE A 30 14.99 -4.79 -14.18
N GLN A 31 16.19 -4.64 -14.77
CA GLN A 31 17.27 -5.58 -14.49
C GLN A 31 17.85 -5.35 -13.11
N THR A 32 18.29 -6.44 -12.49
CA THR A 32 18.87 -6.40 -11.16
C THR A 32 19.99 -7.43 -11.07
N LYS A 33 20.83 -7.30 -10.05
CA LYS A 33 21.94 -8.24 -9.86
C LYS A 33 21.43 -9.69 -9.80
N ASN A 34 20.16 -9.86 -9.44
CA ASN A 34 19.56 -11.19 -9.35
C ASN A 34 18.67 -11.52 -10.57
N GLY A 35 18.53 -10.58 -11.51
CA GLY A 35 17.71 -10.82 -12.70
C GLY A 35 16.78 -9.65 -12.98
N VAL A 36 15.91 -9.80 -13.98
CA VAL A 36 14.97 -8.74 -14.36
C VAL A 36 13.56 -9.06 -13.83
N ARG A 37 12.84 -8.00 -13.45
CA ARG A 37 11.50 -8.15 -12.91
C ARG A 37 10.57 -7.06 -13.41
N THR A 38 9.31 -7.42 -13.64
CA THR A 38 8.32 -6.44 -14.08
C THR A 38 7.71 -5.78 -12.86
N ILE A 39 8.04 -4.50 -12.67
CA ILE A 39 7.55 -3.73 -11.52
C ILE A 39 6.78 -2.48 -11.96
N SER A 40 5.86 -2.06 -11.09
CA SER A 40 5.03 -0.88 -11.37
C SER A 40 5.08 0.10 -10.19
N GLU A 41 4.96 1.38 -10.52
CA GLU A 41 5.00 2.44 -9.51
C GLU A 41 3.59 2.95 -9.23
N ALA A 42 3.21 2.95 -7.95
CA ALA A 42 1.89 3.43 -7.56
C ALA A 42 1.92 3.99 -6.15
N ILE A 43 0.97 4.87 -5.85
CA ILE A 43 0.87 5.48 -4.53
C ILE A 43 -0.50 5.15 -3.96
N VAL A 44 -0.50 4.58 -2.76
CA VAL A 44 -1.75 4.19 -2.12
C VAL A 44 -1.79 4.68 -0.67
N GLY A 45 -3.01 4.79 -0.12
CA GLY A 45 -3.18 5.24 1.26
C GLY A 45 -4.65 5.24 1.67
N ASP A 46 -4.89 5.19 2.98
CA ASP A 46 -6.25 5.20 3.53
C ASP A 46 -6.23 5.16 5.06
N GLU A 47 -5.27 4.41 5.62
CA GLU A 47 -5.14 4.29 7.07
C GLU A 47 -4.90 5.66 7.70
N THR A 48 -3.94 6.41 7.14
CA THR A 48 -3.64 7.75 7.66
C THR A 48 -3.14 8.69 6.56
N GLY A 49 -2.17 8.21 5.76
CA GLY A 49 -1.60 9.02 4.68
C GLY A 49 -1.22 8.14 3.50
N ARG A 50 -0.74 8.78 2.41
CA ARG A 50 -0.34 8.02 1.22
C ARG A 50 1.18 7.83 1.19
N VAL A 51 1.60 6.64 0.73
CA VAL A 51 3.02 6.28 0.67
C VAL A 51 3.31 5.54 -0.64
N LYS A 52 4.56 5.59 -1.09
CA LYS A 52 4.95 4.93 -2.33
C LYS A 52 4.79 3.43 -2.20
N LEU A 53 4.27 2.80 -3.25
CA LEU A 53 4.05 1.36 -3.25
C LEU A 53 4.39 0.77 -4.62
N THR A 54 5.39 -0.12 -4.65
CA THR A 54 5.80 -0.75 -5.90
C THR A 54 5.41 -2.24 -5.88
N LEU A 55 4.74 -2.70 -6.95
CA LEU A 55 4.33 -4.09 -7.03
C LEU A 55 5.27 -4.87 -7.94
N TRP A 56 5.57 -6.11 -7.53
CA TRP A 56 6.49 -6.97 -8.29
C TRP A 56 5.76 -8.10 -9.01
N GLY A 57 6.19 -8.36 -10.24
CA GLY A 57 5.63 -9.44 -11.07
C GLY A 57 4.21 -9.15 -11.55
N LYS A 58 3.34 -10.14 -11.39
CA LYS A 58 1.95 -10.02 -11.81
C LYS A 58 1.27 -8.86 -11.11
N HIS A 59 1.63 -8.66 -9.84
CA HIS A 59 1.07 -7.56 -9.07
C HIS A 59 1.44 -6.23 -9.73
N ALA A 60 2.64 -6.17 -10.31
CA ALA A 60 3.10 -4.96 -11.00
C ALA A 60 2.16 -4.63 -12.16
N GLY A 61 1.78 -5.67 -12.90
CA GLY A 61 0.85 -5.50 -14.03
C GLY A 61 -0.62 -5.58 -13.60
N SER A 62 -0.86 -5.84 -12.31
CA SER A 62 -2.23 -5.94 -11.78
C SER A 62 -2.67 -4.65 -11.09
N ILE A 63 -1.92 -3.55 -11.30
CA ILE A 63 -2.23 -2.27 -10.68
C ILE A 63 -3.32 -1.54 -11.45
N LYS A 64 -4.22 -0.89 -10.73
CA LYS A 64 -5.30 -0.15 -11.35
C LYS A 64 -5.83 0.91 -10.39
N GLU A 65 -6.07 2.12 -10.91
CA GLU A 65 -6.58 3.22 -10.09
C GLU A 65 -8.07 3.01 -9.81
N GLY A 66 -8.50 3.44 -8.62
CA GLY A 66 -9.90 3.30 -8.20
C GLY A 66 -10.14 1.96 -7.48
N GLN A 67 -9.15 1.05 -7.54
CA GLN A 67 -9.25 -0.25 -6.89
C GLN A 67 -8.72 -0.16 -5.46
N VAL A 68 -9.46 -0.74 -4.52
CA VAL A 68 -9.04 -0.73 -3.11
C VAL A 68 -8.38 -2.07 -2.77
N VAL A 69 -7.19 -2.00 -2.16
CA VAL A 69 -6.47 -3.23 -1.78
C VAL A 69 -6.08 -3.21 -0.31
N LYS A 70 -5.92 -4.39 0.26
CA LYS A 70 -5.53 -4.53 1.65
C LYS A 70 -4.18 -5.24 1.71
N ILE A 71 -3.20 -4.54 2.27
CA ILE A 71 -1.84 -5.06 2.37
C ILE A 71 -1.65 -5.92 3.60
N GLU A 72 -1.05 -7.10 3.38
CA GLU A 72 -0.77 -8.04 4.47
C GLU A 72 0.65 -8.60 4.34
N ASN A 73 1.42 -8.52 5.43
CA ASN A 73 2.79 -9.02 5.45
C ASN A 73 3.60 -8.51 4.26
N ALA A 74 3.56 -7.19 4.04
CA ALA A 74 4.30 -6.60 2.92
C ALA A 74 5.67 -6.11 3.36
N TRP A 75 6.68 -6.47 2.57
CA TRP A 75 8.05 -6.05 2.83
C TRP A 75 8.26 -4.66 2.26
N THR A 76 8.73 -3.72 3.09
CA THR A 76 8.94 -2.34 2.65
C THR A 76 10.41 -1.98 2.72
N THR A 77 10.80 -0.98 1.91
CA THR A 77 12.19 -0.53 1.87
C THR A 77 12.25 0.99 1.75
N ALA A 78 13.43 1.57 2.05
CA ALA A 78 13.61 3.01 1.98
C ALA A 78 14.87 3.35 1.19
N PHE A 79 14.69 4.11 0.10
CA PHE A 79 15.81 4.52 -0.75
C PHE A 79 15.78 6.02 -1.03
N LYS A 80 16.95 6.64 -1.06
CA LYS A 80 17.06 8.07 -1.34
C LYS A 80 16.17 8.89 -0.40
N GLY A 81 16.03 8.41 0.85
CA GLY A 81 15.20 9.11 1.84
C GLY A 81 13.72 9.06 1.46
N GLN A 82 13.31 8.01 0.74
CA GLN A 82 11.92 7.86 0.31
C GLN A 82 11.31 6.60 0.93
N VAL A 83 10.03 6.69 1.27
CA VAL A 83 9.32 5.56 1.88
C VAL A 83 8.50 4.82 0.81
N GLN A 84 8.79 3.53 0.64
CA GLN A 84 8.07 2.70 -0.35
C GLN A 84 7.73 1.33 0.22
N LEU A 85 6.77 0.67 -0.43
CA LEU A 85 6.32 -0.66 -0.01
C LEU A 85 6.40 -1.62 -1.19
N ASN A 86 6.92 -2.82 -0.94
CA ASN A 86 7.06 -3.83 -1.99
C ASN A 86 6.18 -5.04 -1.71
N ALA A 87 5.62 -5.62 -2.77
CA ALA A 87 4.75 -6.77 -2.65
C ALA A 87 4.98 -7.74 -3.81
N GLY A 88 4.54 -8.98 -3.61
CA GLY A 88 4.70 -10.02 -4.62
C GLY A 88 3.82 -11.22 -4.30
N SER A 89 4.19 -12.39 -4.81
CA SER A 89 3.43 -13.61 -4.57
C SER A 89 3.36 -13.94 -3.09
N LYS A 90 4.49 -13.78 -2.40
CA LYS A 90 4.58 -14.08 -0.97
C LYS A 90 3.62 -13.20 -0.15
N THR A 91 3.35 -11.98 -0.62
CA THR A 91 2.45 -11.07 0.09
C THR A 91 1.00 -11.39 -0.22
N LYS A 92 0.12 -11.11 0.75
CA LYS A 92 -1.31 -11.36 0.59
C LYS A 92 -2.07 -10.06 0.41
N ILE A 93 -2.96 -10.03 -0.58
CA ILE A 93 -3.75 -8.84 -0.87
C ILE A 93 -5.24 -9.20 -0.98
N ALA A 94 -6.08 -8.43 -0.30
CA ALA A 94 -7.53 -8.66 -0.30
C ALA A 94 -8.29 -7.34 -0.31
N GLU A 95 -9.57 -7.40 -0.70
CA GLU A 95 -10.39 -6.18 -0.76
C GLU A 95 -10.46 -5.52 0.61
N ALA A 96 -10.42 -4.17 0.61
CA ALA A 96 -10.45 -3.40 1.85
C ALA A 96 -11.74 -2.58 1.97
N SER A 97 -11.87 -1.87 3.09
CA SER A 97 -13.06 -1.05 3.36
C SER A 97 -13.29 0.00 2.27
N GLU A 98 -14.56 0.33 2.06
CA GLU A 98 -14.96 1.30 1.04
C GLU A 98 -16.03 2.26 1.59
N ASP A 99 -16.67 3.03 0.70
CA ASP A 99 -17.71 4.01 1.10
C ASP A 99 -18.62 3.46 2.20
N GLY A 100 -18.89 4.32 3.18
CA GLY A 100 -19.73 3.96 4.33
C GLY A 100 -18.88 3.50 5.52
N PHE A 101 -17.67 3.01 5.22
CA PHE A 101 -16.73 2.57 6.24
C PHE A 101 -15.74 3.72 6.55
N PRO A 102 -15.08 3.72 7.71
CA PRO A 102 -14.10 4.80 8.04
C PRO A 102 -12.77 4.61 7.29
N GLU A 103 -12.87 4.50 5.96
CA GLU A 103 -11.69 4.31 5.12
C GLU A 103 -11.81 5.12 3.82
N SER A 104 -12.88 4.85 3.07
CA SER A 104 -13.11 5.55 1.79
C SER A 104 -13.27 7.05 1.97
N SER A 105 -14.03 7.44 2.99
CA SER A 105 -14.30 8.86 3.27
C SER A 105 -13.05 9.60 3.75
N GLN A 106 -12.23 8.90 4.54
CA GLN A 106 -11.02 9.51 5.11
C GLN A 106 -9.78 9.28 4.23
N ILE A 107 -9.98 8.93 2.96
CA ILE A 107 -8.83 8.69 2.08
C ILE A 107 -7.89 9.92 2.05
N PRO A 108 -6.60 9.78 2.41
CA PRO A 108 -5.63 10.92 2.41
C PRO A 108 -5.05 11.18 1.02
N GLU A 109 -4.51 12.39 0.81
CA GLU A 109 -3.94 12.75 -0.49
C GLU A 109 -2.41 12.67 -0.51
N ASN A 110 -1.77 12.77 0.65
CA ASN A 110 -0.30 12.70 0.72
C ASN A 110 0.18 12.78 2.16
N THR A 111 -0.45 13.64 2.95
CA THR A 111 -0.07 13.82 4.34
C THR A 111 -0.98 13.03 5.29
N PRO A 112 -0.47 12.51 6.41
CA PRO A 112 -1.30 11.72 7.37
C PRO A 112 -2.42 12.53 7.98
N THR A 113 -3.57 11.88 8.19
CA THR A 113 -4.74 12.55 8.77
C THR A 113 -5.46 11.61 9.75
N ALA A 114 -6.19 12.21 10.70
CA ALA A 114 -6.93 11.43 11.70
C ALA A 114 -7.97 10.53 11.04
N GLU A 115 -8.16 9.35 11.62
CA GLU A 115 -9.12 8.38 11.08
C GLU A 115 -10.39 8.35 11.94
N ASN A 116 -11.54 8.50 11.29
CA ASN A 116 -12.83 8.48 11.98
C ASN A 116 -13.11 7.09 12.53
N LEU A 117 -13.54 7.02 13.79
CA LEU A 117 -13.84 5.74 14.42
C LEU A 117 -14.96 5.03 13.66
N TYR A 118 -16.04 5.76 13.36
CA TYR A 118 -17.17 5.21 12.62
C TYR A 118 -17.56 6.14 11.47
N PHE A 119 -17.25 5.74 10.24
CA PHE A 119 -17.58 6.51 9.02
C PHE A 119 -17.38 8.03 9.26
N GLN A 120 -18.45 8.75 9.63
CA GLN A 120 -18.38 10.20 9.87
C GLN A 120 -19.16 10.57 11.13
N SER A 121 -18.79 11.69 11.75
CA SER A 121 -19.45 12.16 12.96
C SER A 121 -19.44 11.08 14.06
N GLY A 122 -18.25 10.52 14.30
CA GLY A 122 -18.08 9.49 15.30
C GLY A 122 -18.01 10.10 16.71
N SER A 123 -17.87 9.23 17.71
CA SER A 123 -17.80 9.68 19.11
C SER A 123 -16.56 10.56 19.33
N HIS A 124 -15.46 10.24 18.64
CA HIS A 124 -14.23 11.01 18.77
C HIS A 124 -13.20 10.55 17.73
N MET A 1 -1.51 -6.09 13.72
CA MET A 1 -0.59 -4.93 13.91
C MET A 1 -1.38 -3.63 13.74
N GLU A 2 -2.04 -3.49 12.59
CA GLU A 2 -2.83 -2.29 12.30
C GLU A 2 -1.98 -1.03 12.48
N GLU A 3 -0.94 -0.91 11.65
CA GLU A 3 -0.04 0.22 11.70
C GLU A 3 -0.45 1.29 10.67
N LYS A 4 -0.22 2.55 11.03
CA LYS A 4 -0.58 3.67 10.15
C LYS A 4 0.31 3.65 8.91
N VAL A 5 -0.30 3.78 7.73
CA VAL A 5 0.44 3.76 6.47
C VAL A 5 1.23 5.06 6.27
N GLY A 6 0.60 6.18 6.58
CA GLY A 6 1.22 7.49 6.42
C GLY A 6 2.47 7.62 7.30
N ASN A 7 2.38 7.08 8.51
CA ASN A 7 3.49 7.13 9.46
C ASN A 7 4.11 5.75 9.70
N LEU A 8 3.85 4.80 8.78
CA LEU A 8 4.39 3.45 8.91
C LEU A 8 5.90 3.50 9.15
N LYS A 9 6.47 2.35 9.55
CA LYS A 9 7.91 2.26 9.80
C LYS A 9 8.59 1.52 8.63
N PRO A 10 9.56 2.13 7.93
CA PRO A 10 10.24 1.45 6.78
C PRO A 10 11.14 0.30 7.23
N ASN A 11 11.50 -0.56 6.29
CA ASN A 11 12.34 -1.73 6.57
C ASN A 11 11.67 -2.63 7.61
N MET A 12 10.37 -2.87 7.42
CA MET A 12 9.60 -3.73 8.32
C MET A 12 9.29 -5.04 7.63
N GLU A 13 9.51 -6.14 8.35
CA GLU A 13 9.29 -7.47 7.82
C GLU A 13 7.81 -7.69 7.49
N SER A 14 6.93 -7.19 8.35
CA SER A 14 5.49 -7.36 8.15
C SER A 14 4.70 -6.11 8.51
N VAL A 15 3.66 -5.84 7.72
CA VAL A 15 2.79 -4.69 7.96
C VAL A 15 1.37 -5.00 7.43
N ASN A 16 0.35 -4.69 8.24
CA ASN A 16 -1.04 -4.95 7.83
C ASN A 16 -1.84 -3.64 7.82
N VAL A 17 -2.21 -3.21 6.61
CA VAL A 17 -2.97 -1.97 6.46
C VAL A 17 -3.81 -1.99 5.18
N THR A 18 -4.93 -1.27 5.20
CA THR A 18 -5.81 -1.18 4.02
C THR A 18 -5.64 0.18 3.37
N VAL A 19 -5.31 0.19 2.08
CA VAL A 19 -5.08 1.44 1.34
C VAL A 19 -5.78 1.43 -0.02
N ARG A 20 -5.96 2.63 -0.56
CA ARG A 20 -6.60 2.79 -1.87
C ARG A 20 -5.56 3.19 -2.91
N VAL A 21 -5.54 2.48 -4.04
CA VAL A 21 -4.57 2.79 -5.10
C VAL A 21 -5.00 4.09 -5.78
N LEU A 22 -4.39 5.18 -5.32
CA LEU A 22 -4.68 6.51 -5.86
C LEU A 22 -4.17 6.66 -7.28
N GLU A 23 -2.94 6.16 -7.53
CA GLU A 23 -2.35 6.26 -8.86
C GLU A 23 -1.29 5.17 -9.07
N ALA A 24 -1.19 4.69 -10.30
CA ALA A 24 -0.22 3.64 -10.63
C ALA A 24 0.18 3.73 -12.11
N SER A 25 1.40 3.28 -12.42
CA SER A 25 1.90 3.30 -13.79
C SER A 25 2.12 1.88 -14.29
N GLU A 26 2.19 1.72 -15.61
CA GLU A 26 2.39 0.41 -16.21
C GLU A 26 3.73 -0.17 -15.77
N ALA A 27 3.74 -1.45 -15.42
CA ALA A 27 4.95 -2.12 -14.97
C ALA A 27 5.96 -2.24 -16.10
N ARG A 28 7.25 -2.16 -15.73
CA ARG A 28 8.33 -2.28 -16.71
C ARG A 28 9.30 -3.37 -16.27
N GLN A 29 9.79 -4.12 -17.25
CA GLN A 29 10.73 -5.22 -16.99
C GLN A 29 12.15 -4.67 -16.79
N ILE A 30 12.91 -5.27 -15.86
CA ILE A 30 14.27 -4.81 -15.60
C ILE A 30 15.21 -6.00 -15.54
N GLN A 31 16.19 -6.05 -16.46
CA GLN A 31 17.15 -7.16 -16.47
C GLN A 31 18.13 -7.01 -15.34
N THR A 32 18.58 -8.15 -14.83
CA THR A 32 19.52 -8.19 -13.72
C THR A 32 20.38 -9.44 -13.86
N LYS A 33 21.45 -9.51 -13.08
CA LYS A 33 22.34 -10.67 -13.11
C LYS A 33 21.53 -11.94 -12.80
N ASN A 34 20.58 -11.80 -11.87
CA ASN A 34 19.74 -12.93 -11.48
C ASN A 34 18.50 -13.08 -12.38
N GLY A 35 18.30 -12.19 -13.37
CA GLY A 35 17.15 -12.30 -14.26
C GLY A 35 16.44 -10.96 -14.41
N VAL A 36 15.29 -10.98 -15.10
CA VAL A 36 14.50 -9.77 -15.33
C VAL A 36 13.32 -9.70 -14.35
N ARG A 37 12.90 -8.47 -13.98
CA ARG A 37 11.78 -8.31 -13.05
C ARG A 37 10.82 -7.23 -13.53
N THR A 38 9.54 -7.56 -13.51
CA THR A 38 8.52 -6.59 -13.92
C THR A 38 8.02 -5.87 -12.69
N ILE A 39 8.38 -4.59 -12.58
CA ILE A 39 7.98 -3.77 -11.42
C ILE A 39 7.16 -2.57 -11.86
N SER A 40 6.32 -2.05 -10.96
CA SER A 40 5.47 -0.91 -11.26
C SER A 40 5.45 0.08 -10.11
N GLU A 41 5.16 1.34 -10.45
CA GLU A 41 5.10 2.42 -9.46
C GLU A 41 3.66 2.76 -9.14
N ALA A 42 3.35 2.83 -7.85
CA ALA A 42 1.99 3.15 -7.42
C ALA A 42 2.02 3.85 -6.06
N ILE A 43 1.02 4.68 -5.82
CA ILE A 43 0.89 5.40 -4.56
C ILE A 43 -0.46 5.05 -3.95
N VAL A 44 -0.43 4.56 -2.72
CA VAL A 44 -1.65 4.16 -2.02
C VAL A 44 -1.75 4.82 -0.65
N GLY A 45 -2.98 4.93 -0.15
CA GLY A 45 -3.22 5.52 1.17
C GLY A 45 -4.70 5.42 1.55
N ASP A 46 -4.97 5.48 2.86
CA ASP A 46 -6.35 5.40 3.38
C ASP A 46 -6.34 5.44 4.90
N GLU A 47 -5.41 4.67 5.49
CA GLU A 47 -5.31 4.59 6.95
C GLU A 47 -5.01 5.96 7.55
N THR A 48 -4.09 6.70 6.93
CA THR A 48 -3.74 8.04 7.42
C THR A 48 -3.37 8.98 6.27
N GLY A 49 -2.60 8.46 5.32
CA GLY A 49 -2.16 9.26 4.17
C GLY A 49 -1.61 8.37 3.05
N ARG A 50 -0.94 9.00 2.08
CA ARG A 50 -0.38 8.26 0.93
C ARG A 50 1.12 8.01 1.08
N VAL A 51 1.56 6.85 0.56
CA VAL A 51 2.98 6.47 0.58
C VAL A 51 3.34 5.80 -0.74
N LYS A 52 4.64 5.73 -1.04
CA LYS A 52 5.09 5.08 -2.27
C LYS A 52 4.99 3.56 -2.11
N LEU A 53 4.49 2.91 -3.15
CA LEU A 53 4.34 1.46 -3.14
C LEU A 53 4.69 0.87 -4.49
N THR A 54 5.72 0.00 -4.52
CA THR A 54 6.13 -0.63 -5.79
C THR A 54 5.76 -2.10 -5.77
N LEU A 55 5.09 -2.57 -6.84
CA LEU A 55 4.68 -3.98 -6.92
C LEU A 55 5.62 -4.75 -7.85
N TRP A 56 6.02 -5.94 -7.39
CA TRP A 56 6.93 -6.79 -8.16
C TRP A 56 6.20 -8.00 -8.72
N GLY A 57 6.52 -8.34 -9.97
CA GLY A 57 5.91 -9.50 -10.63
C GLY A 57 4.49 -9.21 -11.11
N LYS A 58 3.65 -10.25 -11.08
CA LYS A 58 2.25 -10.11 -11.52
C LYS A 58 1.57 -8.95 -10.80
N HIS A 59 2.03 -8.66 -9.58
CA HIS A 59 1.49 -7.55 -8.81
C HIS A 59 1.81 -6.23 -9.52
N ALA A 60 3.01 -6.16 -10.11
CA ALA A 60 3.43 -4.97 -10.85
C ALA A 60 2.48 -4.70 -12.00
N GLY A 61 2.08 -5.77 -12.68
CA GLY A 61 1.16 -5.68 -13.81
C GLY A 61 -0.32 -5.72 -13.36
N SER A 62 -0.55 -5.90 -12.05
CA SER A 62 -1.92 -5.96 -11.51
C SER A 62 -2.33 -4.63 -10.86
N ILE A 63 -1.57 -3.56 -11.12
CA ILE A 63 -1.86 -2.24 -10.54
C ILE A 63 -2.94 -1.52 -11.33
N LYS A 64 -3.89 -0.94 -10.60
CA LYS A 64 -4.99 -0.19 -11.22
C LYS A 64 -5.31 1.03 -10.37
N GLU A 65 -5.52 2.17 -11.04
CA GLU A 65 -5.86 3.41 -10.35
C GLU A 65 -7.33 3.39 -9.93
N GLY A 66 -7.62 3.92 -8.74
CA GLY A 66 -8.98 3.98 -8.22
C GLY A 66 -9.41 2.65 -7.57
N GLN A 67 -8.54 1.63 -7.63
CA GLN A 67 -8.83 0.33 -7.05
C GLN A 67 -8.38 0.28 -5.59
N VAL A 68 -9.25 -0.21 -4.71
CA VAL A 68 -8.92 -0.31 -3.28
C VAL A 68 -8.43 -1.72 -2.95
N VAL A 69 -7.22 -1.81 -2.40
CA VAL A 69 -6.63 -3.11 -2.04
C VAL A 69 -6.07 -3.07 -0.62
N LYS A 70 -5.99 -4.26 0.00
CA LYS A 70 -5.47 -4.38 1.35
C LYS A 70 -4.23 -5.27 1.34
N ILE A 71 -3.17 -4.83 2.01
CA ILE A 71 -1.91 -5.59 2.04
C ILE A 71 -1.68 -6.25 3.40
N GLU A 72 -1.12 -7.47 3.35
CA GLU A 72 -0.83 -8.23 4.56
C GLU A 72 0.61 -8.77 4.49
N ASN A 73 1.33 -8.66 5.60
CA ASN A 73 2.72 -9.13 5.66
C ASN A 73 3.55 -8.45 4.55
N ALA A 74 3.28 -7.17 4.33
CA ALA A 74 3.99 -6.40 3.31
C ALA A 74 5.41 -6.08 3.77
N TRP A 75 6.33 -6.07 2.80
CA TRP A 75 7.73 -5.76 3.06
C TRP A 75 8.00 -4.32 2.61
N THR A 76 8.53 -3.49 3.51
CA THR A 76 8.80 -2.08 3.18
C THR A 76 10.29 -1.76 3.23
N THR A 77 10.65 -0.65 2.57
CA THR A 77 12.03 -0.18 2.53
C THR A 77 12.06 1.34 2.34
N ALA A 78 13.14 1.98 2.81
CA ALA A 78 13.26 3.43 2.68
C ALA A 78 14.61 3.83 2.06
N PHE A 79 14.54 4.67 1.03
CA PHE A 79 15.74 5.14 0.35
C PHE A 79 15.71 6.66 0.22
N LYS A 80 16.88 7.29 0.37
CA LYS A 80 17.00 8.75 0.27
C LYS A 80 15.98 9.45 1.18
N GLY A 81 15.71 8.85 2.34
CA GLY A 81 14.76 9.44 3.30
C GLY A 81 13.33 9.39 2.78
N GLN A 82 13.02 8.39 1.95
CA GLN A 82 11.67 8.25 1.38
C GLN A 82 11.01 6.97 1.89
N VAL A 83 9.68 7.01 2.00
CA VAL A 83 8.92 5.87 2.49
C VAL A 83 8.33 5.08 1.31
N GLN A 84 8.73 3.81 1.17
CA GLN A 84 8.23 2.96 0.09
C GLN A 84 7.79 1.61 0.61
N LEU A 85 6.91 0.93 -0.14
CA LEU A 85 6.42 -0.40 0.24
C LEU A 85 6.50 -1.33 -0.96
N ASN A 86 7.12 -2.50 -0.75
CA ASN A 86 7.28 -3.48 -1.83
C ASN A 86 6.52 -4.76 -1.55
N ALA A 87 6.09 -5.40 -2.64
CA ALA A 87 5.34 -6.65 -2.57
C ALA A 87 5.64 -7.46 -3.83
N GLY A 88 5.35 -8.77 -3.79
CA GLY A 88 5.60 -9.63 -4.94
C GLY A 88 6.23 -10.96 -4.51
N SER A 89 7.22 -10.87 -3.61
CA SER A 89 7.92 -12.06 -3.13
C SER A 89 6.95 -12.98 -2.38
N LYS A 90 6.09 -12.37 -1.54
CA LYS A 90 5.10 -13.14 -0.77
C LYS A 90 4.18 -12.19 0.00
N THR A 91 3.31 -11.49 -0.74
CA THR A 91 2.37 -10.56 -0.13
C THR A 91 0.94 -10.92 -0.52
N LYS A 92 0.06 -11.01 0.49
CA LYS A 92 -1.35 -11.33 0.26
C LYS A 92 -2.14 -10.05 0.05
N ILE A 93 -2.92 -10.01 -1.04
CA ILE A 93 -3.72 -8.83 -1.36
C ILE A 93 -5.21 -9.21 -1.47
N ALA A 94 -6.04 -8.46 -0.75
CA ALA A 94 -7.49 -8.69 -0.75
C ALA A 94 -8.23 -7.37 -0.97
N GLU A 95 -9.27 -7.41 -1.80
CA GLU A 95 -10.06 -6.21 -2.09
C GLU A 95 -11.04 -5.93 -0.95
N ALA A 96 -11.00 -4.70 -0.44
CA ALA A 96 -11.89 -4.29 0.65
C ALA A 96 -12.14 -2.78 0.61
N SER A 97 -13.33 -2.38 1.04
CA SER A 97 -13.69 -0.95 1.06
C SER A 97 -13.61 -0.41 2.49
N GLU A 98 -13.95 0.87 2.65
CA GLU A 98 -13.91 1.55 3.94
C GLU A 98 -14.42 0.69 5.10
N ASP A 99 -13.50 0.34 6.00
CA ASP A 99 -13.87 -0.44 7.18
C ASP A 99 -14.33 0.51 8.29
N GLY A 100 -15.64 0.50 8.57
CA GLY A 100 -16.21 1.34 9.62
C GLY A 100 -16.40 2.81 9.18
N PHE A 101 -15.65 3.24 8.16
CA PHE A 101 -15.74 4.62 7.66
C PHE A 101 -16.76 4.72 6.52
N PRO A 102 -17.30 5.92 6.23
CA PRO A 102 -18.28 6.09 5.11
C PRO A 102 -17.69 5.66 3.77
N GLU A 103 -16.47 6.15 3.52
CA GLU A 103 -15.69 5.83 2.30
C GLU A 103 -14.44 6.70 2.21
N SER A 104 -13.42 6.15 1.55
CA SER A 104 -12.13 6.80 1.39
C SER A 104 -12.25 8.26 0.94
N SER A 105 -13.34 8.60 0.26
CA SER A 105 -13.56 9.95 -0.25
C SER A 105 -13.55 10.97 0.89
N GLN A 106 -14.13 10.60 2.03
CA GLN A 106 -14.20 11.49 3.18
C GLN A 106 -12.85 11.55 3.92
N ILE A 107 -12.03 10.51 3.75
CA ILE A 107 -10.72 10.47 4.41
C ILE A 107 -9.64 10.99 3.43
N PRO A 108 -8.89 12.06 3.77
CA PRO A 108 -7.83 12.59 2.86
C PRO A 108 -6.59 11.71 2.85
N GLU A 109 -6.15 11.33 1.64
CA GLU A 109 -4.96 10.49 1.48
C GLU A 109 -3.72 11.32 1.10
N ASN A 110 -3.92 12.59 0.74
CA ASN A 110 -2.81 13.46 0.34
C ASN A 110 -1.78 13.63 1.46
N THR A 111 -2.27 13.78 2.69
CA THR A 111 -1.40 13.96 3.84
C THR A 111 -1.77 12.97 4.96
N PRO A 112 -0.84 12.62 5.85
CA PRO A 112 -1.14 11.65 6.96
C PRO A 112 -2.06 12.26 8.01
N THR A 113 -3.05 11.47 8.43
CA THR A 113 -4.01 11.92 9.45
C THR A 113 -4.23 10.83 10.49
N ALA A 114 -4.70 11.23 11.68
CA ALA A 114 -4.96 10.29 12.76
C ALA A 114 -6.20 9.46 12.46
N GLU A 115 -6.13 8.15 12.72
CA GLU A 115 -7.26 7.25 12.48
C GLU A 115 -7.12 5.99 13.31
N ASN A 116 -8.22 5.59 13.97
CA ASN A 116 -8.22 4.39 14.81
C ASN A 116 -9.64 3.83 14.98
N LEU A 117 -10.21 3.36 13.86
CA LEU A 117 -11.56 2.78 13.88
C LEU A 117 -11.70 1.73 12.78
N TYR A 118 -12.30 0.59 13.13
CA TYR A 118 -12.49 -0.51 12.19
C TYR A 118 -13.94 -0.97 12.16
N PHE A 119 -14.35 -1.50 11.01
CA PHE A 119 -15.73 -1.97 10.82
C PHE A 119 -16.08 -3.01 11.88
N GLN A 120 -17.26 -2.87 12.48
CA GLN A 120 -17.71 -3.79 13.52
C GLN A 120 -17.79 -5.22 12.98
N SER A 121 -18.32 -5.34 11.76
CA SER A 121 -18.46 -6.65 11.11
C SER A 121 -19.21 -7.63 12.02
N GLY A 122 -19.25 -8.91 11.62
CA GLY A 122 -19.94 -9.94 12.40
C GLY A 122 -19.47 -11.33 11.99
N SER A 123 -20.03 -12.35 12.65
CA SER A 123 -19.66 -13.74 12.37
C SER A 123 -20.89 -14.54 11.95
N HIS A 124 -20.67 -15.54 11.09
CA HIS A 124 -21.76 -16.40 10.60
C HIS A 124 -22.87 -15.55 9.98
N MET A 1 -2.80 -6.10 15.77
CA MET A 1 -1.74 -5.05 15.69
C MET A 1 -1.76 -4.41 14.30
N GLU A 2 -1.47 -3.11 14.25
CA GLU A 2 -1.44 -2.38 12.99
C GLU A 2 -0.46 -1.20 13.06
N GLU A 3 -0.03 -0.73 11.89
CA GLU A 3 0.91 0.38 11.81
C GLU A 3 0.38 1.45 10.85
N LYS A 4 0.64 2.71 11.19
CA LYS A 4 0.20 3.84 10.36
C LYS A 4 0.96 3.84 9.05
N VAL A 5 0.24 3.99 7.93
CA VAL A 5 0.85 3.99 6.61
C VAL A 5 1.79 5.20 6.45
N GLY A 6 1.29 6.37 6.83
CA GLY A 6 2.06 7.61 6.72
C GLY A 6 3.32 7.61 7.58
N ASN A 7 3.21 7.04 8.78
CA ASN A 7 4.33 7.00 9.72
C ASN A 7 4.90 5.58 9.88
N LEU A 8 4.60 4.68 8.95
CA LEU A 8 5.08 3.30 9.04
C LEU A 8 6.60 3.28 9.17
N LYS A 9 7.14 2.14 9.59
CA LYS A 9 8.58 1.98 9.75
C LYS A 9 9.16 1.20 8.56
N PRO A 10 10.11 1.76 7.78
CA PRO A 10 10.70 1.03 6.61
C PRO A 10 11.60 -0.12 7.08
N ASN A 11 11.92 -1.01 6.14
CA ASN A 11 12.74 -2.18 6.44
C ASN A 11 12.08 -3.06 7.51
N MET A 12 10.77 -3.25 7.36
CA MET A 12 10.00 -4.07 8.29
C MET A 12 9.62 -5.37 7.59
N GLU A 13 9.79 -6.47 8.31
CA GLU A 13 9.50 -7.80 7.76
C GLU A 13 8.04 -7.94 7.40
N SER A 14 7.14 -7.40 8.24
CA SER A 14 5.71 -7.52 7.97
C SER A 14 4.90 -6.38 8.61
N VAL A 15 3.92 -5.88 7.85
CA VAL A 15 3.03 -4.82 8.33
C VAL A 15 1.61 -5.07 7.83
N ASN A 16 0.61 -4.57 8.57
CA ASN A 16 -0.80 -4.74 8.19
C ASN A 16 -1.49 -3.39 8.05
N VAL A 17 -1.84 -3.02 6.82
CA VAL A 17 -2.50 -1.74 6.57
C VAL A 17 -3.48 -1.82 5.40
N THR A 18 -4.35 -0.82 5.31
CA THR A 18 -5.33 -0.73 4.23
C THR A 18 -5.20 0.63 3.56
N VAL A 19 -5.03 0.64 2.23
CA VAL A 19 -4.85 1.90 1.50
C VAL A 19 -5.63 1.95 0.20
N ARG A 20 -5.80 3.18 -0.31
CA ARG A 20 -6.52 3.41 -1.56
C ARG A 20 -5.51 3.73 -2.66
N VAL A 21 -5.68 3.07 -3.81
CA VAL A 21 -4.78 3.29 -4.95
C VAL A 21 -5.29 4.50 -5.73
N LEU A 22 -4.49 5.57 -5.71
CA LEU A 22 -4.84 6.80 -6.42
C LEU A 22 -3.95 7.01 -7.64
N GLU A 23 -2.68 6.59 -7.54
CA GLU A 23 -1.74 6.75 -8.65
C GLU A 23 -0.99 5.45 -8.91
N ALA A 24 -0.91 5.06 -10.18
CA ALA A 24 -0.22 3.83 -10.56
C ALA A 24 0.29 3.92 -11.99
N SER A 25 1.38 3.20 -12.26
CA SER A 25 1.99 3.18 -13.60
C SER A 25 2.01 1.75 -14.12
N GLU A 26 1.98 1.61 -15.44
CA GLU A 26 1.99 0.30 -16.08
C GLU A 26 3.25 -0.46 -15.66
N ALA A 27 3.07 -1.75 -15.37
CA ALA A 27 4.19 -2.59 -14.95
C ALA A 27 5.24 -2.69 -16.04
N ARG A 28 6.50 -2.81 -15.62
CA ARG A 28 7.63 -2.94 -16.54
C ARG A 28 8.65 -3.89 -15.96
N GLN A 29 9.65 -4.26 -16.76
CA GLN A 29 10.68 -5.19 -16.30
C GLN A 29 12.05 -4.51 -16.24
N ILE A 30 12.84 -4.86 -15.21
CA ILE A 30 14.16 -4.31 -15.03
C ILE A 30 15.18 -5.40 -15.33
N GLN A 31 16.00 -5.17 -16.34
CA GLN A 31 16.99 -6.16 -16.75
C GLN A 31 18.29 -6.01 -15.95
N THR A 32 18.67 -7.11 -15.30
CA THR A 32 19.88 -7.17 -14.50
C THR A 32 20.65 -8.44 -14.82
N LYS A 33 21.97 -8.41 -14.67
CA LYS A 33 22.80 -9.57 -14.95
C LYS A 33 22.33 -10.83 -14.20
N ASN A 34 21.56 -10.62 -13.12
CA ASN A 34 21.06 -11.74 -12.31
C ASN A 34 19.60 -12.07 -12.64
N GLY A 35 19.11 -11.60 -13.79
CA GLY A 35 17.72 -11.86 -14.20
C GLY A 35 16.93 -10.56 -14.38
N VAL A 36 15.65 -10.70 -14.71
CA VAL A 36 14.76 -9.55 -14.91
C VAL A 36 13.64 -9.58 -13.86
N ARG A 37 13.14 -8.39 -13.46
CA ARG A 37 12.06 -8.34 -12.48
C ARG A 37 10.95 -7.43 -12.96
N THR A 38 9.73 -7.96 -12.98
CA THR A 38 8.59 -7.17 -13.39
C THR A 38 8.10 -6.40 -12.19
N ILE A 39 8.31 -5.09 -12.22
CA ILE A 39 7.91 -4.22 -11.12
C ILE A 39 7.02 -3.10 -11.62
N SER A 40 6.18 -2.57 -10.72
CA SER A 40 5.26 -1.50 -11.07
C SER A 40 5.31 -0.40 -10.00
N GLU A 41 4.99 0.82 -10.41
CA GLU A 41 5.00 1.96 -9.49
C GLU A 41 3.58 2.33 -9.09
N ALA A 42 3.37 2.50 -7.79
CA ALA A 42 2.05 2.87 -7.28
C ALA A 42 2.18 3.68 -6.00
N ILE A 43 1.27 4.62 -5.82
CA ILE A 43 1.24 5.46 -4.62
C ILE A 43 -0.13 5.32 -3.99
N VAL A 44 -0.14 4.90 -2.73
CA VAL A 44 -1.39 4.69 -2.00
C VAL A 44 -1.36 5.34 -0.62
N GLY A 45 -2.56 5.57 -0.06
CA GLY A 45 -2.69 6.16 1.26
C GLY A 45 -4.13 6.08 1.75
N ASP A 46 -4.31 6.13 3.09
CA ASP A 46 -5.66 6.06 3.69
C ASP A 46 -5.58 6.09 5.22
N GLU A 47 -4.71 5.24 5.77
CA GLU A 47 -4.57 5.13 7.22
C GLU A 47 -4.14 6.46 7.83
N THR A 48 -3.14 7.11 7.24
CA THR A 48 -2.65 8.39 7.76
C THR A 48 -2.37 9.39 6.64
N GLY A 49 -1.68 8.94 5.59
CA GLY A 49 -1.33 9.83 4.47
C GLY A 49 -0.88 9.05 3.24
N ARG A 50 -0.11 9.73 2.39
CA ARG A 50 0.38 9.15 1.14
C ARG A 50 1.82 8.63 1.27
N VAL A 51 2.09 7.49 0.62
CA VAL A 51 3.41 6.86 0.66
C VAL A 51 3.65 6.06 -0.64
N LYS A 52 4.93 5.79 -0.96
CA LYS A 52 5.26 5.05 -2.17
C LYS A 52 5.08 3.55 -1.95
N LEU A 53 4.54 2.90 -2.96
CA LEU A 53 4.25 1.48 -2.91
C LEU A 53 4.57 0.81 -4.25
N THR A 54 5.61 -0.02 -4.29
CA THR A 54 6.00 -0.71 -5.52
C THR A 54 5.66 -2.19 -5.40
N LEU A 55 4.98 -2.74 -6.41
CA LEU A 55 4.60 -4.15 -6.40
C LEU A 55 5.40 -4.93 -7.45
N TRP A 56 5.66 -6.20 -7.14
CA TRP A 56 6.46 -7.06 -8.03
C TRP A 56 5.62 -8.21 -8.57
N GLY A 57 5.82 -8.50 -9.85
CA GLY A 57 5.12 -9.60 -10.53
C GLY A 57 3.72 -9.23 -10.97
N LYS A 58 2.83 -10.23 -10.92
CA LYS A 58 1.43 -10.05 -11.32
C LYS A 58 0.80 -8.95 -10.48
N HIS A 59 1.20 -8.90 -9.22
CA HIS A 59 0.71 -7.90 -8.29
C HIS A 59 1.05 -6.51 -8.83
N ALA A 60 2.24 -6.37 -9.43
CA ALA A 60 2.69 -5.11 -9.99
C ALA A 60 1.73 -4.63 -11.08
N GLY A 61 1.30 -5.56 -11.92
CA GLY A 61 0.38 -5.24 -13.02
C GLY A 61 -1.10 -5.31 -12.61
N SER A 62 -1.37 -5.70 -11.36
CA SER A 62 -2.75 -5.82 -10.88
C SER A 62 -3.28 -4.56 -10.19
N ILE A 63 -2.47 -3.49 -10.15
CA ILE A 63 -2.89 -2.24 -9.49
C ILE A 63 -3.68 -1.36 -10.46
N LYS A 64 -4.69 -0.68 -9.92
CA LYS A 64 -5.53 0.21 -10.72
C LYS A 64 -5.79 1.50 -9.95
N GLU A 65 -5.80 2.62 -10.67
CA GLU A 65 -6.04 3.94 -10.06
C GLU A 65 -7.51 4.12 -9.73
N GLY A 66 -7.77 4.69 -8.55
CA GLY A 66 -9.14 4.95 -8.09
C GLY A 66 -9.72 3.77 -7.30
N GLN A 67 -9.07 2.60 -7.41
CA GLN A 67 -9.52 1.40 -6.71
C GLN A 67 -8.84 1.32 -5.34
N VAL A 68 -9.47 0.62 -4.40
CA VAL A 68 -8.91 0.47 -3.04
C VAL A 68 -8.37 -0.94 -2.84
N VAL A 69 -7.17 -1.04 -2.26
CA VAL A 69 -6.53 -2.33 -2.03
C VAL A 69 -6.00 -2.44 -0.59
N LYS A 70 -6.17 -3.61 0.00
CA LYS A 70 -5.70 -3.87 1.36
C LYS A 70 -4.51 -4.83 1.33
N ILE A 71 -3.46 -4.51 2.09
CA ILE A 71 -2.26 -5.35 2.12
C ILE A 71 -2.02 -5.95 3.50
N GLU A 72 -1.47 -7.16 3.51
CA GLU A 72 -1.18 -7.88 4.75
C GLU A 72 0.21 -8.51 4.67
N ASN A 73 0.95 -8.47 5.77
CA ASN A 73 2.30 -9.04 5.83
C ASN A 73 3.18 -8.42 4.73
N ALA A 74 3.02 -7.12 4.51
CA ALA A 74 3.80 -6.41 3.49
C ALA A 74 5.22 -6.16 3.98
N TRP A 75 6.16 -6.18 3.03
CA TRP A 75 7.57 -5.93 3.33
C TRP A 75 7.96 -4.56 2.77
N THR A 76 8.52 -3.70 3.62
CA THR A 76 8.88 -2.33 3.18
C THR A 76 10.37 -2.06 3.34
N THR A 77 10.82 -1.03 2.61
CA THR A 77 12.22 -0.60 2.64
C THR A 77 12.31 0.89 2.31
N ALA A 78 13.36 1.56 2.79
CA ALA A 78 13.52 2.99 2.54
C ALA A 78 14.88 3.31 1.93
N PHE A 79 14.87 4.08 0.84
CA PHE A 79 16.10 4.49 0.17
C PHE A 79 16.11 5.99 -0.08
N LYS A 80 17.27 6.61 0.07
CA LYS A 80 17.43 8.06 -0.14
C LYS A 80 16.39 8.84 0.67
N GLY A 81 16.07 8.34 1.87
CA GLY A 81 15.11 9.02 2.75
C GLY A 81 13.69 8.95 2.18
N GLN A 82 13.41 7.92 1.38
CA GLN A 82 12.08 7.75 0.77
C GLN A 82 11.42 6.48 1.30
N VAL A 83 10.16 6.59 1.69
CA VAL A 83 9.42 5.45 2.23
C VAL A 83 8.71 4.71 1.08
N GLN A 84 9.10 3.44 0.87
CA GLN A 84 8.52 2.63 -0.19
C GLN A 84 8.12 1.25 0.33
N LEU A 85 7.15 0.63 -0.33
CA LEU A 85 6.67 -0.70 0.07
C LEU A 85 6.83 -1.71 -1.07
N ASN A 86 7.39 -2.89 -0.75
CA ASN A 86 7.60 -3.94 -1.76
C ASN A 86 6.80 -5.19 -1.44
N ALA A 87 6.30 -5.83 -2.50
CA ALA A 87 5.50 -7.05 -2.39
C ALA A 87 5.68 -7.88 -3.65
N GLY A 88 5.34 -9.17 -3.55
CA GLY A 88 5.47 -10.08 -4.70
C GLY A 88 6.02 -11.44 -4.28
N SER A 89 7.04 -11.43 -3.41
CA SER A 89 7.65 -12.67 -2.94
C SER A 89 6.66 -13.50 -2.12
N LYS A 90 5.87 -12.81 -1.29
CA LYS A 90 4.86 -13.47 -0.45
C LYS A 90 4.04 -12.43 0.32
N THR A 91 3.19 -11.70 -0.40
CA THR A 91 2.35 -10.67 0.21
C THR A 91 0.88 -10.94 -0.10
N LYS A 92 0.05 -10.92 0.95
CA LYS A 92 -1.39 -11.15 0.78
C LYS A 92 -2.08 -9.84 0.45
N ILE A 93 -2.72 -9.80 -0.71
CA ILE A 93 -3.41 -8.59 -1.18
C ILE A 93 -4.90 -8.88 -1.39
N ALA A 94 -5.75 -8.09 -0.74
CA ALA A 94 -7.20 -8.24 -0.88
C ALA A 94 -7.84 -6.88 -1.09
N GLU A 95 -8.58 -6.75 -2.19
CA GLU A 95 -9.25 -5.48 -2.51
C GLU A 95 -10.65 -5.44 -1.90
N ALA A 96 -10.87 -4.46 -1.01
CA ALA A 96 -12.17 -4.32 -0.35
C ALA A 96 -12.40 -2.86 0.07
N SER A 97 -13.68 -2.49 0.17
CA SER A 97 -14.06 -1.13 0.58
C SER A 97 -14.09 -1.04 2.11
N GLU A 98 -14.24 0.18 2.62
CA GLU A 98 -14.26 0.40 4.08
C GLU A 98 -15.41 -0.39 4.71
N ASP A 99 -15.14 -0.98 5.88
CA ASP A 99 -16.14 -1.78 6.59
C ASP A 99 -17.08 -0.90 7.41
N GLY A 100 -18.35 -0.86 6.99
CA GLY A 100 -19.38 -0.07 7.69
C GLY A 100 -19.34 1.41 7.30
N PHE A 101 -18.17 1.90 6.88
CA PHE A 101 -18.04 3.30 6.47
C PHE A 101 -18.26 3.41 4.96
N PRO A 102 -18.69 4.56 4.43
CA PRO A 102 -18.95 4.71 2.96
C PRO A 102 -17.77 4.26 2.13
N GLU A 103 -16.58 4.72 2.53
CA GLU A 103 -15.31 4.38 1.87
C GLU A 103 -14.20 5.32 2.34
N SER A 104 -12.98 5.02 1.93
CA SER A 104 -11.81 5.81 2.28
C SER A 104 -11.77 7.16 1.54
N SER A 105 -12.64 7.33 0.53
CA SER A 105 -12.68 8.55 -0.26
C SER A 105 -12.85 9.79 0.61
N GLN A 106 -13.63 9.68 1.70
CA GLN A 106 -13.84 10.82 2.59
C GLN A 106 -12.59 11.07 3.42
N ILE A 107 -11.77 10.04 3.60
CA ILE A 107 -10.52 10.16 4.36
C ILE A 107 -9.38 10.64 3.43
N PRO A 108 -8.74 11.79 3.68
CA PRO A 108 -7.63 12.30 2.81
C PRO A 108 -6.49 11.31 2.66
N GLU A 109 -6.14 10.99 1.42
CA GLU A 109 -5.05 10.06 1.11
C GLU A 109 -3.75 10.77 0.69
N ASN A 110 -3.77 12.11 0.67
CA ASN A 110 -2.59 12.88 0.24
C ASN A 110 -1.75 13.38 1.42
N THR A 111 -2.33 14.26 2.23
CA THR A 111 -1.63 14.82 3.38
C THR A 111 -2.02 14.08 4.66
N PRO A 112 -1.27 14.21 5.75
CA PRO A 112 -1.60 13.51 7.03
C PRO A 112 -3.02 13.82 7.47
N THR A 113 -3.73 12.79 7.93
CA THR A 113 -5.12 12.95 8.37
C THR A 113 -5.38 12.22 9.69
N ALA A 114 -6.60 12.40 10.22
CA ALA A 114 -6.98 11.79 11.48
C ALA A 114 -6.83 10.27 11.41
N GLU A 115 -6.50 9.66 12.54
CA GLU A 115 -6.31 8.21 12.61
C GLU A 115 -7.62 7.48 12.33
N ASN A 116 -7.54 6.51 11.42
CA ASN A 116 -8.70 5.70 11.06
C ASN A 116 -8.30 4.23 10.98
N LEU A 117 -9.06 3.38 11.67
CA LEU A 117 -8.77 1.94 11.68
C LEU A 117 -9.96 1.14 12.22
N TYR A 118 -9.83 -0.19 12.15
CA TYR A 118 -10.88 -1.12 12.62
C TYR A 118 -12.10 -1.07 11.71
N PHE A 119 -12.79 0.07 11.68
CA PHE A 119 -13.98 0.23 10.85
C PHE A 119 -15.03 -0.83 11.24
N GLN A 120 -15.10 -1.12 12.54
CA GLN A 120 -16.04 -2.12 13.07
C GLN A 120 -15.93 -3.45 12.30
N SER A 121 -14.71 -3.82 11.94
CA SER A 121 -14.46 -5.06 11.21
C SER A 121 -14.64 -6.26 12.14
N GLY A 122 -15.06 -7.38 11.56
CA GLY A 122 -15.28 -8.61 12.33
C GLY A 122 -15.49 -9.80 11.40
N SER A 123 -15.63 -10.99 11.99
CA SER A 123 -15.84 -12.21 11.23
C SER A 123 -17.17 -12.17 10.50
N HIS A 124 -17.21 -12.77 9.30
CA HIS A 124 -18.43 -12.81 8.49
C HIS A 124 -18.42 -14.00 7.55
N MET A 1 0.97 -4.86 13.86
CA MET A 1 -0.47 -5.04 13.48
C MET A 1 -1.17 -3.68 13.48
N GLU A 2 -1.98 -3.43 12.45
CA GLU A 2 -2.71 -2.17 12.34
C GLU A 2 -1.74 -0.98 12.43
N GLU A 3 -0.82 -0.92 11.48
CA GLU A 3 0.18 0.16 11.43
C GLU A 3 -0.28 1.26 10.49
N LYS A 4 -0.01 2.51 10.87
CA LYS A 4 -0.40 3.66 10.05
C LYS A 4 0.41 3.67 8.77
N VAL A 5 -0.28 3.76 7.63
CA VAL A 5 0.37 3.77 6.32
C VAL A 5 1.22 5.04 6.17
N GLY A 6 0.62 6.18 6.52
CA GLY A 6 1.30 7.48 6.41
C GLY A 6 2.54 7.56 7.30
N ASN A 7 2.44 7.00 8.51
CA ASN A 7 3.54 7.03 9.47
C ASN A 7 4.21 5.67 9.64
N LEU A 8 4.01 4.76 8.68
CA LEU A 8 4.61 3.42 8.77
C LEU A 8 6.12 3.53 8.90
N LYS A 9 6.78 2.38 9.01
CA LYS A 9 8.24 2.35 9.15
C LYS A 9 8.85 1.55 7.97
N PRO A 10 9.84 2.08 7.24
CA PRO A 10 10.47 1.34 6.10
C PRO A 10 11.29 0.16 6.59
N ASN A 11 11.62 -0.76 5.68
CA ASN A 11 12.39 -1.96 6.03
C ASN A 11 11.66 -2.76 7.11
N MET A 12 10.33 -2.88 6.93
CA MET A 12 9.49 -3.62 7.86
C MET A 12 9.17 -4.99 7.28
N GLU A 13 9.43 -6.03 8.07
CA GLU A 13 9.19 -7.41 7.63
C GLU A 13 7.71 -7.67 7.37
N SER A 14 6.83 -7.04 8.16
CA SER A 14 5.39 -7.22 8.01
C SER A 14 4.61 -5.97 8.37
N VAL A 15 3.53 -5.71 7.62
CA VAL A 15 2.66 -4.56 7.87
C VAL A 15 1.22 -4.89 7.44
N ASN A 16 0.25 -4.52 8.27
CA ASN A 16 -1.16 -4.78 7.97
C ASN A 16 -1.92 -3.48 7.75
N VAL A 17 -2.31 -3.22 6.49
CA VAL A 17 -3.04 -1.99 6.18
C VAL A 17 -3.99 -2.17 5.00
N THR A 18 -4.95 -1.24 4.91
CA THR A 18 -5.93 -1.24 3.82
C THR A 18 -5.94 0.17 3.21
N VAL A 19 -5.67 0.25 1.90
CA VAL A 19 -5.62 1.55 1.22
C VAL A 19 -6.34 1.55 -0.11
N ARG A 20 -6.66 2.76 -0.58
CA ARG A 20 -7.33 2.95 -1.85
C ARG A 20 -6.31 3.34 -2.91
N VAL A 21 -6.42 2.74 -4.11
CA VAL A 21 -5.49 3.03 -5.18
C VAL A 21 -5.92 4.32 -5.88
N LEU A 22 -5.04 5.32 -5.84
CA LEU A 22 -5.32 6.62 -6.46
C LEU A 22 -4.44 6.84 -7.68
N GLU A 23 -3.17 6.42 -7.58
CA GLU A 23 -2.22 6.58 -8.68
C GLU A 23 -1.46 5.29 -8.93
N ALA A 24 -1.34 4.92 -10.21
CA ALA A 24 -0.64 3.70 -10.59
C ALA A 24 0.00 3.86 -11.97
N SER A 25 1.09 3.12 -12.20
CA SER A 25 1.80 3.18 -13.47
C SER A 25 1.89 1.79 -14.09
N GLU A 26 2.24 1.75 -15.37
CA GLU A 26 2.39 0.48 -16.08
C GLU A 26 3.65 -0.21 -15.60
N ALA A 27 3.57 -1.54 -15.45
CA ALA A 27 4.71 -2.31 -14.98
C ALA A 27 5.91 -2.12 -15.90
N ARG A 28 7.07 -2.00 -15.29
CA ARG A 28 8.32 -1.81 -16.01
C ARG A 28 9.40 -2.70 -15.41
N GLN A 29 10.27 -3.20 -16.27
CA GLN A 29 11.37 -4.08 -15.85
C GLN A 29 12.53 -3.27 -15.27
N ILE A 30 13.17 -3.81 -14.21
CA ILE A 30 14.31 -3.12 -13.58
C ILE A 30 15.44 -4.12 -13.40
N GLN A 31 16.59 -3.81 -14.00
CA GLN A 31 17.75 -4.70 -13.91
C GLN A 31 18.47 -4.49 -12.59
N THR A 32 19.05 -5.58 -12.10
CA THR A 32 19.78 -5.58 -10.85
C THR A 32 20.94 -6.56 -10.96
N LYS A 33 21.85 -6.53 -9.99
CA LYS A 33 22.99 -7.43 -10.00
C LYS A 33 22.50 -8.89 -10.04
N ASN A 34 21.40 -9.15 -9.31
CA ASN A 34 20.83 -10.48 -9.25
C ASN A 34 19.89 -10.78 -10.44
N GLY A 35 19.66 -9.79 -11.34
CA GLY A 35 18.78 -10.02 -12.49
C GLY A 35 17.77 -8.90 -12.65
N VAL A 36 16.83 -9.09 -13.57
CA VAL A 36 15.79 -8.08 -13.83
C VAL A 36 14.43 -8.55 -13.31
N ARG A 37 13.62 -7.58 -12.86
CA ARG A 37 12.30 -7.87 -12.32
C ARG A 37 11.26 -6.92 -12.91
N THR A 38 10.08 -7.46 -13.19
CA THR A 38 9.00 -6.64 -13.72
C THR A 38 8.23 -6.06 -12.55
N ILE A 39 8.37 -4.75 -12.34
CA ILE A 39 7.70 -4.09 -11.21
C ILE A 39 6.99 -2.81 -11.67
N SER A 40 5.89 -2.48 -10.98
CA SER A 40 5.11 -1.29 -11.29
C SER A 40 5.14 -0.32 -10.12
N GLU A 41 5.14 0.96 -10.46
CA GLU A 41 5.18 2.03 -9.46
C GLU A 41 3.79 2.63 -9.28
N ALA A 42 3.34 2.72 -8.03
CA ALA A 42 2.02 3.27 -7.72
C ALA A 42 2.02 3.90 -6.34
N ILE A 43 1.06 4.80 -6.09
CA ILE A 43 0.95 5.46 -4.79
C ILE A 43 -0.44 5.18 -4.23
N VAL A 44 -0.48 4.62 -3.03
CA VAL A 44 -1.75 4.28 -2.39
C VAL A 44 -1.78 4.74 -0.93
N GLY A 45 -2.98 4.90 -0.39
CA GLY A 45 -3.13 5.32 1.00
C GLY A 45 -4.59 5.48 1.41
N ASP A 46 -4.83 5.48 2.72
CA ASP A 46 -6.18 5.64 3.27
C ASP A 46 -6.15 5.64 4.79
N GLU A 47 -5.25 4.84 5.38
CA GLU A 47 -5.15 4.74 6.83
C GLU A 47 -4.80 6.09 7.44
N THR A 48 -3.81 6.78 6.87
CA THR A 48 -3.43 8.11 7.37
C THR A 48 -2.89 9.00 6.25
N GLY A 49 -1.99 8.45 5.41
CA GLY A 49 -1.39 9.22 4.32
C GLY A 49 -1.01 8.31 3.16
N ARG A 50 -0.51 8.94 2.08
CA ARG A 50 -0.11 8.19 0.88
C ARG A 50 1.41 7.97 0.83
N VAL A 51 1.79 6.76 0.42
CA VAL A 51 3.19 6.36 0.30
C VAL A 51 3.40 5.56 -0.98
N LYS A 52 4.67 5.41 -1.40
CA LYS A 52 4.96 4.65 -2.61
C LYS A 52 4.69 3.18 -2.38
N LEU A 53 4.15 2.53 -3.41
CA LEU A 53 3.85 1.13 -3.35
C LEU A 53 4.13 0.50 -4.72
N THR A 54 5.07 -0.44 -4.74
CA THR A 54 5.43 -1.13 -5.98
C THR A 54 5.24 -2.62 -5.80
N LEU A 55 4.75 -3.29 -6.84
CA LEU A 55 4.52 -4.74 -6.78
C LEU A 55 5.32 -5.46 -7.87
N TRP A 56 5.61 -6.75 -7.62
CA TRP A 56 6.40 -7.54 -8.58
C TRP A 56 5.53 -8.50 -9.40
N GLY A 57 5.99 -8.73 -10.64
CA GLY A 57 5.34 -9.66 -11.57
C GLY A 57 3.92 -9.29 -11.97
N LYS A 58 3.06 -10.31 -12.06
CA LYS A 58 1.67 -10.12 -12.45
C LYS A 58 1.00 -9.16 -11.49
N HIS A 59 1.35 -9.25 -10.22
CA HIS A 59 0.81 -8.35 -9.21
C HIS A 59 1.19 -6.92 -9.55
N ALA A 60 2.39 -6.75 -10.13
CA ALA A 60 2.87 -5.43 -10.54
C ALA A 60 1.91 -4.83 -11.55
N GLY A 61 1.48 -5.65 -12.50
CA GLY A 61 0.53 -5.20 -13.54
C GLY A 61 -0.94 -5.40 -13.10
N SER A 62 -1.15 -5.98 -11.91
CA SER A 62 -2.49 -6.25 -11.39
C SER A 62 -3.07 -5.06 -10.62
N ILE A 63 -2.45 -3.87 -10.74
CA ILE A 63 -2.92 -2.68 -10.03
C ILE A 63 -3.71 -1.78 -10.97
N LYS A 64 -4.67 -1.04 -10.41
CA LYS A 64 -5.49 -0.15 -11.20
C LYS A 64 -6.01 1.01 -10.34
N GLU A 65 -5.97 2.21 -10.90
CA GLU A 65 -6.44 3.40 -10.19
C GLU A 65 -7.94 3.33 -9.94
N GLY A 66 -8.35 3.78 -8.75
CA GLY A 66 -9.77 3.80 -8.36
C GLY A 66 -10.18 2.49 -7.66
N GLN A 67 -9.33 1.47 -7.75
CA GLN A 67 -9.62 0.18 -7.12
C GLN A 67 -9.05 0.13 -5.71
N VAL A 68 -9.90 -0.22 -4.73
CA VAL A 68 -9.47 -0.31 -3.34
C VAL A 68 -8.69 -1.60 -3.13
N VAL A 69 -7.48 -1.50 -2.56
CA VAL A 69 -6.64 -2.68 -2.33
C VAL A 69 -6.18 -2.78 -0.88
N LYS A 70 -6.23 -4.00 -0.35
CA LYS A 70 -5.82 -4.29 1.02
C LYS A 70 -4.60 -5.21 1.00
N ILE A 71 -3.60 -4.91 1.82
CA ILE A 71 -2.37 -5.70 1.88
C ILE A 71 -2.13 -6.29 3.27
N GLU A 72 -1.54 -7.49 3.27
CA GLU A 72 -1.23 -8.19 4.51
C GLU A 72 0.19 -8.75 4.46
N ASN A 73 0.92 -8.63 5.57
CA ASN A 73 2.31 -9.11 5.66
C ASN A 73 3.15 -8.48 4.55
N ALA A 74 2.92 -7.19 4.30
CA ALA A 74 3.65 -6.47 3.28
C ALA A 74 5.08 -6.17 3.74
N TRP A 75 6.00 -6.12 2.79
CA TRP A 75 7.40 -5.82 3.06
C TRP A 75 7.77 -4.50 2.41
N THR A 76 8.31 -3.56 3.20
CA THR A 76 8.66 -2.22 2.67
C THR A 76 10.16 -1.95 2.80
N THR A 77 10.63 -0.93 2.07
CA THR A 77 12.03 -0.53 2.09
C THR A 77 12.17 0.96 1.80
N ALA A 78 13.30 1.55 2.19
CA ALA A 78 13.54 2.98 1.97
C ALA A 78 14.83 3.21 1.17
N PHE A 79 14.69 3.86 0.00
CA PHE A 79 15.83 4.18 -0.85
C PHE A 79 15.80 5.64 -1.28
N LYS A 80 16.98 6.25 -1.35
CA LYS A 80 17.11 7.65 -1.76
C LYS A 80 16.22 8.57 -0.90
N GLY A 81 16.08 8.21 0.38
CA GLY A 81 15.28 9.01 1.31
C GLY A 81 13.79 8.97 0.97
N GLN A 82 13.35 7.89 0.32
CA GLN A 82 11.94 7.73 -0.05
C GLN A 82 11.40 6.42 0.50
N VAL A 83 10.14 6.45 0.96
CA VAL A 83 9.50 5.26 1.52
C VAL A 83 8.60 4.59 0.49
N GLN A 84 8.80 3.29 0.29
CA GLN A 84 8.01 2.52 -0.66
C GLN A 84 7.66 1.13 -0.12
N LEU A 85 6.74 0.45 -0.82
CA LEU A 85 6.28 -0.88 -0.40
C LEU A 85 6.49 -1.91 -1.52
N ASN A 86 7.11 -3.03 -1.19
CA ASN A 86 7.36 -4.10 -2.17
C ASN A 86 6.61 -5.36 -1.77
N ALA A 87 5.96 -5.97 -2.75
CA ALA A 87 5.19 -7.19 -2.52
C ALA A 87 5.14 -8.07 -3.77
N GLY A 88 5.00 -9.37 -3.54
CA GLY A 88 4.93 -10.35 -4.63
C GLY A 88 3.76 -11.30 -4.40
N SER A 89 3.83 -12.47 -5.01
CA SER A 89 2.77 -13.48 -4.86
C SER A 89 2.68 -13.97 -3.41
N LYS A 90 3.78 -13.84 -2.66
CA LYS A 90 3.83 -14.28 -1.26
C LYS A 90 2.84 -13.48 -0.41
N THR A 91 2.71 -12.19 -0.69
CA THR A 91 1.81 -11.33 0.07
C THR A 91 0.36 -11.54 -0.34
N LYS A 92 -0.55 -11.31 0.60
CA LYS A 92 -1.98 -11.49 0.36
C LYS A 92 -2.61 -10.14 0.00
N ILE A 93 -3.33 -10.10 -1.11
CA ILE A 93 -3.99 -8.89 -1.57
C ILE A 93 -5.48 -9.15 -1.82
N ALA A 94 -6.33 -8.29 -1.25
CA ALA A 94 -7.78 -8.40 -1.41
C ALA A 94 -8.42 -7.02 -1.40
N GLU A 95 -9.54 -6.86 -2.09
CA GLU A 95 -10.23 -5.56 -2.16
C GLU A 95 -11.21 -5.41 -0.99
N ALA A 96 -10.92 -4.46 -0.10
CA ALA A 96 -11.78 -4.20 1.06
C ALA A 96 -11.65 -2.77 1.55
N SER A 97 -12.75 -2.22 2.09
CA SER A 97 -12.75 -0.86 2.62
C SER A 97 -12.70 -0.91 4.16
N GLU A 98 -12.67 0.26 4.80
CA GLU A 98 -12.63 0.32 6.25
C GLU A 98 -13.85 -0.36 6.84
N ASP A 99 -13.68 -1.00 8.00
CA ASP A 99 -14.78 -1.71 8.64
C ASP A 99 -15.69 -0.77 9.42
N GLY A 100 -16.92 -0.61 8.93
CA GLY A 100 -17.93 0.24 9.55
C GLY A 100 -17.69 1.74 9.26
N PHE A 101 -16.43 2.12 9.04
CA PHE A 101 -16.08 3.51 8.73
C PHE A 101 -16.00 3.72 7.22
N PRO A 102 -16.32 4.92 6.69
CA PRO A 102 -16.22 5.19 5.24
C PRO A 102 -14.77 5.43 4.81
N GLU A 103 -14.28 6.66 5.00
CA GLU A 103 -12.92 7.06 4.67
C GLU A 103 -12.61 6.99 3.17
N SER A 104 -13.50 6.40 2.36
CA SER A 104 -13.27 6.30 0.92
C SER A 104 -13.18 7.69 0.29
N SER A 105 -14.09 8.59 0.68
CA SER A 105 -14.09 9.96 0.15
C SER A 105 -13.23 10.91 0.99
N GLN A 106 -12.86 10.48 2.21
CA GLN A 106 -12.04 11.29 3.10
C GLN A 106 -10.56 10.88 3.04
N ILE A 107 -10.21 10.00 2.08
CA ILE A 107 -8.82 9.53 1.96
C ILE A 107 -7.84 10.71 1.78
N PRO A 108 -6.59 10.60 2.27
CA PRO A 108 -5.56 11.68 2.13
C PRO A 108 -4.97 11.71 0.73
N GLU A 109 -4.27 12.80 0.41
CA GLU A 109 -3.65 12.94 -0.91
C GLU A 109 -2.16 12.65 -0.88
N ASN A 110 -1.47 13.09 0.18
CA ASN A 110 -0.02 12.87 0.29
C ASN A 110 0.51 13.26 1.67
N THR A 111 -0.36 13.26 2.68
CA THR A 111 0.05 13.63 4.03
C THR A 111 -0.67 12.77 5.08
N PRO A 112 -0.04 12.41 6.20
CA PRO A 112 -0.69 11.57 7.25
C PRO A 112 -1.82 12.32 7.95
N THR A 113 -2.87 11.58 8.28
CA THR A 113 -4.03 12.17 8.96
C THR A 113 -4.38 11.38 10.22
N ALA A 114 -5.18 12.01 11.10
CA ALA A 114 -5.59 11.39 12.35
C ALA A 114 -6.40 10.12 12.08
N GLU A 115 -6.25 9.14 12.97
CA GLU A 115 -6.96 7.86 12.83
C GLU A 115 -8.48 8.08 12.83
N ASN A 116 -9.19 7.12 12.24
CA ASN A 116 -10.66 7.19 12.16
C ASN A 116 -11.29 6.09 13.01
N LEU A 117 -10.66 5.79 14.15
CA LEU A 117 -11.15 4.76 15.07
C LEU A 117 -11.20 3.39 14.38
N TYR A 118 -11.61 2.37 15.13
CA TYR A 118 -11.71 1.01 14.60
C TYR A 118 -13.12 0.47 14.81
N PHE A 119 -13.51 -0.51 13.97
CA PHE A 119 -14.84 -1.10 14.06
C PHE A 119 -15.02 -1.72 15.45
N GLN A 120 -14.00 -2.44 15.91
CA GLN A 120 -14.04 -3.08 17.23
C GLN A 120 -12.79 -2.70 18.03
N SER A 121 -12.95 -2.62 19.35
CA SER A 121 -11.84 -2.28 20.24
C SER A 121 -11.71 -3.31 21.36
N GLY A 122 -10.47 -3.52 21.81
CA GLY A 122 -10.20 -4.48 22.88
C GLY A 122 -8.73 -4.45 23.30
N SER A 123 -8.41 -5.23 24.33
CA SER A 123 -7.03 -5.29 24.84
C SER A 123 -6.76 -6.65 25.47
N HIS A 124 -5.52 -7.12 25.33
CA HIS A 124 -5.12 -8.41 25.89
C HIS A 124 -6.02 -9.53 25.36
#